data_7EDL
# 
_entry.id   7EDL 
# 
_audit_conform.dict_name       mmcif_pdbx.dic 
_audit_conform.dict_version    5.380 
_audit_conform.dict_location   http://mmcif.pdb.org/dictionaries/ascii/mmcif_pdbx.dic 
# 
loop_
_database_2.database_id 
_database_2.database_code 
_database_2.pdbx_database_accession 
_database_2.pdbx_DOI 
PDB   7EDL         pdb_00007edl 10.2210/pdb7edl/pdb 
WWPDB D_1300021223 ?            ?                   
# 
_pdbx_database_status.status_code                     REL 
_pdbx_database_status.status_code_sf                  REL 
_pdbx_database_status.status_code_mr                  ? 
_pdbx_database_status.entry_id                        7EDL 
_pdbx_database_status.recvd_initial_deposition_date   2021-03-16 
_pdbx_database_status.SG_entry                        N 
_pdbx_database_status.deposit_site                    PDBJ 
_pdbx_database_status.process_site                    PDBJ 
_pdbx_database_status.status_code_cs                  ? 
_pdbx_database_status.status_code_nmr_data            ? 
_pdbx_database_status.methods_development_category    ? 
_pdbx_database_status.pdb_format_compatible           Y 
# 
loop_
_audit_author.name 
_audit_author.pdbx_ordinal 
_audit_author.identifier_ORCID 
'Kondo, J.'  1 0000-0002-5682-3685 
'Suzuki, C.' 2 ?                   
# 
_citation.abstract                  ? 
_citation.abstract_id_CAS           ? 
_citation.book_id_ISBN              ? 
_citation.book_publisher            ? 
_citation.book_publisher_city       ? 
_citation.book_title                ? 
_citation.coordinate_linkage        ? 
_citation.country                   ? 
_citation.database_id_Medline       ? 
_citation.details                   ? 
_citation.id                        primary 
_citation.journal_abbrev            'To Be Published' 
_citation.journal_id_ASTM           ? 
_citation.journal_id_CSD            0353 
_citation.journal_id_ISSN           ? 
_citation.journal_full              ? 
_citation.journal_issue             ? 
_citation.journal_volume            ? 
_citation.language                  ? 
_citation.page_first                ? 
_citation.page_last                 ? 
_citation.title                     'Crystal structure of the prokaryotic ribosomal decoding site in complex with G418 and Hg(II)' 
_citation.year                      ? 
_citation.database_id_CSD           ? 
_citation.pdbx_database_id_DOI      ? 
_citation.pdbx_database_id_PubMed   ? 
_citation.pdbx_database_id_patent   ? 
_citation.unpublished_flag          ? 
# 
loop_
_citation_author.citation_id 
_citation_author.name 
_citation_author.ordinal 
_citation_author.identifier_ORCID 
primary 'Kondo, J.'  1 0000-0002-5682-3685 
primary 'Suzuki, C.' 2 ?                   
# 
_cell.angle_alpha                  90.000 
_cell.angle_alpha_esd              ? 
_cell.angle_beta                   90.000 
_cell.angle_beta_esd               ? 
_cell.angle_gamma                  90.000 
_cell.angle_gamma_esd              ? 
_cell.entry_id                     7EDL 
_cell.details                      ? 
_cell.formula_units_Z              ? 
_cell.length_a                     31.640 
_cell.length_a_esd                 ? 
_cell.length_b                     97.301 
_cell.length_b_esd                 ? 
_cell.length_c                     47.060 
_cell.length_c_esd                 ? 
_cell.volume                       ? 
_cell.volume_esd                   ? 
_cell.Z_PDB                        8 
_cell.reciprocal_angle_alpha       ? 
_cell.reciprocal_angle_beta        ? 
_cell.reciprocal_angle_gamma       ? 
_cell.reciprocal_angle_alpha_esd   ? 
_cell.reciprocal_angle_beta_esd    ? 
_cell.reciprocal_angle_gamma_esd   ? 
_cell.reciprocal_length_a          ? 
_cell.reciprocal_length_b          ? 
_cell.reciprocal_length_c          ? 
_cell.reciprocal_length_a_esd      ? 
_cell.reciprocal_length_b_esd      ? 
_cell.reciprocal_length_c_esd      ? 
_cell.pdbx_unique_axis             ? 
# 
_symmetry.entry_id                         7EDL 
_symmetry.cell_setting                     ? 
_symmetry.Int_Tables_number                18 
_symmetry.space_group_name_Hall            ? 
_symmetry.space_group_name_H-M             'P 21 21 2' 
_symmetry.pdbx_full_space_group_name_H-M   ? 
# 
loop_
_entity.id 
_entity.type 
_entity.src_method 
_entity.pdbx_description 
_entity.formula_weight 
_entity.pdbx_number_of_molecules 
_entity.pdbx_ec 
_entity.pdbx_mutation 
_entity.pdbx_fragment 
_entity.details 
1 polymer     syn 
;RNA (5'-R(P*UP*GP*CP*GP*UP*CP*AP*CP*GP*CP*CP*GP*GP*CP*GP*AP*AP*GP*UP*CP*GP*C)-3')
;
7370.424 2  ? ? ? ? 
2 non-polymer syn GENETICIN                                                                           496.552  2  ? ? ? ? 
3 non-polymer syn 'MERCURY (II) ION'                                                                  200.590  2  ? ? ? ? 
4 water       nat water                                                                               18.015   20 ? ? ? ? 
# 
_entity_poly.entity_id                      1 
_entity_poly.type                           polyribonucleotide 
_entity_poly.nstd_linkage                   no 
_entity_poly.nstd_monomer                   no 
_entity_poly.pdbx_seq_one_letter_code       UUGCGUCACGCCGGCGAAGUCGC 
_entity_poly.pdbx_seq_one_letter_code_can   UUGCGUCACGCCGGCGAAGUCGC 
_entity_poly.pdbx_strand_id                 A,B 
_entity_poly.pdbx_target_identifier         ? 
# 
loop_
_entity_poly_seq.entity_id 
_entity_poly_seq.num 
_entity_poly_seq.mon_id 
_entity_poly_seq.hetero 
1 1  U n 
1 2  U n 
1 3  G n 
1 4  C n 
1 5  G n 
1 6  U n 
1 7  C n 
1 8  A n 
1 9  C n 
1 10 G n 
1 11 C n 
1 12 C n 
1 13 G n 
1 14 G n 
1 15 C n 
1 16 G n 
1 17 A n 
1 18 A n 
1 19 G n 
1 20 U n 
1 21 C n 
1 22 G n 
1 23 C n 
# 
_pdbx_entity_src_syn.entity_id              1 
_pdbx_entity_src_syn.pdbx_src_id            1 
_pdbx_entity_src_syn.pdbx_alt_source_flag   sample 
_pdbx_entity_src_syn.pdbx_beg_seq_num       1 
_pdbx_entity_src_syn.pdbx_end_seq_num       23 
_pdbx_entity_src_syn.organism_scientific    'synthetic construct' 
_pdbx_entity_src_syn.organism_common_name   ? 
_pdbx_entity_src_syn.ncbi_taxonomy_id       32630 
_pdbx_entity_src_syn.details                ? 
# 
_struct_ref.id                         1 
_struct_ref.db_name                    PDB 
_struct_ref.db_code                    7EDL 
_struct_ref.pdbx_db_accession          7EDL 
_struct_ref.pdbx_db_isoform            ? 
_struct_ref.entity_id                  1 
_struct_ref.pdbx_seq_one_letter_code   ? 
_struct_ref.pdbx_align_begin           1 
# 
loop_
_struct_ref_seq.align_id 
_struct_ref_seq.ref_id 
_struct_ref_seq.pdbx_PDB_id_code 
_struct_ref_seq.pdbx_strand_id 
_struct_ref_seq.seq_align_beg 
_struct_ref_seq.pdbx_seq_align_beg_ins_code 
_struct_ref_seq.seq_align_end 
_struct_ref_seq.pdbx_seq_align_end_ins_code 
_struct_ref_seq.pdbx_db_accession 
_struct_ref_seq.db_align_beg 
_struct_ref_seq.pdbx_db_align_beg_ins_code 
_struct_ref_seq.db_align_end 
_struct_ref_seq.pdbx_db_align_end_ins_code 
_struct_ref_seq.pdbx_auth_seq_align_beg 
_struct_ref_seq.pdbx_auth_seq_align_end 
1 1 7EDL A 1 ? 23 ? 7EDL 1  ? 23 ? 1  23 
2 1 7EDL B 1 ? 23 ? 7EDL 24 ? 46 ? 24 46 
# 
loop_
_chem_comp.id 
_chem_comp.type 
_chem_comp.mon_nstd_flag 
_chem_comp.name 
_chem_comp.pdbx_synonyms 
_chem_comp.formula 
_chem_comp.formula_weight 
A   'RNA linking' y "ADENOSINE-5'-MONOPHOSPHATE" ?    'C10 H14 N5 O7 P' 347.221 
C   'RNA linking' y "CYTIDINE-5'-MONOPHOSPHATE"  ?    'C9 H14 N3 O8 P'  323.197 
G   'RNA linking' y "GUANOSINE-5'-MONOPHOSPHATE" ?    'C10 H14 N5 O8 P' 363.221 
GET non-polymer   . GENETICIN                    G418 'C20 H40 N4 O10'  496.552 
HG  non-polymer   . 'MERCURY (II) ION'           ?    'Hg 2'            200.590 
HOH non-polymer   . WATER                        ?    'H2 O'            18.015  
U   'RNA linking' y "URIDINE-5'-MONOPHOSPHATE"   ?    'C9 H13 N2 O9 P'  324.181 
# 
_exptl.absorpt_coefficient_mu     ? 
_exptl.absorpt_correction_T_max   ? 
_exptl.absorpt_correction_T_min   ? 
_exptl.absorpt_correction_type    ? 
_exptl.absorpt_process_details    ? 
_exptl.entry_id                   7EDL 
_exptl.crystals_number            1 
_exptl.details                    ? 
_exptl.method                     'X-RAY DIFFRACTION' 
_exptl.method_details             ? 
# 
_exptl_crystal.colour                      ? 
_exptl_crystal.density_diffrn              ? 
_exptl_crystal.density_Matthews            2.46 
_exptl_crystal.density_method              ? 
_exptl_crystal.density_percent_sol         49.94 
_exptl_crystal.description                 ? 
_exptl_crystal.F_000                       ? 
_exptl_crystal.id                          1 
_exptl_crystal.preparation                 ? 
_exptl_crystal.size_max                    ? 
_exptl_crystal.size_mid                    ? 
_exptl_crystal.size_min                    ? 
_exptl_crystal.size_rad                    ? 
_exptl_crystal.colour_lustre               ? 
_exptl_crystal.colour_modifier             ? 
_exptl_crystal.colour_primary              ? 
_exptl_crystal.density_meas                ? 
_exptl_crystal.density_meas_esd            ? 
_exptl_crystal.density_meas_gt             ? 
_exptl_crystal.density_meas_lt             ? 
_exptl_crystal.density_meas_temp           ? 
_exptl_crystal.density_meas_temp_esd       ? 
_exptl_crystal.density_meas_temp_gt        ? 
_exptl_crystal.density_meas_temp_lt        ? 
_exptl_crystal.pdbx_crystal_image_url      ? 
_exptl_crystal.pdbx_crystal_image_format   ? 
_exptl_crystal.pdbx_mosaicity              ? 
_exptl_crystal.pdbx_mosaicity_esd          ? 
# 
_exptl_crystal_grow.apparatus       ? 
_exptl_crystal_grow.atmosphere      ? 
_exptl_crystal_grow.crystal_id      1 
_exptl_crystal_grow.details         ? 
_exptl_crystal_grow.method          'VAPOR DIFFUSION, HANGING DROP' 
_exptl_crystal_grow.method_ref      ? 
_exptl_crystal_grow.pH              ? 
_exptl_crystal_grow.pressure        ? 
_exptl_crystal_grow.pressure_esd    ? 
_exptl_crystal_grow.seeding         ? 
_exptl_crystal_grow.seeding_ref     ? 
_exptl_crystal_grow.temp            293 
_exptl_crystal_grow.temp_details    ? 
_exptl_crystal_grow.temp_esd        ? 
_exptl_crystal_grow.time            ? 
_exptl_crystal_grow.pdbx_details    
'sodium cacodylate, MPD, sodium chloride, spermine tetrahydrochloride, G418, mercury(II) perchlorate' 
_exptl_crystal_grow.pdbx_pH_range   ? 
# 
_diffrn.ambient_environment              ? 
_diffrn.ambient_temp                     100 
_diffrn.ambient_temp_details             ? 
_diffrn.ambient_temp_esd                 ? 
_diffrn.crystal_id                       1 
_diffrn.crystal_support                  ? 
_diffrn.crystal_treatment                ? 
_diffrn.details                          ? 
_diffrn.id                               1 
_diffrn.ambient_pressure                 ? 
_diffrn.ambient_pressure_esd             ? 
_diffrn.ambient_pressure_gt              ? 
_diffrn.ambient_pressure_lt              ? 
_diffrn.ambient_temp_gt                  ? 
_diffrn.ambient_temp_lt                  ? 
_diffrn.pdbx_serial_crystal_experiment   N 
# 
_diffrn_detector.details                      ? 
_diffrn_detector.detector                     PIXEL 
_diffrn_detector.diffrn_id                    1 
_diffrn_detector.type                         'DECTRIS EIGER X 4M' 
_diffrn_detector.area_resol_mean              ? 
_diffrn_detector.dtime                        ? 
_diffrn_detector.pdbx_frames_total            ? 
_diffrn_detector.pdbx_collection_time_total   ? 
_diffrn_detector.pdbx_collection_date         2017-12-23 
_diffrn_detector.pdbx_frequency               ? 
# 
_diffrn_radiation.collimation                      ? 
_diffrn_radiation.diffrn_id                        1 
_diffrn_radiation.filter_edge                      ? 
_diffrn_radiation.inhomogeneity                    ? 
_diffrn_radiation.monochromator                    ? 
_diffrn_radiation.polarisn_norm                    ? 
_diffrn_radiation.polarisn_ratio                   ? 
_diffrn_radiation.probe                            ? 
_diffrn_radiation.type                             ? 
_diffrn_radiation.xray_symbol                      ? 
_diffrn_radiation.wavelength_id                    1 
_diffrn_radiation.pdbx_monochromatic_or_laue_m_l   M 
_diffrn_radiation.pdbx_wavelength_list             ? 
_diffrn_radiation.pdbx_wavelength                  ? 
_diffrn_radiation.pdbx_diffrn_protocol             'SINGLE WAVELENGTH' 
_diffrn_radiation.pdbx_analyzer                    ? 
_diffrn_radiation.pdbx_scattering_type             x-ray 
# 
_diffrn_radiation_wavelength.id           1 
_diffrn_radiation_wavelength.wavelength   1.1 
_diffrn_radiation_wavelength.wt           1.0 
# 
_diffrn_source.current                     ? 
_diffrn_source.details                     ? 
_diffrn_source.diffrn_id                   1 
_diffrn_source.power                       ? 
_diffrn_source.size                        ? 
_diffrn_source.source                      SYNCHROTRON 
_diffrn_source.target                      ? 
_diffrn_source.type                        'PHOTON FACTORY BEAMLINE BL-1A' 
_diffrn_source.voltage                     ? 
_diffrn_source.take-off_angle              ? 
_diffrn_source.pdbx_wavelength_list        1.1 
_diffrn_source.pdbx_wavelength             ? 
_diffrn_source.pdbx_synchrotron_beamline   BL-1A 
_diffrn_source.pdbx_synchrotron_site       'Photon Factory' 
# 
_reflns.B_iso_Wilson_estimate            50.008 
_reflns.entry_id                         7EDL 
_reflns.data_reduction_details           ? 
_reflns.data_reduction_method            ? 
_reflns.d_resolution_high                2.6000 
_reflns.d_resolution_low                 48.650 
_reflns.details                          ? 
_reflns.limit_h_max                      ? 
_reflns.limit_h_min                      ? 
_reflns.limit_k_max                      ? 
_reflns.limit_k_min                      ? 
_reflns.limit_l_max                      ? 
_reflns.limit_l_min                      ? 
_reflns.number_all                       ? 
_reflns.number_obs                       8525 
_reflns.observed_criterion               ? 
_reflns.observed_criterion_F_max         ? 
_reflns.observed_criterion_F_min         ? 
_reflns.observed_criterion_I_max         ? 
_reflns.observed_criterion_I_min         ? 
_reflns.observed_criterion_sigma_F       ? 
_reflns.observed_criterion_sigma_I       ? 
_reflns.percent_possible_obs             99.300 
_reflns.R_free_details                   ? 
_reflns.Rmerge_F_all                     ? 
_reflns.Rmerge_F_obs                     ? 
_reflns.Friedel_coverage                 ? 
_reflns.number_gt                        ? 
_reflns.threshold_expression             ? 
_reflns.pdbx_redundancy                  3.516 
_reflns.pdbx_Rmerge_I_obs                0.055 
_reflns.pdbx_Rmerge_I_all                ? 
_reflns.pdbx_Rsym_value                  ? 
_reflns.pdbx_netI_over_av_sigmaI         ? 
_reflns.pdbx_netI_over_sigmaI            15.160 
_reflns.pdbx_res_netI_over_av_sigmaI_2   ? 
_reflns.pdbx_res_netI_over_sigmaI_2      ? 
_reflns.pdbx_chi_squared                 1.040 
_reflns.pdbx_scaling_rejects             ? 
_reflns.pdbx_d_res_high_opt              ? 
_reflns.pdbx_d_res_low_opt               ? 
_reflns.pdbx_d_res_opt_method            ? 
_reflns.phase_calculation_details        ? 
_reflns.pdbx_Rrim_I_all                  0.065 
_reflns.pdbx_Rpim_I_all                  ? 
_reflns.pdbx_d_opt                       ? 
_reflns.pdbx_number_measured_all         ? 
_reflns.pdbx_diffrn_id                   1 
_reflns.pdbx_ordinal                     1 
_reflns.pdbx_CC_half                     0.998 
_reflns.pdbx_CC_star                     ? 
_reflns.pdbx_R_split                     ? 
# 
loop_
_reflns_shell.d_res_high 
_reflns_shell.d_res_low 
_reflns_shell.meanI_over_sigI_all 
_reflns_shell.meanI_over_sigI_obs 
_reflns_shell.number_measured_all 
_reflns_shell.number_measured_obs 
_reflns_shell.number_possible 
_reflns_shell.number_unique_all 
_reflns_shell.number_unique_obs 
_reflns_shell.percent_possible_all 
_reflns_shell.percent_possible_obs 
_reflns_shell.Rmerge_F_all 
_reflns_shell.Rmerge_F_obs 
_reflns_shell.Rmerge_I_all 
_reflns_shell.Rmerge_I_obs 
_reflns_shell.meanI_over_sigI_gt 
_reflns_shell.meanI_over_uI_all 
_reflns_shell.meanI_over_uI_gt 
_reflns_shell.number_measured_gt 
_reflns_shell.number_unique_gt 
_reflns_shell.percent_possible_gt 
_reflns_shell.Rmerge_F_gt 
_reflns_shell.Rmerge_I_gt 
_reflns_shell.pdbx_redundancy 
_reflns_shell.pdbx_Rsym_value 
_reflns_shell.pdbx_chi_squared 
_reflns_shell.pdbx_netI_over_sigmaI_all 
_reflns_shell.pdbx_netI_over_sigmaI_obs 
_reflns_shell.pdbx_Rrim_I_all 
_reflns_shell.pdbx_Rpim_I_all 
_reflns_shell.pdbx_rejects 
_reflns_shell.pdbx_ordinal 
_reflns_shell.pdbx_diffrn_id 
_reflns_shell.pdbx_CC_half 
_reflns_shell.pdbx_CC_star 
_reflns_shell.pdbx_R_split 
2.610  2.670  ? 3.420  ? 2267 636 ? 631 99.200 ? ? ? ? 0.336 ? ? ? ? ? ? ? ? 3.593 ? ? ? ? 0.395 ? ? 1  1 0.908 ? ? 
2.670  2.750  ? 4.280  ? 2158 601 ? 597 99.300 ? ? ? ? 0.251 ? ? ? ? ? ? ? ? 3.615 ? ? ? ? 0.294 ? ? 2  1 0.946 ? ? 
2.750  2.830  ? 6.080  ? 2210 618 ? 613 99.200 ? ? ? ? 0.176 ? ? ? ? ? ? ? ? 3.605 ? ? ? ? 0.207 ? ? 3  1 0.977 ? ? 
2.830  2.910  ? 6.540  ? 2041 582 ? 580 99.700 ? ? ? ? 0.167 ? ? ? ? ? ? ? ? 3.519 ? ? ? ? 0.197 ? ? 4  1 0.969 ? ? 
2.910  3.010  ? 8.770  ? 1958 566 ? 563 99.500 ? ? ? ? 0.132 ? ? ? ? ? ? ? ? 3.478 ? ? ? ? 0.155 ? ? 5  1 0.977 ? ? 
3.010  3.110  ? 12.160 ? 1872 558 ? 557 99.800 ? ? ? ? 0.076 ? ? ? ? ? ? ? ? 3.361 ? ? ? ? 0.090 ? ? 6  1 0.995 ? ? 
3.110  3.230  ? 13.490 ? 1614 521 ? 515 98.800 ? ? ? ? 0.059 ? ? ? ? ? ? ? ? 3.134 ? ? ? ? 0.071 ? ? 7  1 0.997 ? ? 
3.230  3.360  ? 16.340 ? 1624 505 ? 502 99.400 ? ? ? ? 0.053 ? ? ? ? ? ? ? ? 3.235 ? ? ? ? 0.064 ? ? 8  1 0.997 ? ? 
3.360  3.510  ? 17.040 ? 1816 513 ? 512 99.800 ? ? ? ? 0.060 ? ? ? ? ? ? ? ? 3.547 ? ? ? ? 0.071 ? ? 9  1 0.995 ? ? 
3.510  3.680  ? 18.350 ? 1468 445 ? 441 99.100 ? ? ? ? 0.048 ? ? ? ? ? ? ? ? 3.329 ? ? ? ? 0.058 ? ? 10 1 0.997 ? ? 
3.680  3.880  ? 18.840 ? 1595 456 ? 452 99.100 ? ? ? ? 0.048 ? ? ? ? ? ? ? ? 3.529 ? ? ? ? 0.057 ? ? 11 1 0.998 ? ? 
3.880  4.120  ? 22.540 ? 1552 408 ? 405 99.300 ? ? ? ? 0.045 ? ? ? ? ? ? ? ? 3.832 ? ? ? ? 0.053 ? ? 12 1 0.997 ? ? 
4.120  4.400  ? 23.620 ? 1497 401 ? 398 99.300 ? ? ? ? 0.048 ? ? ? ? ? ? ? ? 3.761 ? ? ? ? 0.056 ? ? 13 1 0.997 ? ? 
4.400  4.760  ? 25.100 ? 1324 359 ? 358 99.700 ? ? ? ? 0.045 ? ? ? ? ? ? ? ? 3.698 ? ? ? ? 0.053 ? ? 14 1 0.997 ? ? 
4.760  5.210  ? 24.830 ? 1273 347 ? 346 99.700 ? ? ? ? 0.047 ? ? ? ? ? ? ? ? 3.679 ? ? ? ? 0.055 ? ? 15 1 0.997 ? ? 
5.210  5.830  ? 26.420 ? 1052 294 ? 290 98.600 ? ? ? ? 0.042 ? ? ? ? ? ? ? ? 3.628 ? ? ? ? 0.049 ? ? 16 1 0.997 ? ? 
5.830  6.730  ? 25.610 ? 961  274 ? 271 98.900 ? ? ? ? 0.041 ? ? ? ? ? ? ? ? 3.546 ? ? ? ? 0.047 ? ? 17 1 0.996 ? ? 
6.730  8.240  ? 28.110 ? 816  234 ? 229 97.900 ? ? ? ? 0.037 ? ? ? ? ? ? ? ? 3.563 ? ? ? ? 0.043 ? ? 18 1 0.998 ? ? 
8.240  11.650 ? 28.500 ? 581  173 ? 172 99.400 ? ? ? ? 0.037 ? ? ? ? ? ? ? ? 3.378 ? ? ? ? 0.043 ? ? 19 1 0.997 ? ? 
11.650 48.650 ? 29.540 ? 292  97  ? 93  95.900 ? ? ? ? 0.030 ? ? ? ? ? ? ? ? 3.140 ? ? ? ? 0.035 ? ? 20 1 0.998 ? ? 
# 
_refine.aniso_B[1][1]                            ? 
_refine.aniso_B[1][2]                            ? 
_refine.aniso_B[1][3]                            ? 
_refine.aniso_B[2][2]                            ? 
_refine.aniso_B[2][3]                            ? 
_refine.aniso_B[3][3]                            ? 
_refine.B_iso_max                                93.740 
_refine.B_iso_mean                               40.6951 
_refine.B_iso_min                                22.240 
_refine.correlation_coeff_Fo_to_Fc               ? 
_refine.correlation_coeff_Fo_to_Fc_free          ? 
_refine.details                                  'The SF file contains friedel pairs under F_plus and F_minus columns.' 
_refine.diff_density_max                         ? 
_refine.diff_density_max_esd                     ? 
_refine.diff_density_min                         ? 
_refine.diff_density_min_esd                     ? 
_refine.diff_density_rms                         ? 
_refine.diff_density_rms_esd                     ? 
_refine.entry_id                                 7EDL 
_refine.pdbx_refine_id                           'X-RAY DIFFRACTION' 
_refine.ls_abs_structure_details                 ? 
_refine.ls_abs_structure_Flack                   ? 
_refine.ls_abs_structure_Flack_esd               ? 
_refine.ls_abs_structure_Rogers                  ? 
_refine.ls_abs_structure_Rogers_esd              ? 
_refine.ls_d_res_high                            2.6000 
_refine.ls_d_res_low                             48.6500 
_refine.ls_extinction_coef                       ? 
_refine.ls_extinction_coef_esd                   ? 
_refine.ls_extinction_expression                 ? 
_refine.ls_extinction_method                     ? 
_refine.ls_goodness_of_fit_all                   ? 
_refine.ls_goodness_of_fit_all_esd               ? 
_refine.ls_goodness_of_fit_obs                   ? 
_refine.ls_goodness_of_fit_obs_esd               ? 
_refine.ls_hydrogen_treatment                    ? 
_refine.ls_matrix_type                           ? 
_refine.ls_number_constraints                    ? 
_refine.ls_number_parameters                     ? 
_refine.ls_number_reflns_all                     ? 
_refine.ls_number_reflns_obs                     8517 
_refine.ls_number_reflns_R_free                  851 
_refine.ls_number_reflns_R_work                  7666 
_refine.ls_number_restraints                     ? 
_refine.ls_percent_reflns_obs                    99.1300 
_refine.ls_percent_reflns_R_free                 9.9900 
_refine.ls_R_factor_all                          ? 
_refine.ls_R_factor_obs                          0.1899 
_refine.ls_R_factor_R_free                       0.2216 
_refine.ls_R_factor_R_free_error                 ? 
_refine.ls_R_factor_R_free_error_details         ? 
_refine.ls_R_factor_R_work                       0.1863 
_refine.ls_R_Fsqd_factor_obs                     ? 
_refine.ls_R_I_factor_obs                        ? 
_refine.ls_redundancy_reflns_all                 ? 
_refine.ls_redundancy_reflns_obs                 ? 
_refine.ls_restrained_S_all                      ? 
_refine.ls_restrained_S_obs                      ? 
_refine.ls_shift_over_esd_max                    ? 
_refine.ls_shift_over_esd_mean                   ? 
_refine.ls_structure_factor_coef                 ? 
_refine.ls_weighting_details                     ? 
_refine.ls_weighting_scheme                      ? 
_refine.ls_wR_factor_all                         ? 
_refine.ls_wR_factor_obs                         ? 
_refine.ls_wR_factor_R_free                      ? 
_refine.ls_wR_factor_R_work                      ? 
_refine.occupancy_max                            ? 
_refine.occupancy_min                            ? 
_refine.solvent_model_details                    'FLAT BULK SOLVENT MODEL' 
_refine.solvent_model_param_bsol                 ? 
_refine.solvent_model_param_ksol                 ? 
_refine.pdbx_R_complete                          ? 
_refine.ls_R_factor_gt                           ? 
_refine.ls_goodness_of_fit_gt                    ? 
_refine.ls_goodness_of_fit_ref                   ? 
_refine.ls_shift_over_su_max                     ? 
_refine.ls_shift_over_su_max_lt                  ? 
_refine.ls_shift_over_su_mean                    ? 
_refine.ls_shift_over_su_mean_lt                 ? 
_refine.pdbx_ls_sigma_I                          ? 
_refine.pdbx_ls_sigma_F                          1.380 
_refine.pdbx_ls_sigma_Fsqd                       ? 
_refine.pdbx_data_cutoff_high_absF               ? 
_refine.pdbx_data_cutoff_high_rms_absF           ? 
_refine.pdbx_data_cutoff_low_absF                ? 
_refine.pdbx_isotropic_thermal_model             ? 
_refine.pdbx_ls_cross_valid_method               THROUGHOUT 
_refine.pdbx_method_to_determine_struct          'MOLECULAR REPLACEMENT' 
_refine.pdbx_starting_model                      4k32 
_refine.pdbx_stereochemistry_target_values       ML 
_refine.pdbx_R_Free_selection_details            ? 
_refine.pdbx_stereochem_target_val_spec_case     ? 
_refine.pdbx_overall_ESU_R                       ? 
_refine.pdbx_overall_ESU_R_Free                  ? 
_refine.pdbx_solvent_vdw_probe_radii             1.1100 
_refine.pdbx_solvent_ion_probe_radii             ? 
_refine.pdbx_solvent_shrinkage_radii             0.9000 
_refine.pdbx_real_space_R                        ? 
_refine.pdbx_density_correlation                 ? 
_refine.pdbx_pd_number_of_powder_patterns        ? 
_refine.pdbx_pd_number_of_points                 ? 
_refine.pdbx_pd_meas_number_of_points            ? 
_refine.pdbx_pd_proc_ls_prof_R_factor            ? 
_refine.pdbx_pd_proc_ls_prof_wR_factor           ? 
_refine.pdbx_pd_Marquardt_correlation_coeff      ? 
_refine.pdbx_pd_Fsqrd_R_factor                   ? 
_refine.pdbx_pd_ls_matrix_band_width             ? 
_refine.pdbx_overall_phase_error                 24.6800 
_refine.pdbx_overall_SU_R_free_Cruickshank_DPI   ? 
_refine.pdbx_overall_SU_R_free_Blow_DPI          ? 
_refine.pdbx_overall_SU_R_Blow_DPI               ? 
_refine.pdbx_TLS_residual_ADP_flag               ? 
_refine.pdbx_diffrn_id                           1 
_refine.overall_SU_B                             ? 
_refine.overall_SU_ML                            0.4300 
_refine.overall_SU_R_Cruickshank_DPI             ? 
_refine.overall_SU_R_free                        ? 
_refine.overall_FOM_free_R_set                   ? 
_refine.overall_FOM_work_R_set                   ? 
_refine.pdbx_average_fsc_overall                 ? 
_refine.pdbx_average_fsc_work                    ? 
_refine.pdbx_average_fsc_free                    ? 
# 
_refine_hist.pdbx_refine_id                   'X-RAY DIFFRACTION' 
_refine_hist.cycle_id                         final 
_refine_hist.details                          ? 
_refine_hist.d_res_high                       2.6000 
_refine_hist.d_res_low                        48.6500 
_refine_hist.number_atoms_solvent             20 
_refine_hist.number_atoms_total               1010 
_refine_hist.number_reflns_all                ? 
_refine_hist.number_reflns_obs                ? 
_refine_hist.number_reflns_R_free             ? 
_refine_hist.number_reflns_R_work             ? 
_refine_hist.R_factor_all                     ? 
_refine_hist.R_factor_obs                     ? 
_refine_hist.R_factor_R_free                  ? 
_refine_hist.R_factor_R_work                  ? 
_refine_hist.pdbx_number_residues_total       43 
_refine_hist.pdbx_B_iso_mean_ligand           36.71 
_refine_hist.pdbx_B_iso_mean_solvent          37.13 
_refine_hist.pdbx_number_atoms_protein        0 
_refine_hist.pdbx_number_atoms_nucleic_acid   920 
_refine_hist.pdbx_number_atoms_ligand         70 
_refine_hist.pdbx_number_atoms_lipid          ? 
_refine_hist.pdbx_number_atoms_carb           ? 
_refine_hist.pdbx_pseudo_atom_details         ? 
# 
loop_
_refine_ls_shell.pdbx_refine_id 
_refine_ls_shell.d_res_high 
_refine_ls_shell.d_res_low 
_refine_ls_shell.number_reflns_all 
_refine_ls_shell.number_reflns_obs 
_refine_ls_shell.number_reflns_R_free 
_refine_ls_shell.number_reflns_R_work 
_refine_ls_shell.percent_reflns_obs 
_refine_ls_shell.percent_reflns_R_free 
_refine_ls_shell.R_factor_all 
_refine_ls_shell.R_factor_obs 
_refine_ls_shell.R_factor_R_free 
_refine_ls_shell.R_factor_R_free_error 
_refine_ls_shell.R_factor_R_work 
_refine_ls_shell.redundancy_reflns_all 
_refine_ls_shell.redundancy_reflns_obs 
_refine_ls_shell.wR_factor_all 
_refine_ls_shell.wR_factor_obs 
_refine_ls_shell.wR_factor_R_free 
_refine_ls_shell.wR_factor_R_work 
_refine_ls_shell.pdbx_R_complete 
_refine_ls_shell.pdbx_total_number_of_bins_used 
_refine_ls_shell.pdbx_phase_error 
_refine_ls_shell.pdbx_fsc_work 
_refine_ls_shell.pdbx_fsc_free 
'X-RAY DIFFRACTION' 2.6000 2.7700  . . 140 1278 99.0000 . . . 0.4394 0.0000 0.3513 . . . . . . . . . . . 
'X-RAY DIFFRACTION' 2.7700 2.9800  . . 140 1271 99.0000 . . . 0.3063 0.0000 0.2749 . . . . . . . . . . . 
'X-RAY DIFFRACTION' 2.9800 3.2800  . . 148 1273 99.0000 . . . 0.2480 0.0000 0.2168 . . . . . . . . . . . 
'X-RAY DIFFRACTION' 3.2800 3.7600  . . 140 1288 99.0000 . . . 0.1746 0.0000 0.1673 . . . . . . . . . . . 
'X-RAY DIFFRACTION' 3.7600 4.7200  . . 141 1282 99.0000 . . . 0.1931 0.0000 0.1508 . . . . . . . . . . . 
'X-RAY DIFFRACTION' 4.7300 48.6500 . . 142 1274 99.0000 . . . 0.1919 0.0000 0.1500 . . . . . . . . . . . 
# 
_struct.entry_id                     7EDL 
_struct.title                        'Crystal structure of the bacterial ribosomal decoding site in complex with G418 and Hg(II)' 
_struct.pdbx_model_details           ? 
_struct.pdbx_formula_weight          ? 
_struct.pdbx_formula_weight_method   ? 
_struct.pdbx_model_type_details      ? 
_struct.pdbx_CASP_flag               N 
# 
_struct_keywords.entry_id        7EDL 
_struct_keywords.text            'Metal-mediated base pair, Mercury, Decoding site, Ribosomal RNA, RNA' 
_struct_keywords.pdbx_keywords   RNA 
# 
loop_
_struct_asym.id 
_struct_asym.pdbx_blank_PDB_chainid_flag 
_struct_asym.pdbx_modified 
_struct_asym.entity_id 
_struct_asym.details 
A N N 1 ? 
B N N 1 ? 
C N N 2 ? 
D N N 3 ? 
E N N 2 ? 
F N N 3 ? 
G N N 4 ? 
H N N 4 ? 
# 
loop_
_struct_conn.id 
_struct_conn.conn_type_id 
_struct_conn.pdbx_leaving_atom_flag 
_struct_conn.pdbx_PDB_id 
_struct_conn.ptnr1_label_asym_id 
_struct_conn.ptnr1_label_comp_id 
_struct_conn.ptnr1_label_seq_id 
_struct_conn.ptnr1_label_atom_id 
_struct_conn.pdbx_ptnr1_label_alt_id 
_struct_conn.pdbx_ptnr1_PDB_ins_code 
_struct_conn.pdbx_ptnr1_standard_comp_id 
_struct_conn.ptnr1_symmetry 
_struct_conn.ptnr2_label_asym_id 
_struct_conn.ptnr2_label_comp_id 
_struct_conn.ptnr2_label_seq_id 
_struct_conn.ptnr2_label_atom_id 
_struct_conn.pdbx_ptnr2_label_alt_id 
_struct_conn.pdbx_ptnr2_PDB_ins_code 
_struct_conn.ptnr1_auth_asym_id 
_struct_conn.ptnr1_auth_comp_id 
_struct_conn.ptnr1_auth_seq_id 
_struct_conn.ptnr2_auth_asym_id 
_struct_conn.ptnr2_auth_comp_id 
_struct_conn.ptnr2_auth_seq_id 
_struct_conn.ptnr2_symmetry 
_struct_conn.pdbx_ptnr3_label_atom_id 
_struct_conn.pdbx_ptnr3_label_seq_id 
_struct_conn.pdbx_ptnr3_label_comp_id 
_struct_conn.pdbx_ptnr3_label_asym_id 
_struct_conn.pdbx_ptnr3_label_alt_id 
_struct_conn.pdbx_ptnr3_PDB_ins_code 
_struct_conn.details 
_struct_conn.pdbx_dist_value 
_struct_conn.pdbx_value_order 
_struct_conn.pdbx_role 
metalc1  metalc ? ? A U  6  N3 ? ? ? 1_555 F HG .  HG ? ? A U  6   B HG 102 1_555 ? ? ? ? ? ? ?             2.225 ? ? 
metalc2  metalc ? ? A U  6  O4 ? ? ? 1_555 F HG .  HG ? ? A U  6   B HG 102 1_555 ? ? ? ? ? ? ?             2.103 ? ? 
metalc3  metalc ? ? A U  20 O2 ? ? ? 1_555 D HG .  HG ? ? A U  20  A HG 102 1_555 ? ? ? ? ? ? ?             2.838 ? ? 
metalc4  metalc ? ? A U  20 N3 ? ? ? 1_555 D HG .  HG ? ? A U  20  A HG 102 1_555 ? ? ? ? ? ? ?             2.089 ? ? 
metalc5  metalc ? ? A U  20 O4 ? ? ? 1_555 D HG .  HG ? ? A U  20  A HG 102 1_555 ? ? ? ? ? ? ?             3.108 ? ? 
metalc6  metalc ? ? D HG .  HG ? ? ? 1_555 B U  6  N3 ? ? A HG 102 B U  29  1_555 ? ? ? ? ? ? ?             2.127 ? ? 
metalc7  metalc ? ? D HG .  HG ? ? ? 1_555 B U  6  O4 ? ? A HG 102 B U  29  1_555 ? ? ? ? ? ? ?             2.457 ? ? 
metalc8  metalc ? ? B U  20 O2 ? ? ? 1_555 F HG .  HG ? ? B U  43  B HG 102 1_555 ? ? ? ? ? ? ?             2.821 ? ? 
metalc9  metalc ? ? B U  20 N3 ? ? ? 1_555 F HG .  HG ? ? B U  43  B HG 102 1_555 ? ? ? ? ? ? ?             2.077 ? ? 
metalc10 metalc ? ? B U  20 O4 ? ? ? 1_555 F HG .  HG ? ? B U  43  B HG 102 1_555 ? ? ? ? ? ? ?             3.146 ? ? 
hydrog1  hydrog ? ? A G  3  N1 ? ? ? 1_555 B C  23 N3 ? ? A G  3   B C  46  1_555 ? ? ? ? ? ? WATSON-CRICK  ?     ? ? 
hydrog2  hydrog ? ? A G  3  N2 ? ? ? 1_555 B C  23 O2 ? ? A G  3   B C  46  1_555 ? ? ? ? ? ? WATSON-CRICK  ?     ? ? 
hydrog3  hydrog ? ? A G  3  O6 ? ? ? 1_555 B C  23 N4 ? ? A G  3   B C  46  1_555 ? ? ? ? ? ? WATSON-CRICK  ?     ? ? 
hydrog4  hydrog ? ? A C  4  N3 ? ? ? 1_555 B G  22 N1 ? ? A C  4   B G  45  1_555 ? ? ? ? ? ? WATSON-CRICK  ?     ? ? 
hydrog5  hydrog ? ? A C  4  N4 ? ? ? 1_555 B G  22 O6 ? ? A C  4   B G  45  1_555 ? ? ? ? ? ? WATSON-CRICK  ?     ? ? 
hydrog6  hydrog ? ? A C  4  O2 ? ? ? 1_555 B G  22 N2 ? ? A C  4   B G  45  1_555 ? ? ? ? ? ? WATSON-CRICK  ?     ? ? 
hydrog7  hydrog ? ? A G  5  N1 ? ? ? 1_555 B C  21 N3 ? ? A G  5   B C  44  1_555 ? ? ? ? ? ? WATSON-CRICK  ?     ? ? 
hydrog8  hydrog ? ? A G  5  N2 ? ? ? 1_555 B C  21 O2 ? ? A G  5   B C  44  1_555 ? ? ? ? ? ? WATSON-CRICK  ?     ? ? 
hydrog9  hydrog ? ? A G  5  O6 ? ? ? 1_555 B C  21 N4 ? ? A G  5   B C  44  1_555 ? ? ? ? ? ? WATSON-CRICK  ?     ? ? 
hydrog10 hydrog ? ? A U  6  O4 ? ? ? 1_555 B U  20 N3 ? ? A U  6   B U  43  1_555 ? ? ? ? ? ? 'U-U MISPAIR' ?     ? ? 
hydrog11 hydrog ? ? A C  7  N3 ? ? ? 1_555 B G  19 N1 ? ? A C  7   B G  42  1_555 ? ? ? ? ? ? WATSON-CRICK  ?     ? ? 
hydrog12 hydrog ? ? A C  7  N4 ? ? ? 1_555 B G  19 O6 ? ? A C  7   B G  42  1_555 ? ? ? ? ? ? WATSON-CRICK  ?     ? ? 
hydrog13 hydrog ? ? A C  7  O2 ? ? ? 1_555 B G  19 N2 ? ? A C  7   B G  42  1_555 ? ? ? ? ? ? WATSON-CRICK  ?     ? ? 
hydrog14 hydrog ? ? A C  9  N3 ? ? ? 1_555 B G  16 N1 ? ? A C  9   B G  39  1_555 ? ? ? ? ? ? WATSON-CRICK  ?     ? ? 
hydrog15 hydrog ? ? A C  9  N4 ? ? ? 1_555 B G  16 O6 ? ? A C  9   B G  39  1_555 ? ? ? ? ? ? WATSON-CRICK  ?     ? ? 
hydrog16 hydrog ? ? A C  9  O2 ? ? ? 1_555 B G  16 N2 ? ? A C  9   B G  39  1_555 ? ? ? ? ? ? WATSON-CRICK  ?     ? ? 
hydrog17 hydrog ? ? A G  10 N1 ? ? ? 1_555 B C  15 N3 ? ? A G  10  B C  38  1_555 ? ? ? ? ? ? WATSON-CRICK  ?     ? ? 
hydrog18 hydrog ? ? A G  10 N2 ? ? ? 1_555 B C  15 O2 ? ? A G  10  B C  38  1_555 ? ? ? ? ? ? WATSON-CRICK  ?     ? ? 
hydrog19 hydrog ? ? A G  10 O6 ? ? ? 1_555 B C  15 N4 ? ? A G  10  B C  38  1_555 ? ? ? ? ? ? WATSON-CRICK  ?     ? ? 
hydrog20 hydrog ? ? A C  11 N3 ? ? ? 1_555 B G  14 N1 ? ? A C  11  B G  37  1_555 ? ? ? ? ? ? WATSON-CRICK  ?     ? ? 
hydrog21 hydrog ? ? A C  11 N4 ? ? ? 1_555 B G  14 O6 ? ? A C  11  B G  37  1_555 ? ? ? ? ? ? WATSON-CRICK  ?     ? ? 
hydrog22 hydrog ? ? A C  11 O2 ? ? ? 1_555 B G  14 N2 ? ? A C  11  B G  37  1_555 ? ? ? ? ? ? WATSON-CRICK  ?     ? ? 
hydrog23 hydrog ? ? A C  12 N3 ? ? ? 1_555 B G  13 N1 ? ? A C  12  B G  36  1_555 ? ? ? ? ? ? WATSON-CRICK  ?     ? ? 
hydrog24 hydrog ? ? A C  12 N4 ? ? ? 1_555 B G  13 O6 ? ? A C  12  B G  36  1_555 ? ? ? ? ? ? WATSON-CRICK  ?     ? ? 
hydrog25 hydrog ? ? A C  12 O2 ? ? ? 1_555 B G  13 N2 ? ? A C  12  B G  36  1_555 ? ? ? ? ? ? WATSON-CRICK  ?     ? ? 
hydrog26 hydrog ? ? A G  13 N1 ? ? ? 1_555 B C  12 N3 ? ? A G  13  B C  35  1_555 ? ? ? ? ? ? WATSON-CRICK  ?     ? ? 
hydrog27 hydrog ? ? A G  13 N2 ? ? ? 1_555 B C  12 O2 ? ? A G  13  B C  35  1_555 ? ? ? ? ? ? WATSON-CRICK  ?     ? ? 
hydrog28 hydrog ? ? A G  13 O6 ? ? ? 1_555 B C  12 N4 ? ? A G  13  B C  35  1_555 ? ? ? ? ? ? WATSON-CRICK  ?     ? ? 
hydrog29 hydrog ? ? A G  14 N1 ? ? ? 1_555 B C  11 N3 ? ? A G  14  B C  34  1_555 ? ? ? ? ? ? WATSON-CRICK  ?     ? ? 
hydrog30 hydrog ? ? A G  14 N2 ? ? ? 1_555 B C  11 O2 ? ? A G  14  B C  34  1_555 ? ? ? ? ? ? WATSON-CRICK  ?     ? ? 
hydrog31 hydrog ? ? A G  14 O6 ? ? ? 1_555 B C  11 N4 ? ? A G  14  B C  34  1_555 ? ? ? ? ? ? WATSON-CRICK  ?     ? ? 
hydrog32 hydrog ? ? A C  15 N3 ? ? ? 1_555 B G  10 N1 ? ? A C  15  B G  33  1_555 ? ? ? ? ? ? WATSON-CRICK  ?     ? ? 
hydrog33 hydrog ? ? A C  15 N4 ? ? ? 1_555 B G  10 O6 ? ? A C  15  B G  33  1_555 ? ? ? ? ? ? WATSON-CRICK  ?     ? ? 
hydrog34 hydrog ? ? A C  15 O2 ? ? ? 1_555 B G  10 N2 ? ? A C  15  B G  33  1_555 ? ? ? ? ? ? WATSON-CRICK  ?     ? ? 
hydrog35 hydrog ? ? A G  16 N1 ? ? ? 1_555 B C  9  N3 ? ? A G  16  B C  32  1_555 ? ? ? ? ? ? WATSON-CRICK  ?     ? ? 
hydrog36 hydrog ? ? A G  16 N2 ? ? ? 1_555 B C  9  O2 ? ? A G  16  B C  32  1_555 ? ? ? ? ? ? WATSON-CRICK  ?     ? ? 
hydrog37 hydrog ? ? A G  16 O6 ? ? ? 1_555 B C  9  N4 ? ? A G  16  B C  32  1_555 ? ? ? ? ? ? WATSON-CRICK  ?     ? ? 
hydrog38 hydrog ? ? A G  19 N1 ? ? ? 1_555 B C  7  N3 ? ? A G  19  B C  30  1_555 ? ? ? ? ? ? WATSON-CRICK  ?     ? ? 
hydrog39 hydrog ? ? A G  19 N2 ? ? ? 1_555 B C  7  O2 ? ? A G  19  B C  30  1_555 ? ? ? ? ? ? WATSON-CRICK  ?     ? ? 
hydrog40 hydrog ? ? A G  19 O6 ? ? ? 1_555 B C  7  N4 ? ? A G  19  B C  30  1_555 ? ? ? ? ? ? WATSON-CRICK  ?     ? ? 
hydrog41 hydrog ? ? A C  21 N3 ? ? ? 1_555 B G  5  N1 ? ? A C  21  B G  28  1_555 ? ? ? ? ? ? WATSON-CRICK  ?     ? ? 
hydrog42 hydrog ? ? A C  21 N4 ? ? ? 1_555 B G  5  O6 ? ? A C  21  B G  28  1_555 ? ? ? ? ? ? WATSON-CRICK  ?     ? ? 
hydrog43 hydrog ? ? A C  21 O2 ? ? ? 1_555 B G  5  N2 ? ? A C  21  B G  28  1_555 ? ? ? ? ? ? WATSON-CRICK  ?     ? ? 
hydrog44 hydrog ? ? A G  22 N1 ? ? ? 1_555 B C  4  N3 ? ? A G  22  B C  27  1_555 ? ? ? ? ? ? WATSON-CRICK  ?     ? ? 
hydrog45 hydrog ? ? A G  22 N2 ? ? ? 1_555 B C  4  O2 ? ? A G  22  B C  27  1_555 ? ? ? ? ? ? WATSON-CRICK  ?     ? ? 
hydrog46 hydrog ? ? A G  22 O6 ? ? ? 1_555 B C  4  N4 ? ? A G  22  B C  27  1_555 ? ? ? ? ? ? WATSON-CRICK  ?     ? ? 
hydrog47 hydrog ? ? A C  23 N3 ? ? ? 1_555 B G  3  N1 ? ? A C  23  B G  26  1_555 ? ? ? ? ? ? WATSON-CRICK  ?     ? ? 
hydrog48 hydrog ? ? A C  23 N4 ? ? ? 1_555 B G  3  O6 ? ? A C  23  B G  26  1_555 ? ? ? ? ? ? WATSON-CRICK  ?     ? ? 
hydrog49 hydrog ? ? A C  23 O2 ? ? ? 1_555 B G  3  N2 ? ? A C  23  B G  26  1_555 ? ? ? ? ? ? WATSON-CRICK  ?     ? ? 
# 
loop_
_struct_conn_type.id 
_struct_conn_type.criteria 
_struct_conn_type.reference 
metalc ? ? 
hydrog ? ? 
# 
_atom_sites.entry_id                    7EDL 
_atom_sites.Cartn_transf_matrix[1][1]   ? 
_atom_sites.Cartn_transf_matrix[1][2]   ? 
_atom_sites.Cartn_transf_matrix[1][3]   ? 
_atom_sites.Cartn_transf_matrix[2][1]   ? 
_atom_sites.Cartn_transf_matrix[2][2]   ? 
_atom_sites.Cartn_transf_matrix[2][3]   ? 
_atom_sites.Cartn_transf_matrix[3][1]   ? 
_atom_sites.Cartn_transf_matrix[3][2]   ? 
_atom_sites.Cartn_transf_matrix[3][3]   ? 
_atom_sites.Cartn_transf_vector[1]      ? 
_atom_sites.Cartn_transf_vector[2]      ? 
_atom_sites.Cartn_transf_vector[3]      ? 
_atom_sites.fract_transf_matrix[1][1]   0.00631992 
_atom_sites.fract_transf_matrix[1][2]   0.02882175 
_atom_sites.fract_transf_matrix[1][3]   0.01132716 
_atom_sites.fract_transf_matrix[2][1]   -0.00210479 
_atom_sites.fract_transf_matrix[2][2]   -0.00327623 
_atom_sites.fract_transf_matrix[2][3]   0.00951067 
_atom_sites.fract_transf_matrix[3][1]   0.02035994 
_atom_sites.fract_transf_matrix[3][2]   -0.00549178 
_atom_sites.fract_transf_matrix[3][3]   0.00261402 
_atom_sites.fract_transf_vector[1]      0.139089 
_atom_sites.fract_transf_vector[2]      0.141053 
_atom_sites.fract_transf_vector[3]      0.490984 
_atom_sites.solution_primary            ? 
_atom_sites.solution_secondary          ? 
_atom_sites.solution_hydrogens          ? 
_atom_sites.special_details             ? 
# 
loop_
_atom_type.symbol 
C  
HG 
N  
O  
P  
# 
loop_
_atom_site.group_PDB 
_atom_site.id 
_atom_site.type_symbol 
_atom_site.label_atom_id 
_atom_site.label_alt_id 
_atom_site.label_comp_id 
_atom_site.label_asym_id 
_atom_site.label_entity_id 
_atom_site.label_seq_id 
_atom_site.pdbx_PDB_ins_code 
_atom_site.Cartn_x 
_atom_site.Cartn_y 
_atom_site.Cartn_z 
_atom_site.occupancy 
_atom_site.B_iso_or_equiv 
_atom_site.pdbx_formal_charge 
_atom_site.auth_seq_id 
_atom_site.auth_comp_id 
_atom_site.auth_asym_id 
_atom_site.auth_atom_id 
_atom_site.pdbx_PDB_model_num 
ATOM   1    P  P     . U   A 1 2  ? 30.253  -15.646 2.545   1.00 72.62 ? 2   U   A P     1 
ATOM   2    O  OP1   . U   A 1 2  ? 30.312  -14.259 3.083   1.00 65.59 ? 2   U   A OP1   1 
ATOM   3    O  OP2   . U   A 1 2  ? 30.732  -16.766 3.392   1.00 64.41 ? 2   U   A OP2   1 
ATOM   4    O  "O5'" . U   A 1 2  ? 28.752  -16.019 2.148   1.00 66.64 ? 2   U   A "O5'" 1 
ATOM   5    C  "C5'" . U   A 1 2  ? 28.054  -15.346 1.102   1.00 64.48 ? 2   U   A "C5'" 1 
ATOM   6    C  "C4'" . U   A 1 2  ? 26.577  -15.232 1.410   1.00 59.12 ? 2   U   A "C4'" 1 
ATOM   7    O  "O4'" . U   A 1 2  ? 26.122  -16.475 2.029   1.00 56.20 ? 2   U   A "O4'" 1 
ATOM   8    C  "C3'" . U   A 1 2  ? 26.210  -14.118 2.394   1.00 59.73 ? 2   U   A "C3'" 1 
ATOM   9    O  "O3'" . U   A 1 2  ? 24.902  -13.628 2.097   1.00 59.58 ? 2   U   A "O3'" 1 
ATOM   10   C  "C2'" . U   A 1 2  ? 26.174  -14.858 3.722   1.00 56.47 ? 2   U   A "C2'" 1 
ATOM   11   O  "O2'" . U   A 1 2  ? 25.430  -14.228 4.743   1.00 59.77 ? 2   U   A "O2'" 1 
ATOM   12   C  "C1'" . U   A 1 2  ? 25.559  -16.188 3.299   1.00 59.30 ? 2   U   A "C1'" 1 
ATOM   13   N  N1    . U   A 1 2  ? 25.859  -17.280 4.232   1.00 58.05 ? 2   U   A N1    1 
ATOM   14   C  C2    . U   A 1 2  ? 24.823  -17.812 4.996   1.00 50.25 ? 2   U   A C2    1 
ATOM   15   O  O2    . U   A 1 2  ? 23.659  -17.442 4.916   1.00 52.60 ? 2   U   A O2    1 
ATOM   16   N  N3    . U   A 1 2  ? 25.215  -18.807 5.863   1.00 43.47 ? 2   U   A N3    1 
ATOM   17   C  C4    . U   A 1 2  ? 26.503  -19.288 6.035   1.00 50.72 ? 2   U   A C4    1 
ATOM   18   O  O4    . U   A 1 2  ? 26.713  -20.181 6.849   1.00 52.56 ? 2   U   A O4    1 
ATOM   19   C  C5    . U   A 1 2  ? 27.514  -18.678 5.225   1.00 54.19 ? 2   U   A C5    1 
ATOM   20   C  C6    . U   A 1 2  ? 27.162  -17.709 4.376   1.00 57.92 ? 2   U   A C6    1 
ATOM   21   P  P     . G   A 1 3  ? 24.455  -12.160 2.585   1.00 68.13 ? 3   G   A P     1 
ATOM   22   O  OP1   . G   A 1 3  ? 25.665  -11.506 3.169   1.00 61.05 ? 3   G   A OP1   1 
ATOM   23   O  OP2   . G   A 1 3  ? 23.222  -12.273 3.409   1.00 54.38 ? 3   G   A OP2   1 
ATOM   24   O  "O5'" . G   A 1 3  ? 24.106  -11.410 1.219   1.00 61.37 ? 3   G   A "O5'" 1 
ATOM   25   C  "C5'" . G   A 1 3  ? 25.141  -11.021 0.321   1.00 51.82 ? 3   G   A "C5'" 1 
ATOM   26   C  "C4'" . G   A 1 3  ? 24.810  -11.352 -1.116  1.00 50.91 ? 3   G   A "C4'" 1 
ATOM   27   O  "O4'" . G   A 1 3  ? 24.916  -12.781 -1.343  1.00 58.25 ? 3   G   A "O4'" 1 
ATOM   28   C  "C3'" . G   A 1 3  ? 23.406  -11.013 -1.597  1.00 51.81 ? 3   G   A "C3'" 1 
ATOM   29   O  "O3'" . G   A 1 3  ? 23.255  -9.643  -1.915  1.00 51.87 ? 3   G   A "O3'" 1 
ATOM   30   C  "C2'" . G   A 1 3  ? 23.253  -11.922 -2.807  1.00 53.81 ? 3   G   A "C2'" 1 
ATOM   31   O  "O2'" . G   A 1 3  ? 23.946  -11.381 -3.926  1.00 52.23 ? 3   G   A "O2'" 1 
ATOM   32   C  "C1'" . G   A 1 3  ? 23.991  -13.177 -2.334  1.00 51.10 ? 3   G   A "C1'" 1 
ATOM   33   N  N9    . G   A 1 3  ? 23.073  -14.181 -1.759  1.00 49.72 ? 3   G   A N9    1 
ATOM   34   C  C8    . G   A 1 3  ? 23.014  -14.577 -0.446  1.00 50.39 ? 3   G   A C8    1 
ATOM   35   N  N7    . G   A 1 3  ? 22.100  -15.482 -0.236  1.00 50.55 ? 3   G   A N7    1 
ATOM   36   C  C5    . G   A 1 3  ? 21.515  -15.707 -1.479  1.00 41.16 ? 3   G   A C5    1 
ATOM   37   C  C6    . G   A 1 3  ? 20.468  -16.589 -1.869  1.00 43.70 ? 3   G   A C6    1 
ATOM   38   O  O6    . G   A 1 3  ? 19.816  -17.384 -1.172  1.00 45.04 ? 3   G   A O6    1 
ATOM   39   N  N1    . G   A 1 3  ? 20.195  -16.496 -3.230  1.00 43.55 ? 3   G   A N1    1 
ATOM   40   C  C2    . G   A 1 3  ? 20.851  -15.667 -4.099  1.00 43.58 ? 3   G   A C2    1 
ATOM   41   N  N2    . G   A 1 3  ? 20.453  -15.719 -5.376  1.00 46.33 ? 3   G   A N2    1 
ATOM   42   N  N3    . G   A 1 3  ? 21.829  -14.851 -3.752  1.00 42.78 ? 3   G   A N3    1 
ATOM   43   C  C4    . G   A 1 3  ? 22.111  -14.914 -2.433  1.00 44.77 ? 3   G   A C4    1 
ATOM   44   P  P     . C   A 1 4  ? 21.840  -8.909  -1.749  1.00 59.22 ? 4   C   A P     1 
ATOM   45   O  OP1   . C   A 1 4  ? 22.138  -7.457  -1.867  1.00 63.73 ? 4   C   A OP1   1 
ATOM   46   O  OP2   . C   A 1 4  ? 21.159  -9.389  -0.518  1.00 52.81 ? 4   C   A OP2   1 
ATOM   47   O  "O5'" . C   A 1 4  ? 20.997  -9.380  -3.026  1.00 52.41 ? 4   C   A "O5'" 1 
ATOM   48   C  "C5'" . C   A 1 4  ? 21.487  -9.188  -4.347  1.00 45.63 ? 4   C   A "C5'" 1 
ATOM   49   C  "C4'" . C   A 1 4  ? 20.587  -9.826  -5.383  1.00 52.95 ? 4   C   A "C4'" 1 
ATOM   50   O  "O4'" . C   A 1 4  ? 20.755  -11.273 -5.394  1.00 51.49 ? 4   C   A "O4'" 1 
ATOM   51   C  "C3'" . C   A 1 4  ? 19.088  -9.640  -5.195  1.00 49.79 ? 4   C   A "C3'" 1 
ATOM   52   O  "O3'" . C   A 1 4  ? 18.625  -8.374  -5.611  1.00 47.52 ? 4   C   A "O3'" 1 
ATOM   53   C  "C2'" . C   A 1 4  ? 18.509  -10.790 -6.010  1.00 48.73 ? 4   C   A "C2'" 1 
ATOM   54   O  "O2'" . C   A 1 4  ? 18.536  -10.500 -7.401  1.00 50.88 ? 4   C   A "O2'" 1 
ATOM   55   C  "C1'" . C   A 1 4  ? 19.524  -11.897 -5.723  1.00 51.48 ? 4   C   A "C1'" 1 
ATOM   56   N  N1    . C   A 1 4  ? 19.070  -12.717 -4.579  1.00 46.71 ? 4   C   A N1    1 
ATOM   57   C  C2    . C   A 1 4  ? 18.072  -13.661 -4.815  1.00 44.32 ? 4   C   A C2    1 
ATOM   58   O  O2    . C   A 1 4  ? 17.642  -13.785 -5.972  1.00 43.72 ? 4   C   A O2    1 
ATOM   59   N  N3    . C   A 1 4  ? 17.613  -14.405 -3.777  1.00 45.53 ? 4   C   A N3    1 
ATOM   60   C  C4    . C   A 1 4  ? 18.123  -14.224 -2.554  1.00 44.01 ? 4   C   A C4    1 
ATOM   61   N  N4    . C   A 1 4  ? 17.665  -14.963 -1.555  1.00 42.48 ? 4   C   A N4    1 
ATOM   62   C  C5    . C   A 1 4  ? 19.135  -13.268 -2.288  1.00 46.11 ? 4   C   A C5    1 
ATOM   63   C  C6    . C   A 1 4  ? 19.571  -12.537 -3.320  1.00 46.51 ? 4   C   A C6    1 
ATOM   64   P  P     . G   A 1 5  ? 17.336  -7.734  -4.907  1.00 51.31 ? 5   G   A P     1 
ATOM   65   O  OP1   . G   A 1 5  ? 17.238  -6.353  -5.453  1.00 59.97 ? 5   G   A OP1   1 
ATOM   66   O  OP2   . G   A 1 5  ? 17.481  -7.920  -3.436  1.00 53.85 ? 5   G   A OP2   1 
ATOM   67   O  "O5'" . G   A 1 5  ? 16.098  -8.616  -5.433  1.00 49.35 ? 5   G   A "O5'" 1 
ATOM   68   C  "C5'" . G   A 1 5  ? 15.806  -8.685  -6.826  1.00 48.55 ? 5   G   A "C5'" 1 
ATOM   69   C  "C4'" . G   A 1 5  ? 14.807  -9.761  -7.184  1.00 45.34 ? 5   G   A "C4'" 1 
ATOM   70   O  "O4'" . G   A 1 5  ? 15.344  -11.085 -6.915  1.00 48.19 ? 5   G   A "O4'" 1 
ATOM   71   C  "C3'" . G   A 1 5  ? 13.487  -9.749  -6.440  1.00 43.20 ? 5   G   A "C3'" 1 
ATOM   72   O  "O3'" . G   A 1 5  ? 12.592  -8.754  -6.906  1.00 48.26 ? 5   G   A "O3'" 1 
ATOM   73   C  "C2'" . G   A 1 5  ? 12.994  -11.174 -6.660  1.00 42.37 ? 5   G   A "C2'" 1 
ATOM   74   O  "O2'" . G   A 1 5  ? 12.517  -11.354 -7.977  1.00 47.38 ? 5   G   A "O2'" 1 
ATOM   75   C  "C1'" . G   A 1 5  ? 14.295  -11.953 -6.527  1.00 46.20 ? 5   G   A "C1'" 1 
ATOM   76   N  N9    . G   A 1 5  ? 14.477  -12.345 -5.120  1.00 44.32 ? 5   G   A N9    1 
ATOM   77   C  C8    . G   A 1 5  ? 15.386  -11.841 -4.226  1.00 45.14 ? 5   G   A C8    1 
ATOM   78   N  N7    . G   A 1 5  ? 15.261  -12.364 -3.042  1.00 46.87 ? 5   G   A N7    1 
ATOM   79   C  C5    . G   A 1 5  ? 14.190  -13.245 -3.153  1.00 45.10 ? 5   G   A C5    1 
ATOM   80   C  C6    . G   A 1 5  ? 13.593  -14.094 -2.184  1.00 41.88 ? 5   G   A C6    1 
ATOM   81   O  O6    . G   A 1 5  ? 13.900  -14.245 -0.994  1.00 42.53 ? 5   G   A O6    1 
ATOM   82   N  N1    . G   A 1 5  ? 12.540  -14.817 -2.720  1.00 38.22 ? 5   G   A N1    1 
ATOM   83   C  C2    . G   A 1 5  ? 12.112  -14.738 -4.017  1.00 38.90 ? 5   G   A C2    1 
ATOM   84   N  N2    . G   A 1 5  ? 11.075  -15.516 -4.327  1.00 39.68 ? 5   G   A N2    1 
ATOM   85   N  N3    . G   A 1 5  ? 12.653  -13.956 -4.931  1.00 40.72 ? 5   G   A N3    1 
ATOM   86   C  C4    . G   A 1 5  ? 13.686  -13.238 -4.433  1.00 43.30 ? 5   G   A C4    1 
ATOM   87   P  P     . U   A 1 6  ? 11.356  -8.257  -5.993  1.00 56.89 ? 6   U   A P     1 
ATOM   88   O  OP1   . U   A 1 6  ? 10.714  -7.105  -6.680  1.00 57.85 ? 6   U   A OP1   1 
ATOM   89   O  OP2   . U   A 1 6  ? 11.815  -8.066  -4.593  1.00 55.39 ? 6   U   A OP2   1 
ATOM   90   O  "O5'" . U   A 1 6  ? 10.330  -9.479  -6.014  1.00 46.56 ? 6   U   A "O5'" 1 
ATOM   91   C  "C5'" . U   A 1 6  ? 9.765   -9.923  -7.230  1.00 40.12 ? 6   U   A "C5'" 1 
ATOM   92   C  "C4'" . U   A 1 6  ? 8.804   -11.052 -7.007  1.00 48.02 ? 6   U   A "C4'" 1 
ATOM   93   O  "O4'" . U   A 1 6  ? 9.515   -12.221 -6.513  1.00 50.78 ? 6   U   A "O4'" 1 
ATOM   94   C  "C3'" . U   A 1 6  ? 7.734   -10.827 -5.955  1.00 49.91 ? 6   U   A "C3'" 1 
ATOM   95   O  "O3'" . U   A 1 6  ? 6.676   -9.984  -6.361  1.00 52.86 ? 6   U   A "O3'" 1 
ATOM   96   C  "C2'" . U   A 1 6  ? 7.318   -12.254 -5.623  1.00 49.26 ? 6   U   A "C2'" 1 
ATOM   97   O  "O2'" . U   A 1 6  ? 6.551   -12.821 -6.672  1.00 50.87 ? 6   U   A "O2'" 1 
ATOM   98   C  "C1'" . U   A 1 6  ? 8.679   -12.941 -5.616  1.00 48.57 ? 6   U   A "C1'" 1 
ATOM   99   N  N1    . U   A 1 6  ? 9.277   -12.869 -4.269  1.00 46.15 ? 6   U   A N1    1 
ATOM   100  C  C2    . U   A 1 6  ? 8.728   -13.653 -3.272  1.00 42.91 ? 6   U   A C2    1 
ATOM   101  O  O2    . U   A 1 6  ? 7.789   -14.417 -3.446  1.00 46.56 ? 6   U   A O2    1 
ATOM   102  N  N3    . U   A 1 6  ? 9.336   -13.496 -2.055  1.00 38.59 ? 6   U   A N3    1 
ATOM   103  C  C4    . U   A 1 6  ? 10.396  -12.661 -1.743  1.00 41.91 ? 6   U   A C4    1 
ATOM   104  O  O4    . U   A 1 6  ? 10.837  -12.629 -0.591  1.00 43.00 ? 6   U   A O4    1 
ATOM   105  C  C5    . U   A 1 6  ? 10.891  -11.871 -2.828  1.00 42.12 ? 6   U   A C5    1 
ATOM   106  C  C6    . U   A 1 6  ? 10.318  -11.998 -4.021  1.00 45.72 ? 6   U   A C6    1 
ATOM   107  P  P     . C   A 1 7  ? 5.893   -9.127  -5.249  1.00 55.43 ? 7   C   A P     1 
ATOM   108  O  OP1   . C   A 1 7  ? 4.757   -8.431  -5.923  1.00 51.61 ? 7   C   A OP1   1 
ATOM   109  O  OP2   . C   A 1 7  ? 6.919   -8.324  -4.529  1.00 46.51 ? 7   C   A OP2   1 
ATOM   110  O  "O5'" . C   A 1 7  ? 5.320   -10.229 -4.243  1.00 44.33 ? 7   C   A "O5'" 1 
ATOM   111  C  "C5'" . C   A 1 7  ? 4.107   -10.913 -4.519  1.00 43.80 ? 7   C   A "C5'" 1 
ATOM   112  C  "C4'" . C   A 1 7  ? 3.789   -11.940 -3.460  1.00 46.53 ? 7   C   A "C4'" 1 
ATOM   113  O  "O4'" . C   A 1 7  ? 5.016   -12.596 -3.041  1.00 49.15 ? 7   C   A "O4'" 1 
ATOM   114  C  "C3'" . C   A 1 7  ? 3.198   -11.419 -2.155  1.00 46.48 ? 7   C   A "C3'" 1 
ATOM   115  O  "O3'" . C   A 1 7  ? 1.811   -11.121 -2.209  1.00 39.29 ? 7   C   A "O3'" 1 
ATOM   116  C  "C2'" . C   A 1 7  ? 3.553   -12.528 -1.168  1.00 44.81 ? 7   C   A "C2'" 1 
ATOM   117  O  "O2'" . C   A 1 7  ? 2.696   -13.644 -1.299  1.00 35.80 ? 7   C   A "O2'" 1 
ATOM   118  C  "C1'" . C   A 1 7  ? 4.931   -12.947 -1.668  1.00 45.63 ? 7   C   A "C1'" 1 
ATOM   119  N  N1    . C   A 1 7  ? 6.021   -12.289 -0.905  1.00 40.08 ? 7   C   A N1    1 
ATOM   120  C  C2    . C   A 1 7  ? 6.148   -12.538 0.470   1.00 37.72 ? 7   C   A C2    1 
ATOM   121  O  O2    . C   A 1 7  ? 5.344   -13.292 1.046   1.00 36.50 ? 7   C   A O2    1 
ATOM   122  N  N3    . C   A 1 7  ? 7.146   -11.930 1.159   1.00 36.16 ? 7   C   A N3    1 
ATOM   123  C  C4    . C   A 1 7  ? 7.997   -11.114 0.528   1.00 36.82 ? 7   C   A C4    1 
ATOM   124  N  N4    . C   A 1 7  ? 8.970   -10.540 1.239   1.00 36.38 ? 7   C   A N4    1 
ATOM   125  C  C5    . C   A 1 7  ? 7.892   -10.849 -0.864  1.00 36.04 ? 7   C   A C5    1 
ATOM   126  C  C6    . C   A 1 7  ? 6.901   -11.452 -1.530  1.00 40.30 ? 7   C   A C6    1 
ATOM   127  P  P     . A   A 1 8  ? 1.208   -9.922  -1.307  1.00 48.33 ? 8   A   A P     1 
ATOM   128  O  OP1   . A   A 1 8  ? -0.261  -9.809  -1.538  1.00 54.98 ? 8   A   A OP1   1 
ATOM   129  O  OP2   . A   A 1 8  ? 2.082   -8.739  -1.475  1.00 40.85 ? 8   A   A OP2   1 
ATOM   130  O  "O5'" . A   A 1 8  ? 1.348   -10.440 0.188   1.00 48.88 ? 8   A   A "O5'" 1 
ATOM   131  C  "C5'" . A   A 1 8  ? 0.588   -11.547 0.646   1.00 42.59 ? 8   A   A "C5'" 1 
ATOM   132  C  "C4'" . A   A 1 8  ? 0.852   -11.820 2.100   1.00 43.23 ? 8   A   A "C4'" 1 
ATOM   133  O  "O4'" . A   A 1 8  ? 2.253   -12.143 2.290   1.00 44.16 ? 8   A   A "O4'" 1 
ATOM   134  C  "C3'" . A   A 1 8  ? 0.624   -10.652 3.042   1.00 42.81 ? 8   A   A "C3'" 1 
ATOM   135  O  "O3'" . A   A 1 8  ? -0.742  -10.458 3.349   1.00 42.74 ? 8   A   A "O3'" 1 
ATOM   136  C  "C2'" . A   A 1 8  ? 1.484   -11.026 4.243   1.00 43.36 ? 8   A   A "C2'" 1 
ATOM   137  O  "O2'" . A   A 1 8  ? 0.844   -12.005 5.047   1.00 41.51 ? 8   A   A "O2'" 1 
ATOM   138  C  "C1'" . A   A 1 8  ? 2.679   -11.689 3.558   1.00 42.67 ? 8   A   A "C1'" 1 
ATOM   139  N  N9    . A   A 1 8  ? 3.816   -10.764 3.384   1.00 41.10 ? 8   A   A N9    1 
ATOM   140  C  C8    . A   A 1 8  ? 4.192   -10.070 2.262   1.00 36.80 ? 8   A   A C8    1 
ATOM   141  N  N7    . A   A 1 8  ? 5.275   -9.351  2.441   1.00 34.82 ? 8   A   A N7    1 
ATOM   142  C  C5    . A   A 1 8  ? 5.635   -9.593  3.765   1.00 34.25 ? 8   A   A C5    1 
ATOM   143  C  C6    . A   A 1 8  ? 6.687   -9.120  4.579   1.00 32.57 ? 8   A   A C6    1 
ATOM   144  N  N6    . A   A 1 8  ? 7.618   -8.264  4.150   1.00 29.34 ? 8   A   A N6    1 
ATOM   145  N  N1    . A   A 1 8  ? 6.754   -9.561  5.860   1.00 31.32 ? 8   A   A N1    1 
ATOM   146  C  C2    . A   A 1 8  ? 5.821   -10.414 6.290   1.00 32.25 ? 8   A   A C2    1 
ATOM   147  N  N3    . A   A 1 8  ? 4.783   -10.921 5.623   1.00 36.87 ? 8   A   A N3    1 
ATOM   148  C  C4    . A   A 1 8  ? 4.745   -10.464 4.356   1.00 36.40 ? 8   A   A C4    1 
ATOM   149  P  P     . C   A 1 9  ? -1.385  -8.989  3.328   1.00 46.04 ? 9   C   A P     1 
ATOM   150  O  OP1   . C   A 1 9  ? -2.859  -9.163  3.435   1.00 44.38 ? 9   C   A OP1   1 
ATOM   151  O  OP2   . C   A 1 9  ? -0.816  -8.235  2.173   1.00 42.46 ? 9   C   A OP2   1 
ATOM   152  O  "O5'" . C   A 1 9  ? -0.887  -8.339  4.696   1.00 41.41 ? 9   C   A "O5'" 1 
ATOM   153  C  "C5'" . C   A 1 9  ? -1.256  -8.908  5.943   1.00 38.05 ? 9   C   A "C5'" 1 
ATOM   154  C  "C4'" . C   A 1 9  ? -0.490  -8.290  7.084   1.00 38.11 ? 9   C   A "C4'" 1 
ATOM   155  O  "O4'" . C   A 1 9  ? 0.906   -8.665  6.989   1.00 34.11 ? 9   C   A "O4'" 1 
ATOM   156  C  "C3'" . C   A 1 9  ? -0.465  -6.767  7.133   1.00 40.57 ? 9   C   A "C3'" 1 
ATOM   157  O  "O3'" . C   A 1 9  ? -1.631  -6.208  7.719   1.00 37.73 ? 9   C   A "O3'" 1 
ATOM   158  C  "C2'" . C   A 1 9  ? 0.805   -6.480  7.923   1.00 35.94 ? 9   C   A "C2'" 1 
ATOM   159  O  "O2'" . C   A 1 9  ? 0.589   -6.642  9.315   1.00 37.45 ? 9   C   A "O2'" 1 
ATOM   160  C  "C1'" . C   A 1 9  ? 1.720   -7.611  7.450   1.00 34.55 ? 9   C   A "C1'" 1 
ATOM   161  N  N1    . C   A 1 9  ? 2.610   -7.179  6.354   1.00 34.71 ? 9   C   A N1    1 
ATOM   162  C  C2    . C   A 1 9  ? 3.702   -6.392  6.712   1.00 31.87 ? 9   C   A C2    1 
ATOM   163  O  O2    . C   A 1 9  ? 3.859   -6.121  7.902   1.00 30.69 ? 9   C   A O2    1 
ATOM   164  N  N3    . C   A 1 9  ? 4.556   -5.954  5.764   1.00 33.03 ? 9   C   A N3    1 
ATOM   165  C  C4    . C   A 1 9  ? 4.341   -6.287  4.493   1.00 30.37 ? 9   C   A C4    1 
ATOM   166  N  N4    . C   A 1 9  ? 5.220   -5.833  3.608   1.00 30.30 ? 9   C   A N4    1 
ATOM   167  C  C5    . C   A 1 9  ? 3.237   -7.090  4.091   1.00 30.85 ? 9   C   A C5    1 
ATOM   168  C  C6    . C   A 1 9  ? 2.393   -7.513  5.045   1.00 34.33 ? 9   C   A C6    1 
ATOM   169  P  P     . G   A 1 10 ? -2.187  -4.780  7.228   1.00 50.31 ? 10  G   A P     1 
ATOM   170  O  OP1   . G   A 1 10 ? -3.515  -4.563  7.868   1.00 55.91 ? 10  G   A OP1   1 
ATOM   171  O  OP2   . G   A 1 10 ? -2.040  -4.705  5.745   1.00 42.48 ? 10  G   A OP2   1 
ATOM   172  O  "O5'" . G   A 1 10 ? -1.215  -3.727  7.911   1.00 42.93 ? 10  G   A "O5'" 1 
ATOM   173  C  "C5'" . G   A 1 10 ? -1.087  -3.660  9.319   1.00 36.12 ? 10  G   A "C5'" 1 
ATOM   174  C  "C4'" . G   A 1 10 ? -0.046  -2.642  9.702   1.00 35.53 ? 10  G   A "C4'" 1 
ATOM   175  O  "O4'" . G   A 1 10 ? 1.268   -3.164  9.400   1.00 36.43 ? 10  G   A "O4'" 1 
ATOM   176  C  "C3'" . G   A 1 10 ? -0.095  -1.342  8.926   1.00 39.47 ? 10  G   A "C3'" 1 
ATOM   177  O  "O3'" . G   A 1 10 ? -1.087  -0.449  9.392   1.00 45.65 ? 10  G   A "O3'" 1 
ATOM   178  C  "C2'" . G   A 1 10 ? 1.324   -0.821  9.078   1.00 40.06 ? 10  G   A "C2'" 1 
ATOM   179  O  "O2'" . G   A 1 10 ? 1.516   -0.284  10.379  1.00 39.73 ? 10  G   A "O2'" 1 
ATOM   180  C  "C1'" . G   A 1 10 ? 2.118   -2.118  8.979   1.00 35.28 ? 10  G   A "C1'" 1 
ATOM   181  N  N9    . G   A 1 10 ? 2.558   -2.401  7.601   1.00 34.06 ? 10  G   A N9    1 
ATOM   182  C  C8    . G   A 1 10 ? 1.958   -3.250  6.696   1.00 35.38 ? 10  G   A C8    1 
ATOM   183  N  N7    . G   A 1 10 ? 2.581   -3.291  5.544   1.00 33.78 ? 10  G   A N7    1 
ATOM   184  C  C5    . G   A 1 10 ? 3.662   -2.426  5.696   1.00 31.51 ? 10  G   A C5    1 
ATOM   185  C  C6    . G   A 1 10 ? 4.705   -2.066  4.791   1.00 33.54 ? 10  G   A C6    1 
ATOM   186  O  O6    . G   A 1 10 ? 4.917   -2.453  3.623   1.00 30.49 ? 10  G   A O6    1 
ATOM   187  N  N1    . G   A 1 10 ? 5.585   -1.158  5.383   1.00 31.68 ? 10  G   A N1    1 
ATOM   188  C  C2    . G   A 1 10 ? 5.479   -0.664  6.659   1.00 31.74 ? 10  G   A C2    1 
ATOM   189  N  N2    . G   A 1 10 ? 6.425   0.205   7.044   1.00 30.49 ? 10  G   A N2    1 
ATOM   190  N  N3    . G   A 1 10 ? 4.516   -1.005  7.504   1.00 33.86 ? 10  G   A N3    1 
ATOM   191  C  C4    . G   A 1 10 ? 3.655   -1.880  6.966   1.00 30.37 ? 10  G   A C4    1 
ATOM   192  P  P     . C   A 1 11 ? -1.669  0.679   8.411   1.00 49.84 ? 11  C   A P     1 
ATOM   193  O  OP1   . C   A 1 11 ? -2.816  1.294   9.134   1.00 48.99 ? 11  C   A OP1   1 
ATOM   194  O  OP2   . C   A 1 11 ? -1.901  0.064   7.073   1.00 41.01 ? 11  C   A OP2   1 
ATOM   195  O  "O5'" . C   A 1 11 ? -0.459  1.723   8.265   1.00 41.09 ? 11  C   A "O5'" 1 
ATOM   196  C  "C5'" . C   A 1 11 ? -0.011  2.494   9.370   1.00 33.70 ? 11  C   A "C5'" 1 
ATOM   197  C  "C4'" . C   A 1 11 ? 1.295   3.183   9.069   1.00 40.32 ? 11  C   A "C4'" 1 
ATOM   198  O  "O4'" . C   A 1 11 ? 2.286   2.204   8.667   1.00 45.90 ? 11  C   A "O4'" 1 
ATOM   199  C  "C3'" . C   A 1 11 ? 1.302   4.177   7.922   1.00 41.54 ? 11  C   A "C3'" 1 
ATOM   200  O  "O3'" . C   A 1 11 ? 0.743   5.436   8.249   1.00 51.04 ? 11  C   A "O3'" 1 
ATOM   201  C  "C2'" . C   A 1 11 ? 2.780   4.240   7.567   1.00 37.41 ? 11  C   A "C2'" 1 
ATOM   202  O  "O2'" . C   A 1 11 ? 3.501   5.003   8.521   1.00 37.77 ? 11  C   A "O2'" 1 
ATOM   203  C  "C1'" . C   A 1 11 ? 3.183   2.782   7.740   1.00 36.93 ? 11  C   A "C1'" 1 
ATOM   204  N  N1    . C   A 1 11 ? 3.087   2.041   6.466   1.00 36.20 ? 11  C   A N1    1 
ATOM   205  C  C2    . C   A 1 11 ? 4.096   2.215   5.504   1.00 33.45 ? 11  C   A C2    1 
ATOM   206  O  O2    . C   A 1 11 ? 5.051   2.971   5.735   1.00 31.92 ? 11  C   A O2    1 
ATOM   207  N  N3    . C   A 1 11 ? 4.008   1.550   4.331   1.00 31.73 ? 11  C   A N3    1 
ATOM   208  C  C4    . C   A 1 11 ? 2.983   0.728   4.113   1.00 32.10 ? 11  C   A C4    1 
ATOM   209  N  N4    . C   A 1 11 ? 2.957   0.089   2.944   1.00 32.71 ? 11  C   A N4    1 
ATOM   210  C  C5    . C   A 1 11 ? 1.937   0.532   5.070   1.00 34.25 ? 11  C   A C5    1 
ATOM   211  C  C6    . C   A 1 11 ? 2.022   1.202   6.228   1.00 34.68 ? 11  C   A C6    1 
ATOM   212  P  P     . C   A 1 12 ? -0.271  6.158   7.234   1.00 45.81 ? 12  C   A P     1 
ATOM   213  O  OP1   . C   A 1 12 ? -1.032  7.128   8.066   1.00 57.33 ? 12  C   A OP1   1 
ATOM   214  O  OP2   . C   A 1 12 ? -0.997  5.114   6.463   1.00 44.11 ? 12  C   A OP2   1 
ATOM   215  O  "O5'" . C   A 1 12 ? 0.677   6.959   6.233   1.00 39.11 ? 12  C   A "O5'" 1 
ATOM   216  C  "C5'" . C   A 1 12 ? 1.781   7.697   6.733   1.00 39.04 ? 12  C   A "C5'" 1 
ATOM   217  C  "C4'" . C   A 1 12 ? 2.821   7.963   5.666   1.00 43.35 ? 12  C   A "C4'" 1 
ATOM   218  O  "O4'" . C   A 1 12 ? 3.574   6.754   5.378   1.00 43.06 ? 12  C   A "O4'" 1 
ATOM   219  C  "C3'" . C   A 1 12 ? 2.320   8.404   4.299   1.00 42.74 ? 12  C   A "C3'" 1 
ATOM   220  O  "O3'" . C   A 1 12 ? 1.936   9.765   4.234   1.00 48.49 ? 12  C   A "O3'" 1 
ATOM   221  C  "C2'" . C   A 1 12 ? 3.504   8.076   3.405   1.00 43.25 ? 12  C   A "C2'" 1 
ATOM   222  O  "O2'" . C   A 1 12 ? 4.529   9.051   3.547   1.00 44.24 ? 12  C   A "O2'" 1 
ATOM   223  C  "C1'" . C   A 1 12 ? 3.985   6.761   4.026   1.00 41.63 ? 12  C   A "C1'" 1 
ATOM   224  N  N1    . C   A 1 12 ? 3.381   5.599   3.344   1.00 37.51 ? 12  C   A N1    1 
ATOM   225  C  C2    . C   A 1 12 ? 3.874   5.242   2.091   1.00 32.63 ? 12  C   A C2    1 
ATOM   226  O  O2    . C   A 1 12 ? 4.811   5.891   1.608   1.00 33.49 ? 12  C   A O2    1 
ATOM   227  N  N3    . C   A 1 12 ? 3.325   4.190   1.451   1.00 33.43 ? 12  C   A N3    1 
ATOM   228  C  C4    . C   A 1 12 ? 2.325   3.506   2.006   1.00 35.15 ? 12  C   A C4    1 
ATOM   229  N  N4    . C   A 1 12 ? 1.817   2.469   1.329   1.00 34.85 ? 12  C   A N4    1 
ATOM   230  C  C5    . C   A 1 12 ? 1.797   3.859   3.283   1.00 35.76 ? 12  C   A C5    1 
ATOM   231  C  C6    . C   A 1 12 ? 2.347   4.906   3.910   1.00 37.76 ? 12  C   A C6    1 
ATOM   232  P  P     . G   A 1 13 ? 0.716   10.197  3.280   1.00 55.93 ? 13  G   A P     1 
ATOM   233  O  OP1   . G   A 1 13 ? 0.407   11.614  3.613   1.00 59.65 ? 13  G   A OP1   1 
ATOM   234  O  OP2   . G   A 1 13 ? -0.356  9.164   3.371   1.00 38.43 ? 13  G   A OP2   1 
ATOM   235  O  "O5'" . G   A 1 13 ? 1.331   10.154  1.807   1.00 43.00 ? 13  G   A "O5'" 1 
ATOM   236  C  "C5'" . G   A 1 13 ? 2.395   11.016  1.440   1.00 39.00 ? 13  G   A "C5'" 1 
ATOM   237  C  "C4'" . G   A 1 13 ? 2.986   10.631  0.105   1.00 47.96 ? 13  G   A "C4'" 1 
ATOM   238  O  "O4'" . G   A 1 13 ? 3.540   9.284   0.170   1.00 44.51 ? 13  G   A "O4'" 1 
ATOM   239  C  "C3'" . G   A 1 13 ? 2.026   10.559  -1.073  1.00 48.55 ? 13  G   A "C3'" 1 
ATOM   240  O  "O3'" . G   A 1 13 ? 1.656   11.820  -1.613  1.00 46.69 ? 13  G   A "O3'" 1 
ATOM   241  C  "C2'" . G   A 1 13 ? 2.791   9.671   -2.046  1.00 44.35 ? 13  G   A "C2'" 1 
ATOM   242  O  "O2'" . G   A 1 13 ? 3.855   10.405  -2.630  1.00 40.00 ? 13  G   A "O2'" 1 
ATOM   243  C  "C1'" . G   A 1 13 ? 3.394   8.645   -1.086  1.00 42.11 ? 13  G   A "C1'" 1 
ATOM   244  N  N9    . G   A 1 13 ? 2.518   7.458   -0.922  1.00 42.47 ? 13  G   A N9    1 
ATOM   245  C  C8    . G   A 1 13 ? 1.665   7.177   0.132   1.00 42.06 ? 13  G   A C8    1 
ATOM   246  N  N7    . G   A 1 13 ? 1.003   6.053   -0.005  1.00 40.16 ? 13  G   A N7    1 
ATOM   247  C  C5    . G   A 1 13 ? 1.446   5.557   -1.226  1.00 37.18 ? 13  G   A C5    1 
ATOM   248  C  C6    . G   A 1 13 ? 1.091   4.368   -1.905  1.00 36.77 ? 13  G   A C6    1 
ATOM   249  O  O6    . G   A 1 13 ? 0.291   3.496   -1.548  1.00 37.90 ? 13  G   A O6    1 
ATOM   250  N  N1    . G   A 1 13 ? 1.763   4.244   -3.117  1.00 35.59 ? 13  G   A N1    1 
ATOM   251  C  C2    . G   A 1 13 ? 2.670   5.147   -3.611  1.00 38.44 ? 13  G   A C2    1 
ATOM   252  N  N2    . G   A 1 13 ? 3.218   4.854   -4.802  1.00 34.57 ? 13  G   A N2    1 
ATOM   253  N  N3    . G   A 1 13 ? 3.012   6.260   -2.980  1.00 39.31 ? 13  G   A N3    1 
ATOM   254  C  C4    . G   A 1 13 ? 2.369   6.405   -1.803  1.00 36.27 ? 13  G   A C4    1 
ATOM   255  P  P     . G   A 1 14 ? 0.216   11.991  -2.320  1.00 50.52 ? 14  G   A P     1 
ATOM   256  O  OP1   . G   A 1 14 ? 0.010   13.448  -2.511  1.00 53.54 ? 14  G   A OP1   1 
ATOM   257  O  OP2   . G   A 1 14 ? -0.822  11.208  -1.588  1.00 41.79 ? 14  G   A OP2   1 
ATOM   258  O  "O5'" . G   A 1 14 ? 0.388   11.280  -3.738  1.00 43.95 ? 14  G   A "O5'" 1 
ATOM   259  C  "C5'" . G   A 1 14 ? 1.316   11.768  -4.691  1.00 45.80 ? 14  G   A "C5'" 1 
ATOM   260  C  "C4'" . G   A 1 14 ? 1.431   10.839  -5.873  1.00 47.82 ? 14  G   A "C4'" 1 
ATOM   261  O  "O4'" . G   A 1 14 ? 1.876   9.527   -5.429  1.00 53.03 ? 14  G   A "O4'" 1 
ATOM   262  C  "C3'" . G   A 1 14 ? 0.144   10.556  -6.625  1.00 47.18 ? 14  G   A "C3'" 1 
ATOM   263  O  "O3'" . G   A 1 14 ? -0.198  11.589  -7.537  1.00 48.18 ? 14  G   A "O3'" 1 
ATOM   264  C  "C2'" . G   A 1 14 ? 0.431   9.209   -7.291  1.00 47.72 ? 14  G   A "C2'" 1 
ATOM   265  O  "O2'" . G   A 1 14 ? 1.209   9.376   -8.467  1.00 42.56 ? 14  G   A "O2'" 1 
ATOM   266  C  "C1'" . G   A 1 14 ? 1.293   8.520   -6.230  1.00 46.57 ? 14  G   A "C1'" 1 
ATOM   267  N  N9    . G   A 1 14 ? 0.498   7.634   -5.360  1.00 41.07 ? 14  G   A N9    1 
ATOM   268  C  C8    . G   A 1 14 ? 0.090   7.890   -4.074  1.00 41.74 ? 14  G   A C8    1 
ATOM   269  N  N7    . G   A 1 14 ? -0.617  6.914   -3.562  1.00 41.57 ? 14  G   A N7    1 
ATOM   270  C  C5    . G   A 1 14 ? -0.671  5.963   -4.567  1.00 35.62 ? 14  G   A C5    1 
ATOM   271  C  C6    . G   A 1 14 ? -1.288  4.691   -4.585  1.00 38.17 ? 14  G   A C6    1 
ATOM   272  O  O6    . G   A 1 14 ? -1.940  4.121   -3.700  1.00 40.46 ? 14  G   A O6    1 
ATOM   273  N  N1    . G   A 1 14 ? -1.092  4.059   -5.807  1.00 42.26 ? 14  G   A N1    1 
ATOM   274  C  C2    . G   A 1 14 ? -0.397  4.576   -6.875  1.00 42.11 ? 14  G   A C2    1 
ATOM   275  N  N2    . G   A 1 14 ? -0.338  3.782   -7.966  1.00 38.27 ? 14  G   A N2    1 
ATOM   276  N  N3    . G   A 1 14 ? 0.194   5.766   -6.863  1.00 37.41 ? 14  G   A N3    1 
ATOM   277  C  C4    . G   A 1 14 ? 0.015   6.392   -5.684  1.00 37.48 ? 14  G   A C4    1 
ATOM   278  P  P     . C   A 1 15 ? -1.744  11.915  -7.857  1.00 53.05 ? 15  C   A P     1 
ATOM   279  O  OP1   . C   A 1 15 ? -1.740  13.124  -8.716  1.00 50.01 ? 15  C   A OP1   1 
ATOM   280  O  OP2   . C   A 1 15 ? -2.530  11.864  -6.593  1.00 46.81 ? 15  C   A OP2   1 
ATOM   281  O  "O5'" . C   A 1 15 ? -2.245  10.699  -8.755  1.00 41.51 ? 15  C   A "O5'" 1 
ATOM   282  C  "C5'" . C   A 1 15 ? -1.687  10.457  -10.034 1.00 40.33 ? 15  C   A "C5'" 1 
ATOM   283  C  "C4'" . C   A 1 15 ? -1.996  9.062   -10.500 1.00 43.95 ? 15  C   A "C4'" 1 
ATOM   284  O  "O4'" . C   A 1 15 ? -1.514  8.098   -9.524  1.00 46.94 ? 15  C   A "O4'" 1 
ATOM   285  C  "C3'" . C   A 1 15 ? -3.470  8.726   -10.640 1.00 46.07 ? 15  C   A "C3'" 1 
ATOM   286  O  "O3'" . C   A 1 15 ? -4.050  9.251   -11.822 1.00 47.77 ? 15  C   A "O3'" 1 
ATOM   287  C  "C2'" . C   A 1 15 ? -3.473  7.200   -10.547 1.00 45.68 ? 15  C   A "C2'" 1 
ATOM   288  O  "O2'" . C   A 1 15 ? -3.079  6.602   -11.776 1.00 38.27 ? 15  C   A "O2'" 1 
ATOM   289  C  "C1'" . C   A 1 15 ? -2.368  6.963   -9.505  1.00 47.24 ? 15  C   A "C1'" 1 
ATOM   290  N  N1    . C   A 1 15 ? -2.929  6.791   -8.139  1.00 40.89 ? 15  C   A N1    1 
ATOM   291  C  C2    . C   A 1 15 ? -3.488  5.554   -7.768  1.00 40.35 ? 15  C   A C2    1 
ATOM   292  O  O2    . C   A 1 15 ? -3.497  4.599   -8.562  1.00 35.06 ? 15  C   A O2    1 
ATOM   293  N  N3    . C   A 1 15 ? -4.022  5.419   -6.530  1.00 41.87 ? 15  C   A N3    1 
ATOM   294  C  C4    . C   A 1 15 ? -4.012  6.440   -5.671  1.00 39.71 ? 15  C   A C4    1 
ATOM   295  N  N4    . C   A 1 15 ? -4.553  6.240   -4.466  1.00 38.16 ? 15  C   A N4    1 
ATOM   296  C  C5    . C   A 1 15 ? -3.445  7.701   -6.021  1.00 37.76 ? 15  C   A C5    1 
ATOM   297  C  C6    . C   A 1 15 ? -2.927  7.829   -7.247  1.00 36.93 ? 15  C   A C6    1 
ATOM   298  P  P     . G   A 1 16 ? -5.579  9.748   -11.815 1.00 53.63 ? 16  G   A P     1 
ATOM   299  O  OP1   . G   A 1 16 ? -5.842  10.353  -13.146 1.00 56.59 ? 16  G   A OP1   1 
ATOM   300  O  OP2   . G   A 1 16 ? -5.810  10.581  -10.597 1.00 38.36 ? 16  G   A OP2   1 
ATOM   301  O  "O5'" . G   A 1 16 ? -6.412  8.386   -11.750 1.00 43.94 ? 16  G   A "O5'" 1 
ATOM   302  C  "C5'" . G   A 1 16 ? -6.364  7.477   -12.837 1.00 39.73 ? 16  G   A "C5'" 1 
ATOM   303  C  "C4'" . G   A 1 16 ? -6.947  6.132   -12.494 1.00 39.10 ? 16  G   A "C4'" 1 
ATOM   304  O  "O4'" . G   A 1 16 ? -6.202  5.523   -11.410 1.00 42.56 ? 16  G   A "O4'" 1 
ATOM   305  C  "C3'" . G   A 1 16 ? -8.379  6.108   -11.994 1.00 43.21 ? 16  G   A "C3'" 1 
ATOM   306  O  "O3'" . G   A 1 16 ? -9.348  6.272   -13.009 1.00 53.04 ? 16  G   A "O3'" 1 
ATOM   307  C  "C2'" . G   A 1 16 ? -8.455  4.763   -11.293 1.00 47.23 ? 16  G   A "C2'" 1 
ATOM   308  O  "O2'" . G   A 1 16 ? -8.613  3.711   -12.237 1.00 45.39 ? 16  G   A "O2'" 1 
ATOM   309  C  "C1'" . G   A 1 16 ? -7.061  4.688   -10.654 1.00 45.76 ? 16  G   A "C1'" 1 
ATOM   310  N  N9    . G   A 1 16 ? -7.111  5.191   -9.268  1.00 44.75 ? 16  G   A N9    1 
ATOM   311  C  C8    . G   A 1 16 ? -6.661  6.403   -8.792  1.00 42.01 ? 16  G   A C8    1 
ATOM   312  N  N7    . G   A 1 16 ? -6.894  6.558   -7.517  1.00 37.76 ? 16  G   A N7    1 
ATOM   313  C  C5    . G   A 1 16 ? -7.541  5.390   -7.138  1.00 36.47 ? 16  G   A C5    1 
ATOM   314  C  C6    . G   A 1 16 ? -8.033  4.991   -5.875  1.00 38.34 ? 16  G   A C6    1 
ATOM   315  O  O6    . G   A 1 16 ? -7.979  5.626   -4.814  1.00 42.73 ? 16  G   A O6    1 
ATOM   316  N  N1    . G   A 1 16 ? -8.618  3.726   -5.930  1.00 37.03 ? 16  G   A N1    1 
ATOM   317  C  C2    . G   A 1 16 ? -8.712  2.954   -7.067  1.00 38.00 ? 16  G   A C2    1 
ATOM   318  N  N2    . G   A 1 16 ? -9.303  1.757   -6.950  1.00 34.58 ? 16  G   A N2    1 
ATOM   319  N  N3    . G   A 1 16 ? -8.259  3.327   -8.250  1.00 37.05 ? 16  G   A N3    1 
ATOM   320  C  C4    . G   A 1 16 ? -7.691  4.544   -8.207  1.00 36.93 ? 16  G   A C4    1 
ATOM   321  P  P     . A   A 1 17 ? -10.090 7.688   -13.132 1.00 48.23 ? 17  A   A P     1 
ATOM   322  O  OP1   . A   A 1 17 ? -9.480  8.393   -14.285 1.00 48.70 ? 17  A   A OP1   1 
ATOM   323  O  OP2   . A   A 1 17 ? -10.028 8.376   -11.823 1.00 49.25 ? 17  A   A OP2   1 
ATOM   324  O  "O5'" . A   A 1 17 ? -11.633 7.346   -13.350 1.00 46.10 ? 17  A   A "O5'" 1 
ATOM   325  C  "C5'" . A   A 1 17 ? -12.534 8.439   -13.374 1.00 53.36 ? 17  A   A "C5'" 1 
ATOM   326  C  "C4'" . A   A 1 17 ? -14.010 8.106   -13.284 1.00 51.01 ? 17  A   A "C4'" 1 
ATOM   327  O  "O4'" . A   A 1 17 ? -14.514 7.410   -14.441 1.00 50.00 ? 17  A   A "O4'" 1 
ATOM   328  C  "C3'" . A   A 1 17 ? -14.584 7.299   -12.136 1.00 46.25 ? 17  A   A "C3'" 1 
ATOM   329  O  "O3'" . A   A 1 17 ? -14.539 7.978   -10.890 1.00 45.21 ? 17  A   A "O3'" 1 
ATOM   330  C  "C2'" . A   A 1 17 ? -16.018 7.104   -12.626 1.00 49.86 ? 17  A   A "C2'" 1 
ATOM   331  O  "O2'" . A   A 1 17 ? -16.747 8.309   -12.431 1.00 52.47 ? 17  A   A "O2'" 1 
ATOM   332  C  "C1'" . A   A 1 17 ? -15.815 6.955   -14.137 1.00 48.07 ? 17  A   A "C1'" 1 
ATOM   333  N  N9    . A   A 1 17 ? -16.063 5.593   -14.636 1.00 46.33 ? 17  A   A N9    1 
ATOM   334  C  C8    . A   A 1 17 ? -15.247 4.502   -14.799 1.00 47.08 ? 17  A   A C8    1 
ATOM   335  N  N7    . A   A 1 17 ? -15.888 3.462   -15.286 1.00 46.90 ? 17  A   A N7    1 
ATOM   336  C  C5    . A   A 1 17 ? -17.198 3.910   -15.453 1.00 46.59 ? 17  A   A C5    1 
ATOM   337  C  C6    . A   A 1 17 ? -18.379 3.303   -15.928 1.00 48.87 ? 17  A   A C6    1 
ATOM   338  N  N6    . A   A 1 17 ? -18.432 2.039   -16.358 1.00 50.23 ? 17  A   A N6    1 
ATOM   339  N  N1    . A   A 1 17 ? -19.520 4.040   -15.942 1.00 49.79 ? 17  A   A N1    1 
ATOM   340  C  C2    . A   A 1 17 ? -19.472 5.307   -15.516 1.00 46.97 ? 17  A   A C2    1 
ATOM   341  N  N3    . A   A 1 17 ? -18.422 5.986   -15.054 1.00 45.88 ? 17  A   A N3    1 
ATOM   342  C  C4    . A   A 1 17 ? -17.314 5.220   -15.047 1.00 45.56 ? 17  A   A C4    1 
ATOM   343  P  P     . A   A 1 18 ? -14.992 7.254   -9.518  1.00 44.89 ? 18  A   A P     1 
ATOM   344  O  OP1   . A   A 1 18 ? -14.676 8.253   -8.463  1.00 43.33 ? 18  A   A OP1   1 
ATOM   345  O  OP2   . A   A 1 18 ? -14.466 5.864   -9.491  1.00 44.18 ? 18  A   A OP2   1 
ATOM   346  O  "O5'" . A   A 1 18 ? -16.575 7.032   -9.604  1.00 44.85 ? 18  A   A "O5'" 1 
ATOM   347  C  "C5'" . A   A 1 18 ? -17.502 8.094   -9.424  1.00 38.96 ? 18  A   A "C5'" 1 
ATOM   348  C  "C4'" . A   A 1 18 ? -18.916 7.629   -9.678  1.00 44.88 ? 18  A   A "C4'" 1 
ATOM   349  O  "O4'" . A   A 1 18 ? -19.041 7.125   -11.031 1.00 47.63 ? 18  A   A "O4'" 1 
ATOM   350  C  "C3'" . A   A 1 18 ? -19.415 6.480   -8.816  1.00 46.37 ? 18  A   A "C3'" 1 
ATOM   351  O  "O3'" . A   A 1 18 ? -19.831 6.902   -7.535  1.00 45.65 ? 18  A   A "O3'" 1 
ATOM   352  C  "C2'" . A   A 1 18 ? -20.542 5.888   -9.661  1.00 51.77 ? 18  A   A "C2'" 1 
ATOM   353  O  "O2'" . A   A 1 18 ? -21.753 6.620   -9.527  1.00 51.22 ? 18  A   A "O2'" 1 
ATOM   354  C  "C1'" . A   A 1 18 ? -20.001 6.088   -11.075 1.00 46.53 ? 18  A   A "C1'" 1 
ATOM   355  N  N9    . A   A 1 18 ? -19.372 4.855   -11.576 1.00 50.08 ? 18  A   A N9    1 
ATOM   356  C  C8    . A   A 1 18 ? -18.100 4.373   -11.391 1.00 48.71 ? 18  A   A C8    1 
ATOM   357  N  N7    . A   A 1 18 ? -17.901 3.211   -11.969 1.00 48.33 ? 18  A   A N7    1 
ATOM   358  C  C5    . A   A 1 18 ? -19.119 2.910   -12.566 1.00 48.42 ? 18  A   A C5    1 
ATOM   359  C  C6    . A   A 1 18 ? -19.573 1.815   -13.339 1.00 51.23 ? 18  A   A C6    1 
ATOM   360  N  N6    . A   A 1 18 ? -18.831 0.752   -13.677 1.00 35.15 ? 18  A   A N6    1 
ATOM   361  N  N1    . A   A 1 18 ? -20.861 1.858   -13.759 1.00 57.06 ? 18  A   A N1    1 
ATOM   362  C  C2    . A   A 1 18 ? -21.629 2.915   -13.438 1.00 53.28 ? 18  A   A C2    1 
ATOM   363  N  N3    . A   A 1 18 ? -21.317 3.996   -12.726 1.00 51.20 ? 18  A   A N3    1 
ATOM   364  C  C4    . A   A 1 18 ? -20.036 3.918   -12.318 1.00 49.27 ? 18  A   A C4    1 
ATOM   365  P  P     . G   A 1 19 ? -18.811 6.822   -6.300  1.00 53.81 ? 19  G   A P     1 
ATOM   366  O  OP1   . G   A 1 19 ? -18.202 8.175   -6.138  1.00 45.15 ? 19  G   A OP1   1 
ATOM   367  O  OP2   . G   A 1 19 ? -17.936 5.630   -6.487  1.00 48.32 ? 19  G   A OP2   1 
ATOM   368  O  "O5'" . G   A 1 19 ? -19.755 6.486   -5.065  1.00 41.33 ? 19  G   A "O5'" 1 
ATOM   369  C  "C5'" . G   A 1 19 ? -20.443 5.249   -5.015  1.00 41.56 ? 19  G   A "C5'" 1 
ATOM   370  C  "C4'" . G   A 1 19 ? -20.189 4.557   -3.708  1.00 42.05 ? 19  G   A "C4'" 1 
ATOM   371  O  "O4'" . G   A 1 19 ? -18.843 4.008   -3.685  1.00 40.29 ? 19  G   A "O4'" 1 
ATOM   372  C  "C3'" . G   A 1 19 ? -20.235 5.464   -2.491  1.00 39.41 ? 19  G   A "C3'" 1 
ATOM   373  O  "O3'" . G   A 1 19 ? -21.556 5.731   -2.058  1.00 37.79 ? 19  G   A "O3'" 1 
ATOM   374  C  "C2'" . G   A 1 19 ? -19.378 4.706   -1.488  1.00 36.90 ? 19  G   A "C2'" 1 
ATOM   375  O  "O2'" . G   A 1 19 ? -20.089 3.608   -0.940  1.00 36.17 ? 19  G   A "O2'" 1 
ATOM   376  C  "C1'" . G   A 1 19 ? -18.283 4.162   -2.397  1.00 37.84 ? 19  G   A "C1'" 1 
ATOM   377  N  N9    . G   A 1 19 ? -17.152 5.100   -2.504  1.00 33.94 ? 19  G   A N9    1 
ATOM   378  C  C8    . G   A 1 19 ? -16.702 5.669   -3.665  1.00 36.67 ? 19  G   A C8    1 
ATOM   379  N  N7    . G   A 1 19 ? -15.682 6.467   -3.485  1.00 40.67 ? 19  G   A N7    1 
ATOM   380  C  C5    . G   A 1 19 ? -15.449 6.425   -2.124  1.00 35.47 ? 19  G   A C5    1 
ATOM   381  C  C6    . G   A 1 19 ? -14.469 7.097   -1.365  1.00 34.24 ? 19  G   A C6    1 
ATOM   382  O  O6    . G   A 1 19 ? -13.596 7.880   -1.768  1.00 36.80 ? 19  G   A O6    1 
ATOM   383  N  N1    . G   A 1 19 ? -14.576 6.784   -0.014  1.00 33.28 ? 19  G   A N1    1 
ATOM   384  C  C2    . G   A 1 19 ? -15.509 5.937   0.529   1.00 33.92 ? 19  G   A C2    1 
ATOM   385  N  N2    . G   A 1 19 ? -15.442 5.762   1.858   1.00 31.70 ? 19  G   A N2    1 
ATOM   386  N  N3    . G   A 1 19 ? -16.437 5.306   -0.179  1.00 34.85 ? 19  G   A N3    1 
ATOM   387  C  C4    . G   A 1 19 ? -16.346 5.587   -1.495  1.00 35.10 ? 19  G   A C4    1 
ATOM   388  P  P     . U   A 1 20 ? -21.957 7.187   -1.524  1.00 39.79 ? 20  U   A P     1 
ATOM   389  O  OP1   . U   A 1 20 ? -23.425 7.177   -1.307  1.00 38.36 ? 20  U   A OP1   1 
ATOM   390  O  OP2   . U   A 1 20 ? -21.291 8.275   -2.291  1.00 36.11 ? 20  U   A OP2   1 
ATOM   391  O  "O5'" . U   A 1 20 ? -21.303 7.209   -0.087  1.00 41.25 ? 20  U   A "O5'" 1 
ATOM   392  C  "C5'" . U   A 1 20 ? -21.531 6.146   0.814   1.00 32.44 ? 20  U   A "C5'" 1 
ATOM   393  C  "C4'" . U   A 1 20 ? -20.706 6.348   2.038   1.00 29.41 ? 20  U   A "C4'" 1 
ATOM   394  O  "O4'" . U   A 1 20 ? -19.308 6.221   1.704   1.00 31.35 ? 20  U   A "O4'" 1 
ATOM   395  C  "C3'" . U   A 1 20 ? -20.794 7.728   2.646   1.00 27.53 ? 20  U   A "C3'" 1 
ATOM   396  O  "O3'" . U   A 1 20 ? -21.944 7.877   3.428   1.00 34.94 ? 20  U   A "O3'" 1 
ATOM   397  C  "C2'" . U   A 1 20 ? -19.526 7.784   3.455   1.00 30.60 ? 20  U   A "C2'" 1 
ATOM   398  O  "O2'" . U   A 1 20 ? -19.670 6.944   4.591   1.00 32.99 ? 20  U   A "O2'" 1 
ATOM   399  C  "C1'" . U   A 1 20 ? -18.557 7.106   2.500   1.00 31.92 ? 20  U   A "C1'" 1 
ATOM   400  N  N1    . U   A 1 20 ? -17.854 8.059   1.611   1.00 37.85 ? 20  U   A N1    1 
ATOM   401  C  C2    . U   A 1 20 ? -16.816 8.774   2.172   1.00 30.82 ? 20  U   A C2    1 
ATOM   402  O  O2    . U   A 1 20 ? -16.490 8.696   3.338   1.00 31.77 ? 20  U   A O2    1 
ATOM   403  N  N3    . U   A 1 20 ? -16.171 9.602   1.305   1.00 30.88 ? 20  U   A N3    1 
ATOM   404  C  C4    . U   A 1 20 ? -16.408 9.819   -0.024  1.00 33.02 ? 20  U   A C4    1 
ATOM   405  O  O4    . U   A 1 20 ? -15.682 10.630  -0.603  1.00 32.87 ? 20  U   A O4    1 
ATOM   406  C  C5    . U   A 1 20 ? -17.495 9.041   -0.549  1.00 35.00 ? 20  U   A C5    1 
ATOM   407  C  C6    . U   A 1 20 ? -18.164 8.197   0.264   1.00 35.75 ? 20  U   A C6    1 
ATOM   408  P  P     . C   A 1 21 ? -22.642 9.301   3.587   1.00 28.69 ? 21  C   A P     1 
ATOM   409  O  OP1   . C   A 1 21 ? -23.959 8.937   4.149   1.00 29.02 ? 21  C   A OP1   1 
ATOM   410  O  OP2   . C   A 1 21 ? -22.495 10.103  2.354   1.00 30.02 ? 21  C   A OP2   1 
ATOM   411  O  "O5'" . C   A 1 21 ? -21.756 10.078  4.665   1.00 32.68 ? 21  C   A "O5'" 1 
ATOM   412  C  "C5'" . C   A 1 21 ? -21.547 9.593   5.984   1.00 22.24 ? 21  C   A "C5'" 1 
ATOM   413  C  "C4'" . C   A 1 21 ? -20.318 10.219  6.598   1.00 29.52 ? 21  C   A "C4'" 1 
ATOM   414  O  "O4'" . C   A 1 21 ? -19.143 9.888   5.809   1.00 29.83 ? 21  C   A "O4'" 1 
ATOM   415  C  "C3'" . C   A 1 21 ? -20.291 11.743  6.684   1.00 28.92 ? 21  C   A "C3'" 1 
ATOM   416  O  "O3'" . C   A 1 21 ? -20.994 12.234  7.811   1.00 28.04 ? 21  C   A "O3'" 1 
ATOM   417  C  "C2'" . C   A 1 21 ? -18.798 12.046  6.747   1.00 30.77 ? 21  C   A "C2'" 1 
ATOM   418  O  "O2'" . C   A 1 21 ? -18.299 11.837  8.061   1.00 32.09 ? 21  C   A "O2'" 1 
ATOM   419  C  "C1'" . C   A 1 21 ? -18.224 10.958  5.841   1.00 30.61 ? 21  C   A "C1'" 1 
ATOM   420  N  N1    . C   A 1 21 ? -18.017 11.456  4.469   1.00 30.56 ? 21  C   A N1    1 
ATOM   421  C  C2    . C   A 1 21 ? -16.855 12.189  4.235   1.00 31.28 ? 21  C   A C2    1 
ATOM   422  O  O2    . C   A 1 21 ? -16.072 12.371  5.176   1.00 27.19 ? 21  C   A O2    1 
ATOM   423  N  N3    . C   A 1 21 ? -16.620 12.675  2.999   1.00 28.88 ? 21  C   A N3    1 
ATOM   424  C  C4    . C   A 1 21 ? -17.493 12.431  2.035   1.00 25.94 ? 21  C   A C4    1 
ATOM   425  N  N4    . C   A 1 21 ? -17.226 12.925  0.832   1.00 26.64 ? 21  C   A N4    1 
ATOM   426  C  C5    . C   A 1 21 ? -18.681 11.688  2.256   1.00 29.50 ? 21  C   A C5    1 
ATOM   427  C  C6    . C   A 1 21 ? -18.917 11.223  3.480   1.00 26.72 ? 21  C   A C6    1 
ATOM   428  P  P     . G   A 1 22 ? -21.444 13.774  7.910   1.00 31.90 ? 22  G   A P     1 
ATOM   429  O  OP1   . G   A 1 22 ? -22.342 13.830  9.085   1.00 41.28 ? 22  G   A OP1   1 
ATOM   430  O  OP2   . G   A 1 22 ? -21.882 14.270  6.590   1.00 32.08 ? 22  G   A OP2   1 
ATOM   431  O  "O5'" . G   A 1 22 ? -20.114 14.595  8.208   1.00 29.00 ? 22  G   A "O5'" 1 
ATOM   432  C  "C5'" . G   A 1 22 ? -19.405 14.470  9.428   1.00 30.72 ? 22  G   A "C5'" 1 
ATOM   433  C  "C4'" . G   A 1 22 ? -18.183 15.354  9.419   1.00 32.72 ? 22  G   A "C4'" 1 
ATOM   434  O  "O4'" . G   A 1 22 ? -17.277 14.951  8.358   1.00 33.50 ? 22  G   A "O4'" 1 
ATOM   435  C  "C3'" . G   A 1 22 ? -18.434 16.823  9.133   1.00 31.12 ? 22  G   A "C3'" 1 
ATOM   436  O  "O3'" . G   A 1 22 ? -18.879 17.531  10.265  1.00 36.34 ? 22  G   A "O3'" 1 
ATOM   437  C  "C2'" . G   A 1 22 ? -17.086 17.301  8.644   1.00 31.35 ? 22  G   A "C2'" 1 
ATOM   438  O  "O2'" . G   A 1 22 ? -16.217 17.479  9.751   1.00 36.06 ? 22  G   A "O2'" 1 
ATOM   439  C  "C1'" . G   A 1 22 ? -16.612 16.090  7.846   1.00 34.21 ? 22  G   A "C1'" 1 
ATOM   440  N  N9    . G   A 1 22 ? -16.885 16.214  6.400   1.00 32.95 ? 22  G   A N9    1 
ATOM   441  C  C8    . G   A 1 22 ? -17.826 15.537  5.659   1.00 30.63 ? 22  G   A C8    1 
ATOM   442  N  N7    . G   A 1 22 ? -17.796 15.859  4.394   1.00 29.31 ? 22  G   A N7    1 
ATOM   443  C  C5    . G   A 1 22 ? -16.777 16.797  4.284   1.00 31.30 ? 22  G   A C5    1 
ATOM   444  C  C6    . G   A 1 22 ? -16.279 17.503  3.155   1.00 31.05 ? 22  G   A C6    1 
ATOM   445  O  O6    . G   A 1 22 ? -16.644 17.446  1.979   1.00 33.44 ? 22  G   A O6    1 
ATOM   446  N  N1    . G   A 1 22 ? -15.239 18.357  3.486   1.00 32.60 ? 22  G   A N1    1 
ATOM   447  C  C2    . G   A 1 22 ? -14.729 18.527  4.750   1.00 37.30 ? 22  G   A C2    1 
ATOM   448  N  N2    . G   A 1 22 ? -13.712 19.406  4.839   1.00 35.09 ? 22  G   A N2    1 
ATOM   449  N  N3    . G   A 1 22 ? -15.185 17.872  5.826   1.00 34.58 ? 22  G   A N3    1 
ATOM   450  C  C4    . G   A 1 22 ? -16.197 17.023  5.519   1.00 33.61 ? 22  G   A C4    1 
ATOM   451  P  P     . C   A 1 23 ? -19.907 18.749  10.089  1.00 36.52 ? 23  C   A P     1 
ATOM   452  O  OP1   . C   A 1 23 ? -20.274 19.206  11.461  1.00 30.28 ? 23  C   A OP1   1 
ATOM   453  O  OP2   . C   A 1 23 ? -20.965 18.284  9.142   1.00 31.91 ? 23  C   A OP2   1 
ATOM   454  O  "O5'" . C   A 1 23 ? -19.047 19.886  9.366   1.00 30.41 ? 23  C   A "O5'" 1 
ATOM   455  C  "C5'" . C   A 1 23 ? -17.901 20.452  9.982   1.00 31.57 ? 23  C   A "C5'" 1 
ATOM   456  C  "C4'" . C   A 1 23 ? -17.219 21.442  9.075   1.00 38.37 ? 23  C   A "C4'" 1 
ATOM   457  O  "O4'" . C   A 1 23 ? -16.603 20.745  7.958   1.00 40.23 ? 23  C   A "O4'" 1 
ATOM   458  C  "C3'" . C   A 1 23 ? -18.114 22.485  8.404   1.00 40.21 ? 23  C   A "C3'" 1 
ATOM   459  O  "O3'" . C   A 1 23 ? -18.485 23.557  9.255   1.00 41.85 ? 23  C   A "O3'" 1 
ATOM   460  C  "C2'" . C   A 1 23 ? -17.281 22.909  7.196   1.00 40.99 ? 23  C   A "C2'" 1 
ATOM   461  O  "O2'" . C   A 1 23 ? -16.277 23.859  7.553   1.00 42.78 ? 23  C   A "O2'" 1 
ATOM   462  C  "C1'" . C   A 1 23 ? -16.608 21.580  6.810   1.00 44.19 ? 23  C   A "C1'" 1 
ATOM   463  N  N1    . C   A 1 23 ? -17.340 20.909  5.708   1.00 42.03 ? 23  C   A N1    1 
ATOM   464  C  C2    . C   A 1 23 ? -16.864 21.114  4.405   1.00 41.37 ? 23  C   A C2    1 
ATOM   465  O  O2    . C   A 1 23 ? -15.839 21.811  4.261   1.00 39.53 ? 23  C   A O2    1 
ATOM   466  N  N3    . C   A 1 23 ? -17.525 20.546  3.362   1.00 35.23 ? 23  C   A N3    1 
ATOM   467  C  C4    . C   A 1 23 ? -18.614 19.810  3.594   1.00 35.22 ? 23  C   A C4    1 
ATOM   468  N  N4    . C   A 1 23 ? -19.239 19.265  2.548   1.00 37.61 ? 23  C   A N4    1 
ATOM   469  C  C5    . C   A 1 23 ? -19.131 19.595  4.907   1.00 34.72 ? 23  C   A C5    1 
ATOM   470  C  C6    . C   A 1 23 ? -18.478 20.168  5.925   1.00 35.95 ? 23  C   A C6    1 
ATOM   471  P  P     . G   B 1 3  ? -16.137 22.488  -7.853  1.00 93.74 ? 26  G   B P     1 
ATOM   472  O  OP1   . G   B 1 3  ? -15.595 22.892  -9.182  1.00 84.94 ? 26  G   B OP1   1 
ATOM   473  O  OP2   . G   B 1 3  ? -16.587 21.084  -7.625  1.00 74.49 ? 26  G   B OP2   1 
ATOM   474  O  "O5'" . G   B 1 3  ? -15.062 22.880  -6.737  1.00 71.43 ? 26  G   B "O5'" 1 
ATOM   475  C  "C5'" . G   B 1 3  ? -14.391 24.135  -6.771  1.00 62.79 ? 26  G   B "C5'" 1 
ATOM   476  C  "C4'" . G   B 1 3  ? -13.961 24.584  -5.392  1.00 65.40 ? 26  G   B "C4'" 1 
ATOM   477  O  "O4'" . G   B 1 3  ? -15.123 24.889  -4.575  1.00 66.67 ? 26  G   B "O4'" 1 
ATOM   478  C  "C3'" . G   B 1 3  ? -13.190 23.574  -4.558  1.00 57.31 ? 26  G   B "C3'" 1 
ATOM   479  O  "O3'" . G   B 1 3  ? -11.821 23.503  -4.898  1.00 56.32 ? 26  G   B "O3'" 1 
ATOM   480  C  "C2'" . G   B 1 3  ? -13.424 24.068  -3.139  1.00 57.17 ? 26  G   B "C2'" 1 
ATOM   481  O  "O2'" . G   B 1 3  ? -12.600 25.191  -2.861  1.00 56.93 ? 26  G   B "O2'" 1 
ATOM   482  C  "C1'" . G   B 1 3  ? -14.864 24.553  -3.227  1.00 55.74 ? 26  G   B "C1'" 1 
ATOM   483  N  N9    . G   B 1 3  ? -15.835 23.529  -2.794  1.00 55.67 ? 26  G   B N9    1 
ATOM   484  C  C8    . G   B 1 3  ? -16.747 22.878  -3.593  1.00 56.31 ? 26  G   B C8    1 
ATOM   485  N  N7    . G   B 1 3  ? -17.511 22.051  -2.931  1.00 53.39 ? 26  G   B N7    1 
ATOM   486  C  C5    . G   B 1 3  ? -17.092 22.162  -1.609  1.00 50.44 ? 26  G   B C5    1 
ATOM   487  C  C6    . G   B 1 3  ? -17.558 21.489  -0.440  1.00 46.48 ? 26  G   B C6    1 
ATOM   488  O  O6    . G   B 1 3  ? -18.464 20.641  -0.356  1.00 44.61 ? 26  G   B O6    1 
ATOM   489  N  N1    . G   B 1 3  ? -16.846 21.899  0.692   1.00 42.12 ? 26  G   B N1    1 
ATOM   490  C  C2    . G   B 1 3  ? -15.821 22.831  0.686   1.00 44.73 ? 26  G   B C2    1 
ATOM   491  N  N2    . G   B 1 3  ? -15.248 23.115  1.871   1.00 38.62 ? 26  G   B N2    1 
ATOM   492  N  N3    . G   B 1 3  ? -15.379 23.454  -0.403  1.00 44.21 ? 26  G   B N3    1 
ATOM   493  C  C4    . G   B 1 3  ? -16.052 23.073  -1.510  1.00 46.94 ? 26  G   B C4    1 
ATOM   494  P  P     . C   B 1 4  ? -10.994 22.174  -4.553  1.00 65.59 ? 27  C   B P     1 
ATOM   495  O  OP1   . C   B 1 4  ? -9.644  22.264  -5.177  1.00 58.34 ? 27  C   B OP1   1 
ATOM   496  O  OP2   . C   B 1 4  ? -11.913 21.036  -4.862  1.00 55.45 ? 27  C   B OP2   1 
ATOM   497  O  "O5'" . C   B 1 4  ? -10.789 22.240  -2.975  1.00 53.10 ? 27  C   B "O5'" 1 
ATOM   498  C  "C5'" . C   B 1 4  ? -9.986  23.243  -2.373  1.00 48.11 ? 27  C   B "C5'" 1 
ATOM   499  C  "C4'" . C   B 1 4  ? -9.930  23.069  -0.875  1.00 47.26 ? 27  C   B "C4'" 1 
ATOM   500  O  "O4'" . C   B 1 4  ? -11.263 23.200  -0.308  1.00 45.84 ? 27  C   B "O4'" 1 
ATOM   501  C  "C3'" . C   B 1 4  ? -9.468  21.707  -0.389  1.00 45.51 ? 27  C   B "C3'" 1 
ATOM   502  O  "O3'" . C   B 1 4  ? -8.068  21.526  -0.429  1.00 44.23 ? 27  C   B "O3'" 1 
ATOM   503  C  "C2'" . C   B 1 4  ? -10.060 21.634  1.010   1.00 42.66 ? 27  C   B "C2'" 1 
ATOM   504  O  "O2'" . C   B 1 4  ? -9.282  22.401  1.922   1.00 43.57 ? 27  C   B "O2'" 1 
ATOM   505  C  "C1'" . C   B 1 4  ? -11.402 22.329  0.800   1.00 42.52 ? 27  C   B "C1'" 1 
ATOM   506  N  N1    . C   B 1 4  ? -12.508 21.380  0.524   1.00 40.16 ? 27  C   B N1    1 
ATOM   507  C  C2    . C   B 1 4  ? -13.181 20.804  1.600   1.00 37.72 ? 27  C   B C2    1 
ATOM   508  O  O2    . C   B 1 4  ? -12.815 21.074  2.755   1.00 41.97 ? 27  C   B O2    1 
ATOM   509  N  N3    . C   B 1 4  ? -14.216 19.969  1.363   1.00 37.37 ? 27  C   B N3    1 
ATOM   510  C  C4    . C   B 1 4  ? -14.595 19.694  0.113   1.00 39.03 ? 27  C   B C4    1 
ATOM   511  N  N4    . C   B 1 4  ? -15.622 18.859  -0.049  1.00 33.78 ? 27  C   B N4    1 
ATOM   512  C  C5    . C   B 1 4  ? -13.928 20.258  -1.014  1.00 41.82 ? 27  C   B C5    1 
ATOM   513  C  C6    . C   B 1 4  ? -12.910 21.092  -0.759  1.00 45.76 ? 27  C   B C6    1 
ATOM   514  P  P     . G   B 1 5  ? -7.511  20.030  -0.498  1.00 51.30 ? 28  G   B P     1 
ATOM   515  O  OP1   . G   B 1 5  ? -6.044  20.012  -0.264  1.00 44.20 ? 28  G   B OP1   1 
ATOM   516  O  OP2   . G   B 1 5  ? -8.133  19.400  -1.700  1.00 48.53 ? 28  G   B OP2   1 
ATOM   517  O  "O5'" . G   B 1 5  ? -8.277  19.323  0.702   1.00 51.70 ? 28  G   B "O5'" 1 
ATOM   518  C  "C5'" . G   B 1 5  ? -7.633  18.461  1.613   1.00 42.34 ? 28  G   B "C5'" 1 
ATOM   519  C  "C4'" . G   B 1 5  ? -8.474  18.295  2.849   1.00 40.57 ? 28  G   B "C4'" 1 
ATOM   520  O  "O4'" . G   B 1 5  ? -9.831  18.730  2.594   1.00 35.69 ? 28  G   B "O4'" 1 
ATOM   521  C  "C3'" . G   B 1 5  ? -8.640  16.874  3.328   1.00 40.97 ? 28  G   B "C3'" 1 
ATOM   522  O  "O3'" . G   B 1 5  ? -7.506  16.399  4.017   1.00 38.08 ? 28  G   B "O3'" 1 
ATOM   523  C  "C2'" . G   B 1 5  ? -9.905  16.952  4.165   1.00 34.70 ? 28  G   B "C2'" 1 
ATOM   524  O  "O2'" . G   B 1 5  ? -9.633  17.507  5.439   1.00 34.49 ? 28  G   B "O2'" 1 
ATOM   525  C  "C1'" . G   B 1 5  ? -10.730 17.956  3.358   1.00 36.33 ? 28  G   B "C1'" 1 
ATOM   526  N  N9    . G   B 1 5  ? -11.667 17.290  2.438   1.00 33.48 ? 28  G   B N9    1 
ATOM   527  C  C8    . G   B 1 5  ? -11.738 17.451  1.084   1.00 34.65 ? 28  G   B C8    1 
ATOM   528  N  N7    . G   B 1 5  ? -12.672 16.721  0.538   1.00 34.19 ? 28  G   B N7    1 
ATOM   529  C  C5    . G   B 1 5  ? -13.253 16.039  1.597   1.00 33.47 ? 28  G   B C5    1 
ATOM   530  C  C6    . G   B 1 5  ? -14.323 15.097  1.624   1.00 32.75 ? 28  G   B C6    1 
ATOM   531  O  O6    . G   B 1 5  ? -14.988 14.668  0.676   1.00 31.24 ? 28  G   B O6    1 
ATOM   532  N  N1    . G   B 1 5  ? -14.588 14.644  2.919   1.00 31.66 ? 28  G   B N1    1 
ATOM   533  C  C2    . G   B 1 5  ? -13.908 15.066  4.039   1.00 33.58 ? 28  G   B C2    1 
ATOM   534  N  N2    . G   B 1 5  ? -14.284 14.539  5.213   1.00 33.51 ? 28  G   B N2    1 
ATOM   535  N  N3    . G   B 1 5  ? -12.919 15.945  4.019   1.00 34.01 ? 28  G   B N3    1 
ATOM   536  C  C4    . G   B 1 5  ? -12.642 16.386  2.779   1.00 32.07 ? 28  G   B C4    1 
ATOM   537  P  P     . U   B 1 6  ? -6.834  15.046  3.514   1.00 43.12 ? 29  U   B P     1 
ATOM   538  O  OP1   . U   B 1 6  ? -5.377  15.045  3.847   1.00 39.88 ? 29  U   B OP1   1 
ATOM   539  O  OP2   . U   B 1 6  ? -7.276  14.871  2.100   1.00 41.09 ? 29  U   B OP2   1 
ATOM   540  O  "O5'" . U   B 1 6  ? -7.573  13.952  4.404   1.00 38.01 ? 29  U   B "O5'" 1 
ATOM   541  C  "C5'" . U   B 1 6  ? -7.606  14.084  5.812   1.00 31.58 ? 29  U   B "C5'" 1 
ATOM   542  C  "C4'" . U   B 1 6  ? -8.695  13.252  6.431   1.00 34.50 ? 29  U   B "C4'" 1 
ATOM   543  O  "O4'" . U   B 1 6  ? -9.995  13.754  6.036   1.00 38.45 ? 29  U   B "O4'" 1 
ATOM   544  C  "C3'" . U   B 1 6  ? -8.764  11.791  6.035   1.00 35.41 ? 29  U   B "C3'" 1 
ATOM   545  O  "O3'" . U   B 1 6  ? -7.757  10.980  6.612   1.00 37.95 ? 29  U   B "O3'" 1 
ATOM   546  C  "C2'" . U   B 1 6  ? -10.180 11.426  6.453   1.00 36.50 ? 29  U   B "C2'" 1 
ATOM   547  O  "O2'" . U   B 1 6  ? -10.275 11.290  7.865   1.00 37.60 ? 29  U   B "O2'" 1 
ATOM   548  C  "C1'" . U   B 1 6  ? -10.932 12.693  6.041   1.00 36.55 ? 29  U   B "C1'" 1 
ATOM   549  N  N1    . U   B 1 6  ? -11.492 12.549  4.686   1.00 38.33 ? 29  U   B N1    1 
ATOM   550  C  C2    . U   B 1 6  ? -12.598 11.732  4.554   1.00 33.63 ? 29  U   B C2    1 
ATOM   551  O  O2    . U   B 1 6  ? -13.134 11.153  5.487   1.00 32.45 ? 29  U   B O2    1 
ATOM   552  N  N3    . U   B 1 6  ? -13.043 11.622  3.275   1.00 29.18 ? 29  U   B N3    1 
ATOM   553  C  C4    . U   B 1 6  ? -12.535 12.206  2.130   1.00 33.11 ? 29  U   B C4    1 
ATOM   554  O  O4    . U   B 1 6  ? -13.078 11.996  1.036   1.00 33.67 ? 29  U   B O4    1 
ATOM   555  C  C5    . U   B 1 6  ? -11.390 13.028  2.359   1.00 35.78 ? 29  U   B C5    1 
ATOM   556  C  C6    . U   B 1 6  ? -10.912 13.167  3.602   1.00 36.19 ? 29  U   B C6    1 
ATOM   557  P  P     . C   B 1 7  ? -7.109  9.798   5.737   1.00 36.36 ? 30  C   B P     1 
ATOM   558  O  OP1   . C   B 1 7  ? -5.992  9.222   6.529   1.00 46.72 ? 30  C   B OP1   1 
ATOM   559  O  OP2   . C   B 1 7  ? -6.886  10.307  4.359   1.00 33.56 ? 30  C   B OP2   1 
ATOM   560  O  "O5'" . C   B 1 7  ? -8.261  8.704   5.669   1.00 38.32 ? 30  C   B "O5'" 1 
ATOM   561  C  "C5'" . C   B 1 7  ? -8.770  8.140   6.865   1.00 33.39 ? 30  C   B "C5'" 1 
ATOM   562  C  "C4'" . C   B 1 7  ? -10.054 7.393   6.633   1.00 33.73 ? 30  C   B "C4'" 1 
ATOM   563  O  "O4'" . C   B 1 7  ? -11.062 8.276   6.075   1.00 35.50 ? 30  C   B "O4'" 1 
ATOM   564  C  "C3'" . C   B 1 7  ? -10.013 6.234   5.651   1.00 32.38 ? 30  C   B "C3'" 1 
ATOM   565  O  "O3'" . C   B 1 7  ? -9.452  5.067   6.213   1.00 34.68 ? 30  C   B "O3'" 1 
ATOM   566  C  "C2'" . C   B 1 7  ? -11.486 6.075   5.309   1.00 31.35 ? 30  C   B "C2'" 1 
ATOM   567  O  "O2'" . C   B 1 7  ? -12.180 5.485   6.397   1.00 27.26 ? 30  C   B "O2'" 1 
ATOM   568  C  "C1'" . C   B 1 7  ? -11.921 7.537   5.226   1.00 34.31 ? 30  C   B "C1'" 1 
ATOM   569  N  N1    . C   B 1 7  ? -11.838 8.060   3.834   1.00 32.17 ? 30  C   B N1    1 
ATOM   570  C  C2    . C   B 1 7  ? -12.827 7.663   2.917   1.00 29.12 ? 30  C   B C2    1 
ATOM   571  O  O2    . C   B 1 7  ? -13.737 6.898   3.282   1.00 27.86 ? 30  C   B O2    1 
ATOM   572  N  N3    . C   B 1 7  ? -12.769 8.105   1.643   1.00 27.32 ? 30  C   B N3    1 
ATOM   573  C  C4    . C   B 1 7  ? -11.803 8.929   1.262   1.00 30.69 ? 30  C   B C4    1 
ATOM   574  N  N4    . C   B 1 7  ? -11.819 9.347   -0.005  1.00 34.57 ? 30  C   B N4    1 
ATOM   575  C  C5    . C   B 1 7  ? -10.789 9.363   2.167   1.00 31.17 ? 30  C   B C5    1 
ATOM   576  C  C6    . C   B 1 7  ? -10.837 8.899   3.424   1.00 31.24 ? 30  C   B C6    1 
ATOM   577  P  P     . A   B 1 8  ? -8.780  3.919   5.305   1.00 41.69 ? 31  A   B P     1 
ATOM   578  O  OP1   . A   B 1 8  ? -8.387  2.930   6.340   1.00 41.29 ? 31  A   B OP1   1 
ATOM   579  O  OP2   . A   B 1 8  ? -7.783  4.479   4.346   1.00 34.00 ? 31  A   B OP2   1 
ATOM   580  O  "O5'" . A   B 1 8  ? -9.955  3.295   4.421   1.00 31.64 ? 31  A   B "O5'" 1 
ATOM   581  C  "C5'" . A   B 1 8  ? -11.043 2.615   5.021   1.00 31.77 ? 31  A   B "C5'" 1 
ATOM   582  C  "C4'" . A   B 1 8  ? -12.017 2.086   3.989   1.00 37.61 ? 31  A   B "C4'" 1 
ATOM   583  O  "O4'" . A   B 1 8  ? -12.713 3.174   3.321   1.00 33.80 ? 31  A   B "O4'" 1 
ATOM   584  C  "C3'" . A   B 1 8  ? -11.433 1.270   2.846   1.00 36.87 ? 31  A   B "C3'" 1 
ATOM   585  O  "O3'" . A   B 1 8  ? -11.126 -0.064  3.224   1.00 32.73 ? 31  A   B "O3'" 1 
ATOM   586  C  "C2'" . A   B 1 8  ? -12.529 1.364   1.792   1.00 33.98 ? 31  A   B "C2'" 1 
ATOM   587  O  "O2'" . A   B 1 8  ? -13.579 0.465   2.098   1.00 30.13 ? 31  A   B "O2'" 1 
ATOM   588  C  "C1'" . A   B 1 8  ? -13.026 2.802   1.996   1.00 32.73 ? 31  A   B "C1'" 1 
ATOM   589  N  N9    . A   B 1 8  ? -12.347 3.735   1.076   1.00 34.38 ? 31  A   B N9    1 
ATOM   590  C  C8    . A   B 1 8  ? -11.277 4.565   1.326   1.00 32.94 ? 31  A   B C8    1 
ATOM   591  N  N7    . A   B 1 8  ? -10.872 5.258   0.284   1.00 30.73 ? 31  A   B N7    1 
ATOM   592  C  C5    . A   B 1 8  ? -11.728 4.842   -0.727  1.00 34.97 ? 31  A   B C5    1 
ATOM   593  C  C6    . A   B 1 8  ? -11.818 5.192   -2.087  1.00 32.87 ? 31  A   B C6    1 
ATOM   594  N  N6    . A   B 1 8  ? -11.019 6.077   -2.684  1.00 34.26 ? 31  A   B N6    1 
ATOM   595  N  N1    . A   B 1 8  ? -12.783 4.587   -2.811  1.00 36.55 ? 31  A   B N1    1 
ATOM   596  C  C2    . A   B 1 8  ? -13.598 3.696   -2.216  1.00 35.00 ? 31  A   B C2    1 
ATOM   597  N  N3    . A   B 1 8  ? -13.616 3.279   -0.951  1.00 31.69 ? 31  A   B N3    1 
ATOM   598  C  C4    . A   B 1 8  ? -12.643 3.901   -0.255  1.00 34.58 ? 31  A   B C4    1 
ATOM   599  P  P     . C   B 1 9  ? -9.778  -0.764  2.699   1.00 32.63 ? 32  C   B P     1 
ATOM   600  O  OP1   . C   B 1 9  ? -9.643  -2.048  3.446   1.00 39.80 ? 32  C   B OP1   1 
ATOM   601  O  OP2   . C   B 1 9  ? -8.683  0.242   2.698   1.00 31.04 ? 32  C   B OP2   1 
ATOM   602  O  "O5'" . C   B 1 9  ? -10.095 -1.129  1.183   1.00 36.89 ? 32  C   B "O5'" 1 
ATOM   603  C  "C5'" . C   B 1 9  ? -11.272 -1.840  0.823   1.00 33.18 ? 32  C   B "C5'" 1 
ATOM   604  C  "C4'" . C   B 1 9  ? -11.424 -1.889  -0.672  1.00 39.06 ? 32  C   B "C4'" 1 
ATOM   605  O  "O4'" . C   B 1 9  ? -11.878 -0.603  -1.171  1.00 39.50 ? 32  C   B "O4'" 1 
ATOM   606  C  "C3'" . C   B 1 9  ? -10.143 -2.143  -1.445  1.00 42.56 ? 32  C   B "C3'" 1 
ATOM   607  O  "O3'" . C   B 1 9  ? -9.771  -3.507  -1.468  1.00 43.20 ? 32  C   B "O3'" 1 
ATOM   608  C  "C2'" . C   B 1 9  ? -10.465 -1.570  -2.815  1.00 40.97 ? 32  C   B "C2'" 1 
ATOM   609  O  "O2'" . C   B 1 9  ? -11.298 -2.463  -3.546  1.00 43.55 ? 32  C   B "O2'" 1 
ATOM   610  C  "C1'" . C   B 1 9  ? -11.290 -0.342  -2.428  1.00 37.57 ? 32  C   B "C1'" 1 
ATOM   611  N  N1    . C   B 1 9  ? -10.448 0.864   -2.309  1.00 34.95 ? 32  C   B N1    1 
ATOM   612  C  C2    . C   B 1 9  ? -10.046 1.508   -3.485  1.00 37.61 ? 32  C   B C2    1 
ATOM   613  O  O2    . C   B 1 9  ? -10.418 1.038   -4.572  1.00 39.26 ? 32  C   B O2    1 
ATOM   614  N  N3    . C   B 1 9  ? -9.264  2.614   -3.408  1.00 34.09 ? 32  C   B N3    1 
ATOM   615  C  C4    . C   B 1 9  ? -8.898  3.081   -2.212  1.00 33.71 ? 32  C   B C4    1 
ATOM   616  N  N4    . C   B 1 9  ? -8.140  4.174   -2.180  1.00 36.03 ? 32  C   B N4    1 
ATOM   617  C  C5    . C   B 1 9  ? -9.296  2.456   -0.993  1.00 32.55 ? 32  C   B C5    1 
ATOM   618  C  C6    . C   B 1 9  ? -10.067 1.361   -1.089  1.00 36.42 ? 32  C   B C6    1 
ATOM   619  P  P     . G   B 1 10 ? -8.221  -3.907  -1.529  1.00 41.46 ? 33  G   B P     1 
ATOM   620  O  OP1   . G   B 1 10 ? -8.181  -5.374  -1.327  1.00 42.15 ? 33  G   B OP1   1 
ATOM   621  O  OP2   . G   B 1 10 ? -7.382  -3.018  -0.670  1.00 35.46 ? 33  G   B OP2   1 
ATOM   622  O  "O5'" . G   B 1 10 ? -7.826  -3.584  -3.035  1.00 45.98 ? 33  G   B "O5'" 1 
ATOM   623  C  "C5'" . G   B 1 10 ? -8.405  -4.314  -4.105  1.00 42.89 ? 33  G   B "C5'" 1 
ATOM   624  C  "C4'" . G   B 1 10 ? -7.988  -3.766  -5.447  1.00 43.36 ? 33  G   B "C4'" 1 
ATOM   625  O  "O4'" . G   B 1 10 ? -8.484  -2.411  -5.609  1.00 42.29 ? 33  G   B "O4'" 1 
ATOM   626  C  "C3'" . G   B 1 10 ? -6.494  -3.641  -5.695  1.00 42.26 ? 33  G   B "C3'" 1 
ATOM   627  O  "O3'" . G   B 1 10 ? -5.908  -4.876  -6.061  1.00 45.78 ? 33  G   B "O3'" 1 
ATOM   628  C  "C2'" . G   B 1 10 ? -6.438  -2.590  -6.798  1.00 44.20 ? 33  G   B "C2'" 1 
ATOM   629  O  "O2'" . G   B 1 10 ? -6.769  -3.163  -8.060  1.00 43.65 ? 33  G   B "O2'" 1 
ATOM   630  C  "C1'" . G   B 1 10 ? -7.582  -1.661  -6.388  1.00 38.19 ? 33  G   B "C1'" 1 
ATOM   631  N  N9    . G   B 1 10 ? -7.123  -0.536  -5.567  1.00 36.60 ? 33  G   B N9    1 
ATOM   632  C  C8    . G   B 1 10 ? -7.336  -0.429  -4.219  1.00 36.54 ? 33  G   B C8    1 
ATOM   633  N  N7    . G   B 1 10 ? -6.826  0.663   -3.722  1.00 39.88 ? 33  G   B N7    1 
ATOM   634  C  C5    . G   B 1 10 ? -6.255  1.314   -4.810  1.00 36.93 ? 33  G   B C5    1 
ATOM   635  C  C6    . G   B 1 10 ? -5.573  2.554   -4.863  1.00 38.07 ? 33  G   B C6    1 
ATOM   636  O  O6    . G   B 1 10 ? -5.335  3.350   -3.940  1.00 40.72 ? 33  G   B O6    1 
ATOM   637  N  N1    . G   B 1 10 ? -5.151  2.832   -6.155  1.00 36.75 ? 33  G   B N1    1 
ATOM   638  C  C2    . G   B 1 10 ? -5.362  2.038   -7.252  1.00 38.18 ? 33  G   B C2    1 
ATOM   639  N  N2    . G   B 1 10 ? -4.868  2.525   -8.404  1.00 37.41 ? 33  G   B N2    1 
ATOM   640  N  N3    . G   B 1 10 ? -6.005  0.876   -7.218  1.00 35.82 ? 33  G   B N3    1 
ATOM   641  C  C4    . G   B 1 10 ? -6.423  0.582   -5.967  1.00 36.89 ? 33  G   B C4    1 
ATOM   642  P  P     . C   B 1 11 ? -4.357  -5.187  -5.761  1.00 58.20 ? 34  C   B P     1 
ATOM   643  O  OP1   . C   B 1 11 ? -4.140  -6.590  -6.202  1.00 58.17 ? 34  C   B OP1   1 
ATOM   644  O  OP2   . C   B 1 11 ? -4.083  -4.817  -4.344  1.00 56.14 ? 34  C   B OP2   1 
ATOM   645  O  "O5'" . C   B 1 11 ? -3.535  -4.215  -6.731  1.00 44.50 ? 34  C   B "O5'" 1 
ATOM   646  C  "C5'" . C   B 1 11 ? -3.610  -4.342  -8.145  1.00 42.11 ? 34  C   B "C5'" 1 
ATOM   647  C  "C4'" . C   B 1 11 ? -2.930  -3.193  -8.848  1.00 38.75 ? 34  C   B "C4'" 1 
ATOM   648  O  "O4'" . C   B 1 11 ? -3.598  -1.953  -8.511  1.00 40.75 ? 34  C   B "O4'" 1 
ATOM   649  C  "C3'" . C   B 1 11 ? -1.481  -2.942  -8.460  1.00 50.05 ? 34  C   B "C3'" 1 
ATOM   650  O  "O3'" . C   B 1 11 ? -0.564  -3.789  -9.124  1.00 57.37 ? 34  C   B "O3'" 1 
ATOM   651  C  "C2'" . C   B 1 11 ? -1.280  -1.474  -8.802  1.00 45.19 ? 34  C   B "C2'" 1 
ATOM   652  O  "O2'" . C   B 1 11 ? -0.999  -1.314  -10.185 1.00 39.96 ? 34  C   B "O2'" 1 
ATOM   653  C  "C1'" . C   B 1 11 ? -2.661  -0.891  -8.479  1.00 42.91 ? 34  C   B "C1'" 1 
ATOM   654  N  N1    . C   B 1 11 ? -2.703  -0.240  -7.144  1.00 39.74 ? 34  C   B N1    1 
ATOM   655  C  C2    . C   B 1 11 ? -2.101  1.023   -6.985  1.00 43.83 ? 34  C   B C2    1 
ATOM   656  O  O2    . C   B 1 11 ? -1.548  1.560   -7.957  1.00 43.14 ? 34  C   B O2    1 
ATOM   657  N  N3    . C   B 1 11 ? -2.131  1.647   -5.777  1.00 41.66 ? 34  C   B N3    1 
ATOM   658  C  C4    . C   B 1 11 ? -2.730  1.061   -4.736  1.00 40.81 ? 34  C   B C4    1 
ATOM   659  N  N4    . C   B 1 11 ? -2.732  1.726   -3.575  1.00 38.09 ? 34  C   B N4    1 
ATOM   660  C  C5    . C   B 1 11 ? -3.340  -0.228  -4.859  1.00 38.94 ? 34  C   B C5    1 
ATOM   661  C  C6    . C   B 1 11 ? -3.307  -0.833  -6.065  1.00 38.34 ? 34  C   B C6    1 
ATOM   662  P  P     . C   B 1 12 ? 0.811   -4.207  -8.400  1.00 56.95 ? 35  C   B P     1 
ATOM   663  O  OP1   . C   B 1 12 ? 1.430   -5.230  -9.286  1.00 64.81 ? 35  C   B OP1   1 
ATOM   664  O  OP2   . C   B 1 12 ? 0.507   -4.544  -6.973  1.00 46.64 ? 35  C   B OP2   1 
ATOM   665  O  "O5'" . C   B 1 12 ? 1.715   -2.893  -8.475  1.00 44.10 ? 35  C   B "O5'" 1 
ATOM   666  C  "C5'" . C   B 1 12 ? 2.077   -2.343  -9.731  1.00 47.32 ? 35  C   B "C5'" 1 
ATOM   667  C  "C4'" . C   B 1 12 ? 2.644   -0.944  -9.621  1.00 48.69 ? 35  C   B "C4'" 1 
ATOM   668  O  "O4'" . C   B 1 12 ? 1.630   -0.005  -9.171  1.00 50.02 ? 35  C   B "O4'" 1 
ATOM   669  C  "C3'" . C   B 1 12 ? 3.777   -0.739  -8.636  1.00 45.00 ? 35  C   B "C3'" 1 
ATOM   670  O  "O3'" . C   B 1 12 ? 5.024   -1.214  -9.101  1.00 52.40 ? 35  C   B "O3'" 1 
ATOM   671  C  "C2'" . C   B 1 12 ? 3.742   0.765   -8.418  1.00 46.30 ? 35  C   B "C2'" 1 
ATOM   672  O  "O2'" . C   B 1 12 ? 4.300   1.446   -9.530  1.00 48.15 ? 35  C   B "O2'" 1 
ATOM   673  C  "C1'" . C   B 1 12 ? 2.239   1.021   -8.408  1.00 46.55 ? 35  C   B "C1'" 1 
ATOM   674  N  N1    . C   B 1 12 ? 1.706   0.979   -7.029  1.00 47.17 ? 35  C   B N1    1 
ATOM   675  C  C2    . C   B 1 12 ? 1.925   2.082   -6.189  1.00 42.96 ? 35  C   B C2    1 
ATOM   676  O  O2    . C   B 1 12 ? 2.551   3.069   -6.613  1.00 38.19 ? 35  C   B O2    1 
ATOM   677  N  N3    . C   B 1 12 ? 1.438   2.037   -4.927  1.00 40.06 ? 35  C   B N3    1 
ATOM   678  C  C4    . C   B 1 12 ? 0.772   0.961   -4.501  1.00 36.94 ? 35  C   B C4    1 
ATOM   679  N  N4    . C   B 1 12 ? 0.322   0.962   -3.251  1.00 38.77 ? 35  C   B N4    1 
ATOM   680  C  C5    . C   B 1 12 ? 0.534   -0.171  -5.332  1.00 42.52 ? 35  C   B C5    1 
ATOM   681  C  C6    . C   B 1 12 ? 1.016   -0.118  -6.579  1.00 44.89 ? 35  C   B C6    1 
ATOM   682  P  P     . G   B 1 13 ? 6.077   -1.823  -8.050  1.00 57.12 ? 36  G   B P     1 
ATOM   683  O  OP1   . G   B 1 13 ? 7.179   -2.465  -8.803  1.00 65.78 ? 36  G   B OP1   1 
ATOM   684  O  OP2   . G   B 1 13 ? 5.316   -2.594  -7.032  1.00 54.89 ? 36  G   B OP2   1 
ATOM   685  O  "O5'" . G   B 1 13 ? 6.689   -0.552  -7.321  1.00 43.98 ? 36  G   B "O5'" 1 
ATOM   686  C  "C5'" . G   B 1 13 ? 7.454   0.397   -8.040  1.00 44.59 ? 36  G   B "C5'" 1 
ATOM   687  C  "C4'" . G   B 1 13 ? 7.689   1.636   -7.215  1.00 48.05 ? 36  G   B "C4'" 1 
ATOM   688  O  "O4'" . G   B 1 13 ? 6.415   2.225   -6.838  1.00 48.64 ? 36  G   B "O4'" 1 
ATOM   689  C  "C3'" . G   B 1 13 ? 8.391   1.436   -5.884  1.00 46.93 ? 36  G   B "C3'" 1 
ATOM   690  O  "O3'" . G   B 1 13 ? 9.792   1.259   -6.008  1.00 52.39 ? 36  G   B "O3'" 1 
ATOM   691  C  "C2'" . G   B 1 13 ? 7.982   2.689   -5.122  1.00 45.86 ? 36  G   B "C2'" 1 
ATOM   692  O  "O2'" . G   B 1 13 ? 8.692   3.821   -5.600  1.00 46.21 ? 36  G   B "O2'" 1 
ATOM   693  C  "C1'" . G   B 1 13 ? 6.533   2.836   -5.568  1.00 40.74 ? 36  G   B "C1'" 1 
ATOM   694  N  N9    . G   B 1 13 ? 5.595   2.195   -4.625  1.00 40.85 ? 36  G   B N9    1 
ATOM   695  C  C8    . G   B 1 13 ? 4.879   1.018   -4.718  1.00 40.69 ? 36  G   B C8    1 
ATOM   696  N  N7    . G   B 1 13 ? 4.137   0.782   -3.661  1.00 36.87 ? 36  G   B N7    1 
ATOM   697  C  C5    . G   B 1 13 ? 4.370   1.880   -2.836  1.00 35.86 ? 36  G   B C5    1 
ATOM   698  C  C6    . G   B 1 13 ? 3.859   2.219   -1.563  1.00 33.75 ? 36  G   B C6    1 
ATOM   699  O  O6    . G   B 1 13 ? 3.052   1.594   -0.867  1.00 34.50 ? 36  G   B O6    1 
ATOM   700  N  N1    . G   B 1 13 ? 4.384   3.423   -1.110  1.00 34.54 ? 36  G   B N1    1 
ATOM   701  C  C2    . G   B 1 13 ? 5.283   4.221   -1.787  1.00 39.27 ? 36  G   B C2    1 
ATOM   702  N  N2    . G   B 1 13 ? 5.696   5.368   -1.202  1.00 38.13 ? 36  G   B N2    1 
ATOM   703  N  N3    . G   B 1 13 ? 5.760   3.913   -2.977  1.00 37.32 ? 36  G   B N3    1 
ATOM   704  C  C4    . G   B 1 13 ? 5.265   2.746   -3.422  1.00 37.71 ? 36  G   B C4    1 
ATOM   705  P  P     . G   B 1 14 ? 10.592  0.307   -4.988  1.00 52.18 ? 37  G   B P     1 
ATOM   706  O  OP1   . G   B 1 14 ? 11.960  0.157   -5.544  1.00 54.52 ? 37  G   B OP1   1 
ATOM   707  O  OP2   . G   B 1 14 ? 9.794   -0.907  -4.659  1.00 43.62 ? 37  G   B OP2   1 
ATOM   708  O  "O5'" . G   B 1 14 ? 10.717  1.201   -3.680  1.00 39.70 ? 37  G   B "O5'" 1 
ATOM   709  C  "C5'" . G   B 1 14 ? 11.331  2.472   -3.744  1.00 35.99 ? 37  G   B "C5'" 1 
ATOM   710  C  "C4'" . G   B 1 14 ? 11.080  3.257   -2.485  1.00 38.74 ? 37  G   B "C4'" 1 
ATOM   711  O  "O4'" . G   B 1 14 ? 9.666   3.549   -2.360  1.00 36.96 ? 37  G   B "O4'" 1 
ATOM   712  C  "C3'" . G   B 1 14 ? 11.414  2.564   -1.176  1.00 41.25 ? 37  G   B "C3'" 1 
ATOM   713  O  "O3'" . G   B 1 14 ? 12.799  2.563   -0.883  1.00 41.59 ? 37  G   B "O3'" 1 
ATOM   714  C  "C2'" . G   B 1 14 ? 10.577  3.352   -0.183  1.00 35.20 ? 37  G   B "C2'" 1 
ATOM   715  O  "O2'" . G   B 1 14 ? 11.179  4.618   0.038   1.00 39.59 ? 37  G   B "O2'" 1 
ATOM   716  C  "C1'" . G   B 1 14 ? 9.303   3.573   -0.997  1.00 37.07 ? 37  G   B "C1'" 1 
ATOM   717  N  N9    . G   B 1 14 ? 8.306   2.510   -0.782  1.00 39.26 ? 37  G   B N9    1 
ATOM   718  C  C8    . G   B 1 14 ? 8.034   1.458   -1.625  1.00 37.76 ? 37  G   B C8    1 
ATOM   719  N  N7    . G   B 1 14 ? 7.094   0.674   -1.177  1.00 35.00 ? 37  G   B N7    1 
ATOM   720  C  C5    . G   B 1 14 ? 6.721   1.248   0.029   1.00 33.73 ? 37  G   B C5    1 
ATOM   721  C  C6    . G   B 1 14 ? 5.742   0.838   0.966   1.00 36.78 ? 37  G   B C6    1 
ATOM   722  O  O6    . G   B 1 14 ? 4.978   -0.148  0.905   1.00 37.90 ? 37  G   B O6    1 
ATOM   723  N  N1    . G   B 1 14 ? 5.699   1.713   2.051   1.00 35.48 ? 37  G   B N1    1 
ATOM   724  C  C2    . G   B 1 14 ? 6.482   2.828   2.210   1.00 34.89 ? 37  G   B C2    1 
ATOM   725  N  N2    . G   B 1 14 ? 6.290   3.537   3.330   1.00 35.25 ? 37  G   B N2    1 
ATOM   726  N  N3    . G   B 1 14 ? 7.391   3.222   1.341   1.00 34.36 ? 37  G   B N3    1 
ATOM   727  C  C4    . G   B 1 14 ? 7.449   2.387   0.285   1.00 35.39 ? 37  G   B C4    1 
ATOM   728  P  P     . C   B 1 15 ? 13.439  1.376   -0.010  1.00 37.94 ? 38  C   B P     1 
ATOM   729  O  OP1   . C   B 1 15 ? 14.890  1.660   0.060   1.00 33.57 ? 38  C   B OP1   1 
ATOM   730  O  OP2   . C   B 1 15 ? 12.856  0.069   -0.437  1.00 30.94 ? 38  C   B OP2   1 
ATOM   731  O  "O5'" . C   B 1 15 ? 12.892  1.622   1.460   1.00 38.33 ? 38  C   B "O5'" 1 
ATOM   732  C  "C5'" . C   B 1 15 ? 13.336  2.731   2.219   1.00 33.34 ? 38  C   B "C5'" 1 
ATOM   733  C  "C4'" . C   B 1 15 ? 12.472  2.923   3.436   1.00 32.13 ? 38  C   B "C4'" 1 
ATOM   734  O  "O4'" . C   B 1 15 ? 11.077  2.984   3.043   1.00 42.37 ? 38  C   B "O4'" 1 
ATOM   735  C  "C3'" . C   B 1 15 ? 12.503  1.794   4.443   1.00 31.50 ? 38  C   B "C3'" 1 
ATOM   736  O  "O3'" . C   B 1 15 ? 13.657  1.815   5.265   1.00 35.93 ? 38  C   B "O3'" 1 
ATOM   737  C  "C2'" . C   B 1 15 ? 11.192  1.996   5.188   1.00 29.81 ? 38  C   B "C2'" 1 
ATOM   738  O  "O2'" . C   B 1 15 ? 11.286  3.103   6.059   1.00 27.42 ? 38  C   B "O2'" 1 
ATOM   739  C  "C1'" . C   B 1 15 ? 10.268  2.404   4.054   1.00 34.81 ? 38  C   B "C1'" 1 
ATOM   740  N  N1    . C   B 1 15 ? 9.510   1.253   3.501   1.00 34.30 ? 38  C   B N1    1 
ATOM   741  C  C2    . C   B 1 15 ? 8.381   0.817   4.206   1.00 33.73 ? 38  C   B C2    1 
ATOM   742  O  O2    . C   B 1 15 ? 8.079   1.392   5.256   1.00 33.19 ? 38  C   B O2    1 
ATOM   743  N  N3    . C   B 1 15 ? 7.651   -0.222  3.733   1.00 35.45 ? 38  C   B N3    1 
ATOM   744  C  C4    . C   B 1 15 ? 8.019   -0.824  2.597   1.00 33.41 ? 38  C   B C4    1 
ATOM   745  N  N4    . C   B 1 15 ? 7.277   -1.841  2.169   1.00 32.90 ? 38  C   B N4    1 
ATOM   746  C  C5    . C   B 1 15 ? 9.148   -0.403  1.843   1.00 29.56 ? 38  C   B C5    1 
ATOM   747  C  C6    . C   B 1 15 ? 9.862   0.627   2.330   1.00 34.73 ? 38  C   B C6    1 
ATOM   748  P  P     . G   B 1 16 ? 14.245  0.447   5.875   1.00 33.86 ? 39  G   B P     1 
ATOM   749  O  OP1   . G   B 1 16 ? 15.525  0.776   6.556   1.00 36.04 ? 39  G   B OP1   1 
ATOM   750  O  OP2   . G   B 1 16 ? 14.231  -0.651  4.862   1.00 27.29 ? 39  G   B OP2   1 
ATOM   751  O  "O5'" . G   B 1 16 ? 13.172  0.062   6.972   1.00 28.52 ? 39  G   B "O5'" 1 
ATOM   752  C  "C5'" . G   B 1 16 ? 12.795  0.979   7.984   1.00 29.25 ? 39  G   B "C5'" 1 
ATOM   753  C  "C4'" . G   B 1 16 ? 11.828  0.310   8.912   1.00 30.24 ? 39  G   B "C4'" 1 
ATOM   754  O  "O4'" . G   B 1 16 ? 10.503  0.287   8.322   1.00 32.29 ? 39  G   B "O4'" 1 
ATOM   755  C  "C3'" . G   B 1 16 ? 12.134  -1.155  9.157   1.00 33.40 ? 39  G   B "C3'" 1 
ATOM   756  O  "O3'" . G   B 1 16 ? 13.189  -1.331  10.087  1.00 38.65 ? 39  G   B "O3'" 1 
ATOM   757  C  "C2'" . G   B 1 16 ? 10.789  -1.697  9.594   1.00 32.06 ? 39  G   B "C2'" 1 
ATOM   758  O  "O2'" . G   B 1 16 ? 10.543  -1.309  10.930  1.00 42.06 ? 39  G   B "O2'" 1 
ATOM   759  C  "C1'" . G   B 1 16 ? 9.843   -0.912  8.673   1.00 30.84 ? 39  G   B "C1'" 1 
ATOM   760  N  N9    . G   B 1 16 ? 9.522   -1.658  7.431   1.00 33.84 ? 39  G   B N9    1 
ATOM   761  C  C8    . G   B 1 16 ? 10.262  -1.702  6.258   1.00 33.52 ? 39  G   B C8    1 
ATOM   762  N  N7    . G   B 1 16 ? 9.731   -2.463  5.331   1.00 30.28 ? 39  G   B N7    1 
ATOM   763  C  C5    . G   B 1 16 ? 8.573   -2.967  5.920   1.00 29.61 ? 39  G   B C5    1 
ATOM   764  C  C6    . G   B 1 16 ? 7.583   -3.864  5.416   1.00 33.37 ? 39  G   B C6    1 
ATOM   765  O  O6    . G   B 1 16 ? 7.513   -4.406  4.300   1.00 35.28 ? 39  G   B O6    1 
ATOM   766  N  N1    . G   B 1 16 ? 6.578   -4.119  6.351   1.00 31.31 ? 39  G   B N1    1 
ATOM   767  C  C2    . G   B 1 16 ? 6.534   -3.575  7.609   1.00 30.76 ? 39  G   B C2    1 
ATOM   768  N  N2    . G   B 1 16 ? 5.497   -3.921  8.372   1.00 29.34 ? 39  G   B N2    1 
ATOM   769  N  N3    . G   B 1 16 ? 7.447   -2.744  8.087   1.00 31.38 ? 39  G   B N3    1 
ATOM   770  C  C4    . G   B 1 16 ? 8.435   -2.481  7.206   1.00 29.73 ? 39  G   B C4    1 
ATOM   771  P  P     . A   B 1 17 ? 13.823  -2.776  10.357  1.00 38.81 ? 40  A   B P     1 
ATOM   772  O  OP1   . A   B 1 17 ? 15.072  -2.590  11.127  1.00 37.56 ? 40  A   B OP1   1 
ATOM   773  O  OP2   . A   B 1 17 ? 13.980  -3.537  9.085   1.00 32.25 ? 40  A   B OP2   1 
ATOM   774  O  "O5'" . A   B 1 17 ? 12.756  -3.371  11.387  1.00 38.73 ? 40  A   B "O5'" 1 
ATOM   775  C  "C5'" . A   B 1 17 ? 12.460  -4.753  11.460  1.00 37.98 ? 40  A   B "C5'" 1 
ATOM   776  C  "C4'" . A   B 1 17 ? 13.512  -5.519  12.218  1.00 39.45 ? 40  A   B "C4'" 1 
ATOM   777  O  "O4'" . A   B 1 17 ? 13.551  -5.126  13.607  1.00 37.59 ? 40  A   B "O4'" 1 
ATOM   778  C  "C3'" . A   B 1 17 ? 13.274  -7.008  12.264  1.00 33.61 ? 40  A   B "C3'" 1 
ATOM   779  O  "O3'" . A   B 1 17 ? 13.700  -7.613  11.070  1.00 33.01 ? 40  A   B "O3'" 1 
ATOM   780  C  "C2'" . A   B 1 17 ? 14.045  -7.459  13.505  1.00 33.32 ? 40  A   B "C2'" 1 
ATOM   781  O  "O2'" . A   B 1 17 ? 15.405  -7.705  13.191  1.00 36.00 ? 40  A   B "O2'" 1 
ATOM   782  C  "C1'" . A   B 1 17 ? 13.968  -6.222  14.399  1.00 37.97 ? 40  A   B "C1'" 1 
ATOM   783  N  N9    . A   B 1 17 ? 13.051  -6.357  15.544  1.00 42.49 ? 40  A   B N9    1 
ATOM   784  C  C8    . A   B 1 17 ? 11.785  -5.837  15.623  1.00 42.09 ? 40  A   B C8    1 
ATOM   785  N  N7    . A   B 1 17 ? 11.197  -6.056  16.773  1.00 45.96 ? 40  A   B N7    1 
ATOM   786  C  C5    . A   B 1 17 ? 12.137  -6.755  17.512  1.00 46.38 ? 40  A   B C5    1 
ATOM   787  C  C6    . A   B 1 17 ? 12.098  -7.270  18.821  1.00 42.52 ? 40  A   B C6    1 
ATOM   788  N  N6    . A   B 1 17 ? 11.021  -7.138  19.596  1.00 44.02 ? 40  A   B N6    1 
ATOM   789  N  N1    . A   B 1 17 ? 13.181  -7.931  19.281  1.00 32.85 ? 40  A   B N1    1 
ATOM   790  C  C2    . A   B 1 17 ? 14.223  -8.036  18.446  1.00 38.30 ? 40  A   B C2    1 
ATOM   791  N  N3    . A   B 1 17 ? 14.387  -7.599  17.194  1.00 37.04 ? 40  A   B N3    1 
ATOM   792  C  C4    . A   B 1 17 ? 13.294  -6.949  16.771  1.00 41.95 ? 40  A   B C4    1 
ATOM   793  P  P     . A   B 1 18 ? 12.655  -8.490  10.249  1.00 40.27 ? 41  A   B P     1 
ATOM   794  O  OP1   . A   B 1 18 ? 13.028  -8.513  8.802   1.00 32.70 ? 41  A   B OP1   1 
ATOM   795  O  OP2   . A   B 1 18 ? 11.325  -8.044  10.754  1.00 30.45 ? 41  A   B OP2   1 
ATOM   796  O  "O5'" . A   B 1 18 ? 12.888  -9.959  10.809  1.00 36.21 ? 41  A   B "O5'" 1 
ATOM   797  C  "C5'" . A   B 1 18 ? 14.188  -10.493 10.992  1.00 26.13 ? 41  A   B "C5'" 1 
ATOM   798  C  "C4'" . A   B 1 18 ? 14.094  -11.633 11.954  1.00 29.15 ? 41  A   B "C4'" 1 
ATOM   799  O  "O4'" . A   B 1 18 ? 13.821  -11.094 13.265  1.00 32.85 ? 41  A   B "O4'" 1 
ATOM   800  C  "C3'" . A   B 1 18 ? 12.940  -12.581 11.652  1.00 28.96 ? 41  A   B "C3'" 1 
ATOM   801  O  "O3'" . A   B 1 18 ? 13.378  -13.678 10.880  1.00 26.89 ? 41  A   B "O3'" 1 
ATOM   802  C  "C2'" . A   B 1 18 ? 12.439  -13.024 13.021  1.00 29.98 ? 41  A   B "C2'" 1 
ATOM   803  O  "O2'" . A   B 1 18 ? 13.114  -14.199 13.435  1.00 32.69 ? 41  A   B "O2'" 1 
ATOM   804  C  "C1'" . A   B 1 18 ? 12.848  -11.861 13.927  1.00 34.73 ? 41  A   B "C1'" 1 
ATOM   805  N  N9    . A   B 1 18 ? 11.727  -10.970 14.261  1.00 31.80 ? 41  A   B N9    1 
ATOM   806  C  C8    . A   B 1 18 ? 10.895  -10.354 13.376  1.00 29.82 ? 41  A   B C8    1 
ATOM   807  N  N7    . A   B 1 18 ? 10.004  -9.603  13.960  1.00 33.05 ? 41  A   B N7    1 
ATOM   808  C  C5    . A   B 1 18 ? 10.285  -9.711  15.314  1.00 36.16 ? 41  A   B C5    1 
ATOM   809  C  C6    . A   B 1 18 ? 9.686   -9.140  16.452  1.00 33.88 ? 41  A   B C6    1 
ATOM   810  N  N6    . A   B 1 18 ? 8.641   -8.327  16.350  1.00 35.52 ? 41  A   B N6    1 
ATOM   811  N  N1    . A   B 1 18 ? 10.188  -9.449  17.673  1.00 31.06 ? 41  A   B N1    1 
ATOM   812  C  C2    . A   B 1 18 ? 11.233  -10.292 17.727  1.00 33.02 ? 41  A   B C2    1 
ATOM   813  N  N3    . A   B 1 18 ? 11.884  -10.894 16.725  1.00 35.50 ? 41  A   B N3    1 
ATOM   814  C  C4    . A   B 1 18 ? 11.357  -10.556 15.523  1.00 35.63 ? 41  A   B C4    1 
ATOM   815  P  P     . G   B 1 19 ? 12.959  -13.863 9.349   1.00 32.75 ? 42  G   B P     1 
ATOM   816  O  OP1   . G   B 1 19 ? 13.705  -15.070 8.862   1.00 27.38 ? 42  G   B OP1   1 
ATOM   817  O  OP2   . G   B 1 19 ? 13.178  -12.577 8.654   1.00 32.69 ? 42  G   B OP2   1 
ATOM   818  O  "O5'" . G   B 1 19 ? 11.399  -14.207 9.413   1.00 29.36 ? 42  G   B "O5'" 1 
ATOM   819  C  "C5'" . G   B 1 19 ? 10.922  -15.259 10.242  1.00 30.56 ? 42  G   B "C5'" 1 
ATOM   820  C  "C4'" . G   B 1 19 ? 9.508   -15.650 9.904   1.00 35.69 ? 42  G   B "C4'" 1 
ATOM   821  O  "O4'" . G   B 1 19 ? 8.665   -14.460 9.831   1.00 38.00 ? 42  G   B "O4'" 1 
ATOM   822  C  "C3'" . G   B 1 19 ? 9.319   -16.349 8.560   1.00 33.46 ? 42  G   B "C3'" 1 
ATOM   823  O  "O3'" . G   B 1 19 ? 9.506   -17.752 8.667   1.00 32.60 ? 42  G   B "O3'" 1 
ATOM   824  C  "C2'" . G   B 1 19 ? 7.895   -15.964 8.183   1.00 34.06 ? 42  G   B "C2'" 1 
ATOM   825  O  "O2'" . G   B 1 19 ? 6.969   -16.759 8.903   1.00 33.72 ? 42  G   B "O2'" 1 
ATOM   826  C  "C1'" . G   B 1 19 ? 7.819   -14.531 8.708   1.00 31.19 ? 42  G   B "C1'" 1 
ATOM   827  N  N9    . G   B 1 19 ? 8.367   -13.581 7.724   1.00 32.76 ? 42  G   B N9    1 
ATOM   828  C  C8    . G   B 1 19 ? 9.452   -12.773 7.951   1.00 32.41 ? 42  G   B C8    1 
ATOM   829  N  N7    . G   B 1 19 ? 9.787   -12.041 6.932   1.00 34.68 ? 42  G   B N7    1 
ATOM   830  C  C5    . G   B 1 19 ? 8.865   -12.392 5.959   1.00 32.87 ? 42  G   B C5    1 
ATOM   831  C  C6    . G   B 1 19 ? 8.730   -11.912 4.634   1.00 35.96 ? 42  G   B C6    1 
ATOM   832  O  O6    . G   B 1 19 ? 9.430   -11.056 4.065   1.00 31.21 ? 42  G   B O6    1 
ATOM   833  N  N1    . G   B 1 19 ? 7.660   -12.527 3.973   1.00 37.02 ? 42  G   B N1    1 
ATOM   834  C  C2    . G   B 1 19 ? 6.835   -13.470 4.531   1.00 35.14 ? 42  G   B C2    1 
ATOM   835  N  N2    . G   B 1 19 ? 5.857   -13.952 3.759   1.00 35.48 ? 42  G   B N2    1 
ATOM   836  N  N3    . G   B 1 19 ? 6.957   -13.915 5.767   1.00 35.77 ? 42  G   B N3    1 
ATOM   837  C  C4    . G   B 1 19 ? 7.985   -13.344 6.423   1.00 33.08 ? 42  G   B C4    1 
ATOM   838  P  P     . U   B 1 20 ? 10.279  -18.607 7.538   1.00 38.43 ? 43  U   B P     1 
ATOM   839  O  OP1   . U   B 1 20 ? 10.366  -19.962 8.121   1.00 36.17 ? 43  U   B OP1   1 
ATOM   840  O  OP2   . U   B 1 20 ? 11.546  -17.948 7.094   1.00 32.87 ? 43  U   B OP2   1 
ATOM   841  O  "O5'" . U   B 1 20 ? 9.285   -18.611 6.293   1.00 33.75 ? 43  U   B "O5'" 1 
ATOM   842  C  "C5'" . U   B 1 20 ? 7.957   -19.105 6.400   1.00 39.31 ? 43  U   B "C5'" 1 
ATOM   843  C  "C4'" . U   B 1 20 ? 7.210   -18.969 5.092   1.00 38.02 ? 43  U   B "C4'" 1 
ATOM   844  O  "O4'" . U   B 1 20 ? 6.931   -17.564 4.840   1.00 39.24 ? 43  U   B "O4'" 1 
ATOM   845  C  "C3'" . U   B 1 20 ? 7.960   -19.436 3.848   1.00 37.93 ? 43  U   B "C3'" 1 
ATOM   846  O  "O3'" . U   B 1 20 ? 7.846   -20.829 3.631   1.00 37.74 ? 43  U   B "O3'" 1 
ATOM   847  C  "C2'" . U   B 1 20 ? 7.335   -18.602 2.740   1.00 39.99 ? 43  U   B "C2'" 1 
ATOM   848  O  "O2'" . U   B 1 20 ? 6.094   -19.156 2.330   1.00 37.04 ? 43  U   B "O2'" 1 
ATOM   849  C  "C1'" . U   B 1 20 ? 7.069   -17.279 3.466   1.00 37.43 ? 43  U   B "C1'" 1 
ATOM   850  N  N1    . U   B 1 20 ? 8.189   -16.330 3.308   1.00 33.65 ? 43  U   B N1    1 
ATOM   851  C  C2    . U   B 1 20 ? 8.319   -15.692 2.097   1.00 35.67 ? 43  U   B C2    1 
ATOM   852  O  O2    . U   B 1 20 ? 7.572   -15.869 1.151   1.00 37.34 ? 43  U   B O2    1 
ATOM   853  N  N3    . U   B 1 20 ? 9.379   -14.828 2.024   1.00 35.72 ? 43  U   B N3    1 
ATOM   854  C  C4    . U   B 1 20 ? 10.311  -14.505 2.977   1.00 35.05 ? 43  U   B C4    1 
ATOM   855  O  O4    . U   B 1 20 ? 11.197  -13.681 2.691   1.00 31.53 ? 43  U   B O4    1 
ATOM   856  C  C5    . U   B 1 20 ? 10.103  -15.207 4.213   1.00 33.84 ? 43  U   B C5    1 
ATOM   857  C  C6    . U   B 1 20 ? 9.081   -16.073 4.329   1.00 34.40 ? 43  U   B C6    1 
ATOM   858  P  P     . C   B 1 21 ? 9.094   -21.695 3.093   1.00 40.14 ? 44  C   B P     1 
ATOM   859  O  OP1   . C   B 1 21 ? 8.767   -23.117 3.383   1.00 44.74 ? 44  C   B OP1   1 
ATOM   860  O  OP2   . C   B 1 21 ? 10.366  -21.105 3.585   1.00 41.69 ? 44  C   B OP2   1 
ATOM   861  O  "O5'" . C   B 1 21 ? 9.050   -21.522 1.509   1.00 38.60 ? 44  C   B "O5'" 1 
ATOM   862  C  "C5'" . C   B 1 21 ? 7.982   -22.046 0.733   1.00 37.23 ? 44  C   B "C5'" 1 
ATOM   863  C  "C4'" . C   B 1 21 ? 7.841   -21.295 -0.566  1.00 41.25 ? 44  C   B "C4'" 1 
ATOM   864  O  "O4'" . C   B 1 21 ? 7.730   -19.867 -0.301  1.00 43.64 ? 44  C   B "O4'" 1 
ATOM   865  C  "C3'" . C   B 1 21 ? 9.024   -21.393 -1.514  1.00 46.94 ? 44  C   B "C3'" 1 
ATOM   866  O  "O3'" . C   B 1 21 ? 9.034   -22.602 -2.255  1.00 48.32 ? 44  C   B "O3'" 1 
ATOM   867  C  "C2'" . C   B 1 21 ? 8.866   -20.138 -2.367  1.00 46.03 ? 44  C   B "C2'" 1 
ATOM   868  O  "O2'" . C   B 1 21 ? 7.833   -20.313 -3.327  1.00 49.62 ? 44  C   B "O2'" 1 
ATOM   869  C  "C1'" . C   B 1 21 ? 8.369   -19.134 -1.328  1.00 41.61 ? 44  C   B "C1'" 1 
ATOM   870  N  N1    . C   B 1 21 ? 9.472   -18.341 -0.737  1.00 40.88 ? 44  C   B N1    1 
ATOM   871  C  C2    . C   B 1 21 ? 10.107  -17.326 -1.474  1.00 39.62 ? 44  C   B C2    1 
ATOM   872  O  O2    . C   B 1 21 ? 9.755   -17.075 -2.637  1.00 34.58 ? 44  C   B O2    1 
ATOM   873  N  N3    . C   B 1 21 ? 11.115  -16.627 -0.896  1.00 38.67 ? 44  C   B N3    1 
ATOM   874  C  C4    . C   B 1 21 ? 11.488  -16.887 0.355   1.00 36.04 ? 44  C   B C4    1 
ATOM   875  N  N4    . C   B 1 21 ? 12.475  -16.166 0.881   1.00 29.42 ? 44  C   B N4    1 
ATOM   876  C  C5    . C   B 1 21 ? 10.859  -17.901 1.121   1.00 35.44 ? 44  C   B C5    1 
ATOM   877  C  C6    . C   B 1 21 ? 9.872   -18.589 0.542   1.00 37.82 ? 44  C   B C6    1 
ATOM   878  P  P     . G   B 1 22 ? 10.418  -23.267 -2.744  1.00 53.85 ? 45  G   B P     1 
ATOM   879  O  OP1   . G   B 1 22 ? 10.067  -24.598 -3.290  1.00 64.48 ? 45  G   B OP1   1 
ATOM   880  O  OP2   . G   B 1 22 ? 11.488  -23.167 -1.718  1.00 50.45 ? 45  G   B OP2   1 
ATOM   881  O  "O5'" . G   B 1 22 ? 10.880  -22.360 -3.960  1.00 48.58 ? 45  G   B "O5'" 1 
ATOM   882  C  "C5'" . G   B 1 22 ? 10.053  -22.168 -5.090  1.00 43.69 ? 45  G   B "C5'" 1 
ATOM   883  C  "C4'" . G   B 1 22 ? 10.711  -21.223 -6.052  1.00 47.23 ? 45  G   B "C4'" 1 
ATOM   884  O  "O4'" . G   B 1 22 ? 10.683  -19.877 -5.512  1.00 47.55 ? 45  G   B "O4'" 1 
ATOM   885  C  "C3'" . G   B 1 22 ? 12.187  -21.471 -6.311  1.00 53.02 ? 45  G   B "C3'" 1 
ATOM   886  O  "O3'" . G   B 1 22 ? 12.429  -22.524 -7.226  1.00 52.92 ? 45  G   B "O3'" 1 
ATOM   887  C  "C2'" . G   B 1 22 ? 12.663  -20.113 -6.801  1.00 49.59 ? 45  G   B "C2'" 1 
ATOM   888  O  "O2'" . G   B 1 22 ? 12.275  -19.923 -8.154  1.00 48.88 ? 45  G   B "O2'" 1 
ATOM   889  C  "C1'" . G   B 1 22 ? 11.842  -19.174 -5.914  1.00 45.17 ? 45  G   B "C1'" 1 
ATOM   890  N  N9    . G   B 1 22 ? 12.582  -18.744 -4.709  1.00 41.96 ? 45  G   B N9    1 
ATOM   891  C  C8    . G   B 1 22 ? 12.412  -19.212 -3.419  1.00 42.40 ? 45  G   B C8    1 
ATOM   892  N  N7    . G   B 1 22 ? 13.208  -18.645 -2.550  1.00 37.15 ? 45  G   B N7    1 
ATOM   893  C  C5    . G   B 1 22 ? 13.954  -17.753 -3.313  1.00 38.77 ? 45  G   B C5    1 
ATOM   894  C  C6    . G   B 1 22 ? 14.984  -16.856 -2.918  1.00 42.29 ? 45  G   B C6    1 
ATOM   895  O  O6    . G   B 1 22 ? 15.441  -16.677 -1.778  1.00 45.41 ? 45  G   B O6    1 
ATOM   896  N  N1    . G   B 1 22 ? 15.481  -16.120 -3.996  1.00 40.91 ? 45  G   B N1    1 
ATOM   897  C  C2    . G   B 1 22 ? 15.040  -16.246 -5.292  1.00 44.08 ? 45  G   B C2    1 
ATOM   898  N  N2    . G   B 1 22 ? 15.639  -15.451 -6.197  1.00 38.77 ? 45  G   B N2    1 
ATOM   899  N  N3    . G   B 1 22 ? 14.073  -17.084 -5.670  1.00 43.45 ? 45  G   B N3    1 
ATOM   900  C  C4    . G   B 1 22 ? 13.580  -17.799 -4.640  1.00 37.86 ? 45  G   B C4    1 
ATOM   901  P  P     . C   B 1 23 ? 13.807  -23.342 -7.156  1.00 56.29 ? 46  C   B P     1 
ATOM   902  O  OP1   . C   B 1 23 ? 13.778  -24.320 -8.274  1.00 68.55 ? 46  C   B OP1   1 
ATOM   903  O  OP2   . C   B 1 23 ? 14.022  -23.812 -5.760  1.00 55.13 ? 46  C   B OP2   1 
ATOM   904  O  "O5'" . C   B 1 23 ? 14.924  -22.267 -7.529  1.00 51.58 ? 46  C   B "O5'" 1 
ATOM   905  C  "C5'" . C   B 1 23 ? 14.983  -21.738 -8.842  1.00 53.23 ? 46  C   B "C5'" 1 
ATOM   906  C  "C4'" . C   B 1 23 ? 15.962  -20.596 -8.967  1.00 53.83 ? 46  C   B "C4'" 1 
ATOM   907  O  "O4'" . C   B 1 23 ? 15.691  -19.560 -7.983  1.00 53.58 ? 46  C   B "O4'" 1 
ATOM   908  C  "C3'" . C   B 1 23 ? 17.421  -20.928 -8.744  1.00 51.83 ? 46  C   B "C3'" 1 
ATOM   909  O  "O3'" . C   B 1 23 ? 18.004  -21.577 -9.855  1.00 55.90 ? 46  C   B "O3'" 1 
ATOM   910  C  "C2'" . C   B 1 23 ? 18.024  -19.559 -8.466  1.00 55.25 ? 46  C   B "C2'" 1 
ATOM   911  O  "O2'" . C   B 1 23 ? 18.213  -18.856 -9.689  1.00 54.71 ? 46  C   B "O2'" 1 
ATOM   912  C  "C1'" . C   B 1 23 ? 16.894  -18.880 -7.673  1.00 51.76 ? 46  C   B "C1'" 1 
ATOM   913  N  N1    . C   B 1 23 ? 17.120  -18.901 -6.198  1.00 51.00 ? 46  C   B N1    1 
ATOM   914  C  C2    . C   B 1 23 ? 18.089  -18.044 -5.628  1.00 45.01 ? 46  C   B C2    1 
ATOM   915  O  O2    . C   B 1 23 ? 18.748  -17.295 -6.363  1.00 45.10 ? 46  C   B O2    1 
ATOM   916  N  N3    . C   B 1 23 ? 18.297  -18.054 -4.288  1.00 40.60 ? 46  C   B N3    1 
ATOM   917  C  C4    . C   B 1 23 ? 17.578  -18.868 -3.510  1.00 42.85 ? 46  C   B C4    1 
ATOM   918  N  N4    . C   B 1 23 ? 17.818  -18.850 -2.199  1.00 42.38 ? 46  C   B N4    1 
ATOM   919  C  C5    . C   B 1 23 ? 16.586  -19.743 -4.042  1.00 40.36 ? 46  C   B C5    1 
ATOM   920  C  C6    . C   B 1 23 ? 16.390  -19.724 -5.372  1.00 45.81 ? 46  C   B C6    1 
HETATM 921  C  C11   . GET C 2 .  ? -11.347 7.737   -6.041  1.00 40.16 ? 101 GET A C11   1 
HETATM 922  O  O11   . GET C 2 .  ? -12.404 8.610   -6.229  1.00 43.29 ? 101 GET A O11   1 
HETATM 923  C  C21   . GET C 2 .  ? -10.431 7.950   -7.271  1.00 36.81 ? 101 GET A C21   1 
HETATM 924  N  N21   . GET C 2 .  ? -10.299 9.406   -7.502  1.00 39.66 ? 101 GET A N21   1 
HETATM 925  C  C31   . GET C 2 .  ? -10.957 7.243   -8.556  1.00 39.27 ? 101 GET A C31   1 
HETATM 926  O  O31   . GET C 2 .  ? -9.920  7.168   -9.422  1.00 42.77 ? 101 GET A O31   1 
HETATM 927  C  C41   . GET C 2 .  ? -11.500 5.827   -8.224  1.00 41.37 ? 101 GET A C41   1 
HETATM 928  O  O41   . GET C 2 .  ? -12.052 5.179   -9.371  1.00 46.90 ? 101 GET A O41   1 
HETATM 929  C  C51   . GET C 2 .  ? -12.547 5.907   -7.074  1.00 38.53 ? 101 GET A C51   1 
HETATM 930  O  O51   . GET C 2 .  ? -11.898 6.396   -5.874  1.00 42.03 ? 101 GET A O51   1 
HETATM 931  C  C61   . GET C 2 .  ? -13.188 4.568   -6.690  1.00 39.72 ? 101 GET A C61   1 
HETATM 932  O  O61   . GET C 2 .  ? -14.195 4.804   -5.759  1.00 38.87 ? 101 GET A O61   1 
HETATM 933  C  C71   . GET C 2 .  ? -12.212 3.543   -6.067  1.00 35.93 ? 101 GET A C71   1 
HETATM 934  C  C12   . GET C 2 .  ? -14.647 11.392  -4.072  1.00 32.36 ? 101 GET A C12   1 
HETATM 935  N  N12   . GET C 2 .  ? -15.369 12.063  -2.971  1.00 37.27 ? 101 GET A N12   1 
HETATM 936  C  C22   . GET C 2 .  ? -15.336 10.049  -4.436  1.00 33.84 ? 101 GET A C22   1 
HETATM 937  C  C32   . GET C 2 .  ? -14.538 9.347   -5.566  1.00 40.89 ? 101 GET A C32   1 
HETATM 938  N  N32   . GET C 2 .  ? -15.156 8.039   -5.916  1.00 36.03 ? 101 GET A N32   1 
HETATM 939  C  C42   . GET C 2 .  ? -13.069 9.142   -5.100  1.00 39.38 ? 101 GET A C42   1 
HETATM 940  C  C52   . GET C 2 .  ? -12.381 10.480  -4.738  1.00 40.99 ? 101 GET A C52   1 
HETATM 941  O  O52   . GET C 2 .  ? -11.047 10.222  -4.319  1.00 42.47 ? 101 GET A O52   1 
HETATM 942  C  C62   . GET C 2 .  ? -13.192 11.157  -3.618  1.00 33.99 ? 101 GET A C62   1 
HETATM 943  O  O62   . GET C 2 .  ? -12.647 12.425  -3.316  1.00 35.20 ? 101 GET A O62   1 
HETATM 944  C  C13   . GET C 2 .  ? -12.234 12.605  -1.984  1.00 40.00 ? 101 GET A C13   1 
HETATM 945  C  C23   . GET C 2 .  ? -12.513 14.072  -1.603  1.00 34.76 ? 101 GET A C23   1 
HETATM 946  O  O23   . GET C 2 .  ? -13.895 14.302  -1.790  1.00 32.76 ? 101 GET A O23   1 
HETATM 947  C  C33   . GET C 2 .  ? -11.703 15.006  -2.561  1.00 34.98 ? 101 GET A C33   1 
HETATM 948  N  N33   . GET C 2 .  ? -11.851 16.454  -2.227  1.00 43.04 ? 101 GET A N33   1 
HETATM 949  C  C93   . GET C 2 .  ? -12.631 17.160  -3.272  1.00 37.48 ? 101 GET A C93   1 
HETATM 950  C  C43   . GET C 2 .  ? -10.198 14.617  -2.477  1.00 42.28 ? 101 GET A C43   1 
HETATM 951  O  O43   . GET C 2 .  ? -9.793  14.753  -1.109  1.00 44.65 ? 101 GET A O43   1 
HETATM 952  C  C83   . GET C 2 .  ? -9.369  15.447  -3.303  1.00 33.22 ? 101 GET A C83   1 
HETATM 953  C  C53   . GET C 2 .  ? -10.002 13.124  -2.840  1.00 36.07 ? 101 GET A C53   1 
HETATM 954  O  O53   . GET C 2 .  ? -10.796 12.309  -1.896  1.00 36.37 ? 101 GET A O53   1 
HETATM 955  HG HG    . HG  D 3 .  ? -14.582 10.522  2.301   0.56 36.76 ? 102 HG  A HG    1 
HETATM 956  C  C11   . GET E 2 .  ? 10.559  -7.084  5.646   1.00 32.47 ? 101 GET B C11   1 
HETATM 957  O  O11   . GET E 2 .  ? 11.618  -7.974  5.840   1.00 34.17 ? 101 GET B O11   1 
HETATM 958  C  C21   . GET E 2 .  ? 11.068  -5.661  6.003   1.00 32.54 ? 101 GET B C21   1 
HETATM 959  N  N21   . GET E 2 .  ? 12.323  -5.348  5.291   1.00 28.68 ? 101 GET B N21   1 
HETATM 960  C  C31   . GET E 2 .  ? 11.267  -5.499  7.536   1.00 29.28 ? 101 GET B C31   1 
HETATM 961  O  O31   . GET E 2 .  ? 11.562  -4.205  7.790   1.00 29.89 ? 101 GET B O31   1 
HETATM 962  C  C41   . GET E 2 .  ? 9.933   -5.911  8.193   1.00 34.04 ? 101 GET B C41   1 
HETATM 963  O  O41   . GET E 2 .  ? 9.900   -5.681  9.596   1.00 33.88 ? 101 GET B O41   1 
HETATM 964  C  C51   . GET E 2 .  ? 9.664   -7.407  7.870   1.00 28.95 ? 101 GET B C51   1 
HETATM 965  O  O51   . GET E 2 .  ? 9.416   -7.521  6.440   1.00 29.13 ? 101 GET B O51   1 
HETATM 966  C  C61   . GET E 2 .  ? 8.414   -7.962  8.555   1.00 29.01 ? 101 GET B C61   1 
HETATM 967  O  O61   . GET E 2 .  ? 8.199   -9.248  8.089   1.00 24.23 ? 101 GET B O61   1 
HETATM 968  C  C71   . GET E 2 .  ? 7.144   -7.113  8.272   1.00 25.10 ? 101 GET B C71   1 
HETATM 969  C  C12   . GET E 2 .  ? 13.333  -11.304 3.868   1.00 32.55 ? 101 GET B C12   1 
HETATM 970  N  N12   . GET E 2 .  ? 13.384  -12.597 3.155   1.00 30.98 ? 101 GET B N12   1 
HETATM 971  C  C22   . GET E 2 .  ? 12.618  -11.531 5.227   1.00 29.12 ? 101 GET B C22   1 
HETATM 972  C  C32   . GET E 2 .  ? 12.493  -10.193 5.980   1.00 28.89 ? 101 GET B C32   1 
HETATM 973  N  N32   . GET E 2 .  ? 11.863  -10.467 7.292   1.00 25.08 ? 101 GET B N32   1 
HETATM 974  C  C42   . GET E 2 .  ? 11.653  -9.203  5.122   1.00 28.97 ? 101 GET B C42   1 
HETATM 975  C  C52   . GET E 2 .  ? 12.352  -8.944  3.768   1.00 28.08 ? 101 GET B C52   1 
HETATM 976  O  O52   . GET E 2 .  ? 11.564  -8.068  2.986   1.00 37.68 ? 101 GET B O52   1 
HETATM 977  C  C62   . GET E 2 .  ? 12.539  -10.274 3.014   1.00 32.38 ? 101 GET B C62   1 
HETATM 978  O  O62   . GET E 2 .  ? 13.202  -10.040 1.775   1.00 34.01 ? 101 GET B O62   1 
HETATM 979  C  C13   . GET E 2 .  ? 12.634  -10.703 0.655   1.00 41.59 ? 101 GET B C13   1 
HETATM 980  C  C23   . GET E 2 .  ? 13.747  -11.008 -0.376  1.00 42.85 ? 101 GET B C23   1 
HETATM 981  O  O23   . GET E 2 .  ? 14.562  -12.076 0.086   1.00 41.27 ? 101 GET B O23   1 
HETATM 982  C  C33   . GET E 2 .  ? 14.522  -9.655  -0.593  1.00 43.47 ? 101 GET B C33   1 
HETATM 983  N  N33   . GET E 2 .  ? 15.716  -9.716  -1.492  1.00 42.99 ? 101 GET B N33   1 
HETATM 984  C  C93   . GET E 2 .  ? 16.928  -10.142 -0.747  1.00 41.81 ? 101 GET B C93   1 
HETATM 985  C  C43   . GET E 2 .  ? 13.470  -8.738  -1.286  1.00 47.59 ? 101 GET B C43   1 
HETATM 986  O  O43   . GET E 2 .  ? 13.001  -9.448  -2.438  1.00 53.82 ? 101 GET B O43   1 
HETATM 987  C  C83   . GET E 2 .  ? 14.045  -7.495  -1.719  1.00 46.34 ? 101 GET B C83   1 
HETATM 988  C  C53   . GET E 2 .  ? 12.228  -8.515  -0.376  1.00 40.33 ? 101 GET B C53   1 
HETATM 989  O  O53   . GET E 2 .  ? 11.640  -9.823  0.018   1.00 41.25 ? 101 GET B O53   1 
HETATM 990  HG HG    . HG  F 3 .  ? 9.483   -14.089 0.085   0.26 38.69 ? 102 HG  B HG    1 
HETATM 991  O  O     . HOH G 4 .  ? -21.337 8.719   -6.954  1.00 41.73 ? 201 HOH A O     1 
HETATM 992  O  O     . HOH G 4 .  ? 31.417  -19.244 3.070   1.00 50.39 ? 202 HOH A O     1 
HETATM 993  O  O     . HOH G 4 .  ? -7.345  8.025   -4.061  1.00 40.04 ? 203 HOH A O     1 
HETATM 994  O  O     . HOH G 4 .  ? 26.419  -12.087 5.858   1.00 42.32 ? 204 HOH A O     1 
HETATM 995  O  O     . HOH G 4 .  ? -21.120 10.225  -0.553  1.00 33.47 ? 205 HOH A O     1 
HETATM 996  O  O     . HOH G 4 .  ? -16.040 7.217   5.542   1.00 26.82 ? 206 HOH A O     1 
HETATM 997  O  O     . HOH G 4 .  ? -19.138 9.708   -3.401  1.00 37.30 ? 207 HOH A O     1 
HETATM 998  O  O     . HOH G 4 .  ? -2.100  8.083   1.371   1.00 42.65 ? 208 HOH A O     1 
HETATM 999  O  O     . HOH G 4 .  ? -13.747 1.275   -15.396 1.00 47.24 ? 209 HOH A O     1 
HETATM 1000 O  O     . HOH G 4 .  ? -16.784 15.509  -1.955  1.00 25.36 ? 210 HOH A O     1 
HETATM 1001 O  O     . HOH G 4 .  ? -18.053 6.722   7.577   1.00 35.12 ? 211 HOH A O     1 
HETATM 1002 O  O     . HOH H 4 .  ? -5.563  -2.711  -2.277  1.00 38.17 ? 201 HOH B O     1 
HETATM 1003 O  O     . HOH H 4 .  ? -11.742 10.427  9.681   1.00 33.23 ? 202 HOH B O     1 
HETATM 1004 O  O     . HOH H 4 .  ? 13.083  -25.743 -4.435  1.00 33.12 ? 203 HOH B O     1 
HETATM 1005 O  O     . HOH H 4 .  ? -4.878  4.135   -1.579  1.00 40.01 ? 204 HOH B O     1 
HETATM 1006 O  O     . HOH H 4 .  ? 6.457   -1.688  -2.023  1.00 33.30 ? 205 HOH B O     1 
HETATM 1007 O  O     . HOH H 4 .  ? -14.814 9.322   6.332   1.00 27.08 ? 206 HOH B O     1 
HETATM 1008 O  O     . HOH H 4 .  ? 1.822   -0.736  -0.464  1.00 39.34 ? 207 HOH B O     1 
HETATM 1009 O  O     . HOH H 4 .  ? 7.925   -17.487 -4.729  1.00 37.06 ? 208 HOH B O     1 
HETATM 1010 O  O     . HOH H 4 .  ? 4.513   -14.228 7.406   1.00 38.82 ? 209 HOH B O     1 
# 
loop_
_pdbx_poly_seq_scheme.asym_id 
_pdbx_poly_seq_scheme.entity_id 
_pdbx_poly_seq_scheme.seq_id 
_pdbx_poly_seq_scheme.mon_id 
_pdbx_poly_seq_scheme.ndb_seq_num 
_pdbx_poly_seq_scheme.pdb_seq_num 
_pdbx_poly_seq_scheme.auth_seq_num 
_pdbx_poly_seq_scheme.pdb_mon_id 
_pdbx_poly_seq_scheme.auth_mon_id 
_pdbx_poly_seq_scheme.pdb_strand_id 
_pdbx_poly_seq_scheme.pdb_ins_code 
_pdbx_poly_seq_scheme.hetero 
A 1 1  U 1  1  ?  ? ? A . n 
A 1 2  U 2  2  2  U U A . n 
A 1 3  G 3  3  3  G G A . n 
A 1 4  C 4  4  4  C C A . n 
A 1 5  G 5  5  5  G G A . n 
A 1 6  U 6  6  6  U U A . n 
A 1 7  C 7  7  7  C C A . n 
A 1 8  A 8  8  8  A A A . n 
A 1 9  C 9  9  9  C C A . n 
A 1 10 G 10 10 10 G G A . n 
A 1 11 C 11 11 11 C C A . n 
A 1 12 C 12 12 12 C C A . n 
A 1 13 G 13 13 13 G G A . n 
A 1 14 G 14 14 14 G G A . n 
A 1 15 C 15 15 15 C C A . n 
A 1 16 G 16 16 16 G G A . n 
A 1 17 A 17 17 17 A A A . n 
A 1 18 A 18 18 18 A A A . n 
A 1 19 G 19 19 19 G G A . n 
A 1 20 U 20 20 20 U U A . n 
A 1 21 C 21 21 21 C C A . n 
A 1 22 G 22 22 22 G G A . n 
A 1 23 C 23 23 23 C C A . n 
B 1 1  U 1  24 ?  ? ? B . n 
B 1 2  U 2  25 ?  ? ? B . n 
B 1 3  G 3  26 26 G G B . n 
B 1 4  C 4  27 27 C C B . n 
B 1 5  G 5  28 28 G G B . n 
B 1 6  U 6  29 29 U U B . n 
B 1 7  C 7  30 30 C C B . n 
B 1 8  A 8  31 31 A A B . n 
B 1 9  C 9  32 32 C C B . n 
B 1 10 G 10 33 33 G G B . n 
B 1 11 C 11 34 34 C C B . n 
B 1 12 C 12 35 35 C C B . n 
B 1 13 G 13 36 36 G G B . n 
B 1 14 G 14 37 37 G G B . n 
B 1 15 C 15 38 38 C C B . n 
B 1 16 G 16 39 39 G G B . n 
B 1 17 A 17 40 40 A A B . n 
B 1 18 A 18 41 41 A A B . n 
B 1 19 G 19 42 42 G G B . n 
B 1 20 U 20 43 43 U U B . n 
B 1 21 C 21 44 44 C C B . n 
B 1 22 G 22 45 45 G G B . n 
B 1 23 C 23 46 46 C C B . n 
# 
loop_
_pdbx_nonpoly_scheme.asym_id 
_pdbx_nonpoly_scheme.entity_id 
_pdbx_nonpoly_scheme.mon_id 
_pdbx_nonpoly_scheme.ndb_seq_num 
_pdbx_nonpoly_scheme.pdb_seq_num 
_pdbx_nonpoly_scheme.auth_seq_num 
_pdbx_nonpoly_scheme.pdb_mon_id 
_pdbx_nonpoly_scheme.auth_mon_id 
_pdbx_nonpoly_scheme.pdb_strand_id 
_pdbx_nonpoly_scheme.pdb_ins_code 
C 2 GET 1  101 51  GET GET A . 
D 3 HG  1  102 201 HG  HG  A . 
E 2 GET 1  101 52  GET GET B . 
F 3 HG  1  102 202 HG  HG  B . 
G 4 HOH 1  201 11  HOH HOH A . 
G 4 HOH 2  202 19  HOH HOH A . 
G 4 HOH 3  203 20  HOH HOH A . 
G 4 HOH 4  204 17  HOH HOH A . 
G 4 HOH 5  205 10  HOH HOH A . 
G 4 HOH 6  206 6   HOH HOH A . 
G 4 HOH 7  207 4   HOH HOH A . 
G 4 HOH 8  208 2   HOH HOH A . 
G 4 HOH 9  209 18  HOH HOH A . 
G 4 HOH 10 210 1   HOH HOH A . 
G 4 HOH 11 211 13  HOH HOH A . 
H 4 HOH 1  201 8   HOH HOH B . 
H 4 HOH 2  202 7   HOH HOH B . 
H 4 HOH 3  203 9   HOH HOH B . 
H 4 HOH 4  204 16  HOH HOH B . 
H 4 HOH 5  205 3   HOH HOH B . 
H 4 HOH 6  206 5   HOH HOH B . 
H 4 HOH 7  207 12  HOH HOH B . 
H 4 HOH 8  208 15  HOH HOH B . 
H 4 HOH 9  209 14  HOH HOH B . 
# 
_pdbx_struct_assembly.id                   1 
_pdbx_struct_assembly.details              author_and_software_defined_assembly 
_pdbx_struct_assembly.method_details       PISA 
_pdbx_struct_assembly.oligomeric_details   dimeric 
_pdbx_struct_assembly.oligomeric_count     2 
# 
_pdbx_struct_assembly_gen.assembly_id       1 
_pdbx_struct_assembly_gen.oper_expression   1 
_pdbx_struct_assembly_gen.asym_id_list      A,B,C,D,E,F,G,H 
# 
loop_
_pdbx_struct_assembly_prop.biol_id 
_pdbx_struct_assembly_prop.type 
_pdbx_struct_assembly_prop.value 
_pdbx_struct_assembly_prop.details 
1 'ABSA (A^2)' 4330 ? 
1 MORE         -102 ? 
1 'SSA (A^2)'  7810 ? 
# 
_pdbx_struct_oper_list.id                   1 
_pdbx_struct_oper_list.type                 'identity operation' 
_pdbx_struct_oper_list.name                 1_555 
_pdbx_struct_oper_list.symmetry_operation   x,y,z 
_pdbx_struct_oper_list.matrix[1][1]         1.0000000000 
_pdbx_struct_oper_list.matrix[1][2]         0.0000000000 
_pdbx_struct_oper_list.matrix[1][3]         0.0000000000 
_pdbx_struct_oper_list.vector[1]            0.0000000000 
_pdbx_struct_oper_list.matrix[2][1]         0.0000000000 
_pdbx_struct_oper_list.matrix[2][2]         1.0000000000 
_pdbx_struct_oper_list.matrix[2][3]         0.0000000000 
_pdbx_struct_oper_list.vector[2]            0.0000000000 
_pdbx_struct_oper_list.matrix[3][1]         0.0000000000 
_pdbx_struct_oper_list.matrix[3][2]         0.0000000000 
_pdbx_struct_oper_list.matrix[3][3]         1.0000000000 
_pdbx_struct_oper_list.vector[3]            0.0000000000 
# 
loop_
_pdbx_struct_conn_angle.id 
_pdbx_struct_conn_angle.ptnr1_label_atom_id 
_pdbx_struct_conn_angle.ptnr1_label_alt_id 
_pdbx_struct_conn_angle.ptnr1_label_asym_id 
_pdbx_struct_conn_angle.ptnr1_label_comp_id 
_pdbx_struct_conn_angle.ptnr1_label_seq_id 
_pdbx_struct_conn_angle.ptnr1_auth_atom_id 
_pdbx_struct_conn_angle.ptnr1_auth_asym_id 
_pdbx_struct_conn_angle.ptnr1_auth_comp_id 
_pdbx_struct_conn_angle.ptnr1_auth_seq_id 
_pdbx_struct_conn_angle.ptnr1_PDB_ins_code 
_pdbx_struct_conn_angle.ptnr1_symmetry 
_pdbx_struct_conn_angle.ptnr2_label_atom_id 
_pdbx_struct_conn_angle.ptnr2_label_alt_id 
_pdbx_struct_conn_angle.ptnr2_label_asym_id 
_pdbx_struct_conn_angle.ptnr2_label_comp_id 
_pdbx_struct_conn_angle.ptnr2_label_seq_id 
_pdbx_struct_conn_angle.ptnr2_auth_atom_id 
_pdbx_struct_conn_angle.ptnr2_auth_asym_id 
_pdbx_struct_conn_angle.ptnr2_auth_comp_id 
_pdbx_struct_conn_angle.ptnr2_auth_seq_id 
_pdbx_struct_conn_angle.ptnr2_PDB_ins_code 
_pdbx_struct_conn_angle.ptnr2_symmetry 
_pdbx_struct_conn_angle.ptnr3_label_atom_id 
_pdbx_struct_conn_angle.ptnr3_label_alt_id 
_pdbx_struct_conn_angle.ptnr3_label_asym_id 
_pdbx_struct_conn_angle.ptnr3_label_comp_id 
_pdbx_struct_conn_angle.ptnr3_label_seq_id 
_pdbx_struct_conn_angle.ptnr3_auth_atom_id 
_pdbx_struct_conn_angle.ptnr3_auth_asym_id 
_pdbx_struct_conn_angle.ptnr3_auth_comp_id 
_pdbx_struct_conn_angle.ptnr3_auth_seq_id 
_pdbx_struct_conn_angle.ptnr3_PDB_ins_code 
_pdbx_struct_conn_angle.ptnr3_symmetry 
_pdbx_struct_conn_angle.value 
_pdbx_struct_conn_angle.value_esd 
1  N3 ? A U 6  ? A U 6  ? 1_555 HG ? F HG . ? B HG 102 ? 1_555 O4 ? A U 6  ? A U 6  ? 1_555 63.1  ? 
2  N3 ? A U 6  ? A U 6  ? 1_555 HG ? F HG . ? B HG 102 ? 1_555 O2 ? B U 20 ? B U 43 ? 1_555 119.2 ? 
3  O4 ? A U 6  ? A U 6  ? 1_555 HG ? F HG . ? B HG 102 ? 1_555 O2 ? B U 20 ? B U 43 ? 1_555 174.8 ? 
4  N3 ? A U 6  ? A U 6  ? 1_555 HG ? F HG . ? B HG 102 ? 1_555 N3 ? B U 20 ? B U 43 ? 1_555 171.5 ? 
5  O4 ? A U 6  ? A U 6  ? 1_555 HG ? F HG . ? B HG 102 ? 1_555 N3 ? B U 20 ? B U 43 ? 1_555 125.4 ? 
6  O2 ? B U 20 ? B U 43 ? 1_555 HG ? F HG . ? B HG 102 ? 1_555 N3 ? B U 20 ? B U 43 ? 1_555 52.3  ? 
7  N3 ? A U 6  ? A U 6  ? 1_555 HG ? F HG . ? B HG 102 ? 1_555 O4 ? B U 20 ? B U 43 ? 1_555 142.9 ? 
8  O4 ? A U 6  ? A U 6  ? 1_555 HG ? F HG . ? B HG 102 ? 1_555 O4 ? B U 20 ? B U 43 ? 1_555 79.9  ? 
9  O2 ? B U 20 ? B U 43 ? 1_555 HG ? F HG . ? B HG 102 ? 1_555 O4 ? B U 20 ? B U 43 ? 1_555 97.9  ? 
10 N3 ? B U 20 ? B U 43 ? 1_555 HG ? F HG . ? B HG 102 ? 1_555 O4 ? B U 20 ? B U 43 ? 1_555 45.6  ? 
11 O2 ? A U 20 ? A U 20 ? 1_555 HG ? D HG . ? A HG 102 ? 1_555 N3 ? A U 20 ? A U 20 ? 1_555 51.6  ? 
12 O2 ? A U 20 ? A U 20 ? 1_555 HG ? D HG . ? A HG 102 ? 1_555 O4 ? A U 20 ? A U 20 ? 1_555 97.2  ? 
13 N3 ? A U 20 ? A U 20 ? 1_555 HG ? D HG . ? A HG 102 ? 1_555 O4 ? A U 20 ? A U 20 ? 1_555 45.6  ? 
14 O2 ? A U 20 ? A U 20 ? 1_555 HG ? D HG . ? A HG 102 ? 1_555 N3 ? B U 6  ? B U 29 ? 1_555 130.7 ? 
15 N3 ? A U 20 ? A U 20 ? 1_555 HG ? D HG . ? A HG 102 ? 1_555 N3 ? B U 6  ? B U 29 ? 1_555 175.0 ? 
16 O4 ? A U 20 ? A U 20 ? 1_555 HG ? D HG . ? A HG 102 ? 1_555 N3 ? B U 6  ? B U 29 ? 1_555 131.7 ? 
17 O2 ? A U 20 ? A U 20 ? 1_555 HG ? D HG . ? A HG 102 ? 1_555 O4 ? B U 6  ? B U 29 ? 1_555 170.4 ? 
18 N3 ? A U 20 ? A U 20 ? 1_555 HG ? D HG . ? A HG 102 ? 1_555 O4 ? B U 6  ? B U 29 ? 1_555 119.0 ? 
19 O4 ? A U 20 ? A U 20 ? 1_555 HG ? D HG . ? A HG 102 ? 1_555 O4 ? B U 6  ? B U 29 ? 1_555 73.4  ? 
20 N3 ? B U 6  ? B U 29 ? 1_555 HG ? D HG . ? A HG 102 ? 1_555 O4 ? B U 6  ? B U 29 ? 1_555 58.8  ? 
# 
loop_
_pdbx_audit_revision_history.ordinal 
_pdbx_audit_revision_history.data_content_type 
_pdbx_audit_revision_history.major_revision 
_pdbx_audit_revision_history.minor_revision 
_pdbx_audit_revision_history.revision_date 
1 'Structure model' 1 0 2022-03-16 
2 'Structure model' 1 1 2023-11-29 
# 
_pdbx_audit_revision_details.ordinal             1 
_pdbx_audit_revision_details.revision_ordinal    1 
_pdbx_audit_revision_details.data_content_type   'Structure model' 
_pdbx_audit_revision_details.provider            repository 
_pdbx_audit_revision_details.type                'Initial release' 
_pdbx_audit_revision_details.description         ? 
_pdbx_audit_revision_details.details             ? 
# 
loop_
_pdbx_audit_revision_group.ordinal 
_pdbx_audit_revision_group.revision_ordinal 
_pdbx_audit_revision_group.data_content_type 
_pdbx_audit_revision_group.group 
1 2 'Structure model' 'Data collection'        
2 2 'Structure model' 'Refinement description' 
# 
loop_
_pdbx_audit_revision_category.ordinal 
_pdbx_audit_revision_category.revision_ordinal 
_pdbx_audit_revision_category.data_content_type 
_pdbx_audit_revision_category.category 
1 2 'Structure model' chem_comp_atom                
2 2 'Structure model' chem_comp_bond                
3 2 'Structure model' pdbx_initial_refinement_model 
# 
loop_
_software.citation_id 
_software.classification 
_software.compiler_name 
_software.compiler_version 
_software.contact_author 
_software.contact_author_email 
_software.date 
_software.description 
_software.dependencies 
_software.hardware 
_software.language 
_software.location 
_software.mods 
_software.name 
_software.os 
_software.os_version 
_software.type 
_software.version 
_software.pdbx_ordinal 
? 'data scaling'   ? ? ? ? ? ? ? ? ? ? ? XSCALE ? ? ? .      1 
? refinement       ? ? ? ? ? ? ? ? ? ? ? PHENIX ? ? ? 1.17.1 2 
? 'data reduction' ? ? ? ? ? ? ? ? ? ? ? XDS    ? ? ? .      3 
? phasing          ? ? ? ? ? ? ? ? ? ? ? PHASER ? ? ? .      4 
# 
_pdbx_entry_details.entry_id                 7EDL 
_pdbx_entry_details.has_ligand_of_interest   Y 
_pdbx_entry_details.compound_details         ? 
_pdbx_entry_details.source_details           ? 
_pdbx_entry_details.nonpolymer_details       ? 
_pdbx_entry_details.sequence_details         ? 
# 
loop_
_pdbx_unobs_or_zero_occ_residues.id 
_pdbx_unobs_or_zero_occ_residues.PDB_model_num 
_pdbx_unobs_or_zero_occ_residues.polymer_flag 
_pdbx_unobs_or_zero_occ_residues.occupancy_flag 
_pdbx_unobs_or_zero_occ_residues.auth_asym_id 
_pdbx_unobs_or_zero_occ_residues.auth_comp_id 
_pdbx_unobs_or_zero_occ_residues.auth_seq_id 
_pdbx_unobs_or_zero_occ_residues.PDB_ins_code 
_pdbx_unobs_or_zero_occ_residues.label_asym_id 
_pdbx_unobs_or_zero_occ_residues.label_comp_id 
_pdbx_unobs_or_zero_occ_residues.label_seq_id 
1 1 Y 1 A U 1  ? A U 1 
2 1 Y 1 B U 24 ? B U 1 
3 1 Y 1 B U 25 ? B U 2 
# 
loop_
_chem_comp_atom.comp_id 
_chem_comp_atom.atom_id 
_chem_comp_atom.type_symbol 
_chem_comp_atom.pdbx_aromatic_flag 
_chem_comp_atom.pdbx_stereo_config 
_chem_comp_atom.pdbx_ordinal 
A   OP3    O  N N 1   
A   P      P  N N 2   
A   OP1    O  N N 3   
A   OP2    O  N N 4   
A   "O5'"  O  N N 5   
A   "C5'"  C  N N 6   
A   "C4'"  C  N R 7   
A   "O4'"  O  N N 8   
A   "C3'"  C  N S 9   
A   "O3'"  O  N N 10  
A   "C2'"  C  N R 11  
A   "O2'"  O  N N 12  
A   "C1'"  C  N R 13  
A   N9     N  Y N 14  
A   C8     C  Y N 15  
A   N7     N  Y N 16  
A   C5     C  Y N 17  
A   C6     C  Y N 18  
A   N6     N  N N 19  
A   N1     N  Y N 20  
A   C2     C  Y N 21  
A   N3     N  Y N 22  
A   C4     C  Y N 23  
A   HOP3   H  N N 24  
A   HOP2   H  N N 25  
A   "H5'"  H  N N 26  
A   "H5''" H  N N 27  
A   "H4'"  H  N N 28  
A   "H3'"  H  N N 29  
A   "HO3'" H  N N 30  
A   "H2'"  H  N N 31  
A   "HO2'" H  N N 32  
A   "H1'"  H  N N 33  
A   H8     H  N N 34  
A   H61    H  N N 35  
A   H62    H  N N 36  
A   H2     H  N N 37  
C   OP3    O  N N 38  
C   P      P  N N 39  
C   OP1    O  N N 40  
C   OP2    O  N N 41  
C   "O5'"  O  N N 42  
C   "C5'"  C  N N 43  
C   "C4'"  C  N R 44  
C   "O4'"  O  N N 45  
C   "C3'"  C  N S 46  
C   "O3'"  O  N N 47  
C   "C2'"  C  N R 48  
C   "O2'"  O  N N 49  
C   "C1'"  C  N R 50  
C   N1     N  N N 51  
C   C2     C  N N 52  
C   O2     O  N N 53  
C   N3     N  N N 54  
C   C4     C  N N 55  
C   N4     N  N N 56  
C   C5     C  N N 57  
C   C6     C  N N 58  
C   HOP3   H  N N 59  
C   HOP2   H  N N 60  
C   "H5'"  H  N N 61  
C   "H5''" H  N N 62  
C   "H4'"  H  N N 63  
C   "H3'"  H  N N 64  
C   "HO3'" H  N N 65  
C   "H2'"  H  N N 66  
C   "HO2'" H  N N 67  
C   "H1'"  H  N N 68  
C   H41    H  N N 69  
C   H42    H  N N 70  
C   H5     H  N N 71  
C   H6     H  N N 72  
G   OP3    O  N N 73  
G   P      P  N N 74  
G   OP1    O  N N 75  
G   OP2    O  N N 76  
G   "O5'"  O  N N 77  
G   "C5'"  C  N N 78  
G   "C4'"  C  N R 79  
G   "O4'"  O  N N 80  
G   "C3'"  C  N S 81  
G   "O3'"  O  N N 82  
G   "C2'"  C  N R 83  
G   "O2'"  O  N N 84  
G   "C1'"  C  N R 85  
G   N9     N  Y N 86  
G   C8     C  Y N 87  
G   N7     N  Y N 88  
G   C5     C  Y N 89  
G   C6     C  N N 90  
G   O6     O  N N 91  
G   N1     N  N N 92  
G   C2     C  N N 93  
G   N2     N  N N 94  
G   N3     N  N N 95  
G   C4     C  Y N 96  
G   HOP3   H  N N 97  
G   HOP2   H  N N 98  
G   "H5'"  H  N N 99  
G   "H5''" H  N N 100 
G   "H4'"  H  N N 101 
G   "H3'"  H  N N 102 
G   "HO3'" H  N N 103 
G   "H2'"  H  N N 104 
G   "HO2'" H  N N 105 
G   "H1'"  H  N N 106 
G   H8     H  N N 107 
G   H1     H  N N 108 
G   H21    H  N N 109 
G   H22    H  N N 110 
GET C11    C  N S 111 
GET O11    O  N N 112 
GET C21    C  N R 113 
GET N21    N  N N 114 
GET C31    C  N R 115 
GET O31    O  N N 116 
GET C41    C  N S 117 
GET O41    O  N N 118 
GET C51    C  N R 119 
GET O51    O  N N 120 
GET C61    C  N R 121 
GET O61    O  N N 122 
GET C71    C  N N 123 
GET C12    C  N R 124 
GET N12    N  N N 125 
GET C22    C  N N 126 
GET C32    C  N S 127 
GET N32    N  N N 128 
GET C42    C  N R 129 
GET C52    C  N S 130 
GET O52    O  N N 131 
GET C62    C  N S 132 
GET O62    O  N N 133 
GET C13    C  N R 134 
GET C23    C  N R 135 
GET O23    O  N N 136 
GET C33    C  N R 137 
GET N33    N  N N 138 
GET C93    C  N N 139 
GET C43    C  N R 140 
GET O43    O  N N 141 
GET C83    C  N N 142 
GET C53    C  N N 143 
GET O53    O  N N 144 
GET H111   H  N N 145 
GET H21    H  N N 146 
GET H211   H  N N 147 
GET H212   H  N N 148 
GET H311   H  N N 149 
GET H31    H  N N 150 
GET H411   H  N N 151 
GET H41    H  N N 152 
GET H511   H  N N 153 
GET H611   H  N N 154 
GET H61    H  N N 155 
GET H711   H  N N 156 
GET H712   H  N N 157 
GET H713   H  N N 158 
GET H12    H  N N 159 
GET H121   H  N N 160 
GET H122   H  N N 161 
GET H221   H  N N 162 
GET H222   H  N N 163 
GET H32    H  N N 164 
GET H321   H  N N 165 
GET H322   H  N N 166 
GET H421   H  N N 167 
GET H521   H  N N 168 
GET H52    H  N N 169 
GET H621   H  N N 170 
GET H131   H  N N 171 
GET H231   H  N N 172 
GET H23    H  N N 173 
GET H331   H  N N 174 
GET H33    H  N N 175 
GET H931   H  N N 176 
GET H932   H  N N 177 
GET H933   H  N N 178 
GET H43    H  N N 179 
GET H831   H  N N 180 
GET H832   H  N N 181 
GET H833   H  N N 182 
GET H531   H  N N 183 
GET H532   H  N N 184 
HG  HG     HG N N 185 
HOH O      O  N N 186 
HOH H1     H  N N 187 
HOH H2     H  N N 188 
U   OP3    O  N N 189 
U   P      P  N N 190 
U   OP1    O  N N 191 
U   OP2    O  N N 192 
U   "O5'"  O  N N 193 
U   "C5'"  C  N N 194 
U   "C4'"  C  N R 195 
U   "O4'"  O  N N 196 
U   "C3'"  C  N S 197 
U   "O3'"  O  N N 198 
U   "C2'"  C  N R 199 
U   "O2'"  O  N N 200 
U   "C1'"  C  N R 201 
U   N1     N  N N 202 
U   C2     C  N N 203 
U   O2     O  N N 204 
U   N3     N  N N 205 
U   C4     C  N N 206 
U   O4     O  N N 207 
U   C5     C  N N 208 
U   C6     C  N N 209 
U   HOP3   H  N N 210 
U   HOP2   H  N N 211 
U   "H5'"  H  N N 212 
U   "H5''" H  N N 213 
U   "H4'"  H  N N 214 
U   "H3'"  H  N N 215 
U   "HO3'" H  N N 216 
U   "H2'"  H  N N 217 
U   "HO2'" H  N N 218 
U   "H1'"  H  N N 219 
U   H3     H  N N 220 
U   H5     H  N N 221 
U   H6     H  N N 222 
# 
loop_
_chem_comp_bond.comp_id 
_chem_comp_bond.atom_id_1 
_chem_comp_bond.atom_id_2 
_chem_comp_bond.value_order 
_chem_comp_bond.pdbx_aromatic_flag 
_chem_comp_bond.pdbx_stereo_config 
_chem_comp_bond.pdbx_ordinal 
A   OP3   P      sing N N 1   
A   OP3   HOP3   sing N N 2   
A   P     OP1    doub N N 3   
A   P     OP2    sing N N 4   
A   P     "O5'"  sing N N 5   
A   OP2   HOP2   sing N N 6   
A   "O5'" "C5'"  sing N N 7   
A   "C5'" "C4'"  sing N N 8   
A   "C5'" "H5'"  sing N N 9   
A   "C5'" "H5''" sing N N 10  
A   "C4'" "O4'"  sing N N 11  
A   "C4'" "C3'"  sing N N 12  
A   "C4'" "H4'"  sing N N 13  
A   "O4'" "C1'"  sing N N 14  
A   "C3'" "O3'"  sing N N 15  
A   "C3'" "C2'"  sing N N 16  
A   "C3'" "H3'"  sing N N 17  
A   "O3'" "HO3'" sing N N 18  
A   "C2'" "O2'"  sing N N 19  
A   "C2'" "C1'"  sing N N 20  
A   "C2'" "H2'"  sing N N 21  
A   "O2'" "HO2'" sing N N 22  
A   "C1'" N9     sing N N 23  
A   "C1'" "H1'"  sing N N 24  
A   N9    C8     sing Y N 25  
A   N9    C4     sing Y N 26  
A   C8    N7     doub Y N 27  
A   C8    H8     sing N N 28  
A   N7    C5     sing Y N 29  
A   C5    C6     sing Y N 30  
A   C5    C4     doub Y N 31  
A   C6    N6     sing N N 32  
A   C6    N1     doub Y N 33  
A   N6    H61    sing N N 34  
A   N6    H62    sing N N 35  
A   N1    C2     sing Y N 36  
A   C2    N3     doub Y N 37  
A   C2    H2     sing N N 38  
A   N3    C4     sing Y N 39  
C   OP3   P      sing N N 40  
C   OP3   HOP3   sing N N 41  
C   P     OP1    doub N N 42  
C   P     OP2    sing N N 43  
C   P     "O5'"  sing N N 44  
C   OP2   HOP2   sing N N 45  
C   "O5'" "C5'"  sing N N 46  
C   "C5'" "C4'"  sing N N 47  
C   "C5'" "H5'"  sing N N 48  
C   "C5'" "H5''" sing N N 49  
C   "C4'" "O4'"  sing N N 50  
C   "C4'" "C3'"  sing N N 51  
C   "C4'" "H4'"  sing N N 52  
C   "O4'" "C1'"  sing N N 53  
C   "C3'" "O3'"  sing N N 54  
C   "C3'" "C2'"  sing N N 55  
C   "C3'" "H3'"  sing N N 56  
C   "O3'" "HO3'" sing N N 57  
C   "C2'" "O2'"  sing N N 58  
C   "C2'" "C1'"  sing N N 59  
C   "C2'" "H2'"  sing N N 60  
C   "O2'" "HO2'" sing N N 61  
C   "C1'" N1     sing N N 62  
C   "C1'" "H1'"  sing N N 63  
C   N1    C2     sing N N 64  
C   N1    C6     sing N N 65  
C   C2    O2     doub N N 66  
C   C2    N3     sing N N 67  
C   N3    C4     doub N N 68  
C   C4    N4     sing N N 69  
C   C4    C5     sing N N 70  
C   N4    H41    sing N N 71  
C   N4    H42    sing N N 72  
C   C5    C6     doub N N 73  
C   C5    H5     sing N N 74  
C   C6    H6     sing N N 75  
G   OP3   P      sing N N 76  
G   OP3   HOP3   sing N N 77  
G   P     OP1    doub N N 78  
G   P     OP2    sing N N 79  
G   P     "O5'"  sing N N 80  
G   OP2   HOP2   sing N N 81  
G   "O5'" "C5'"  sing N N 82  
G   "C5'" "C4'"  sing N N 83  
G   "C5'" "H5'"  sing N N 84  
G   "C5'" "H5''" sing N N 85  
G   "C4'" "O4'"  sing N N 86  
G   "C4'" "C3'"  sing N N 87  
G   "C4'" "H4'"  sing N N 88  
G   "O4'" "C1'"  sing N N 89  
G   "C3'" "O3'"  sing N N 90  
G   "C3'" "C2'"  sing N N 91  
G   "C3'" "H3'"  sing N N 92  
G   "O3'" "HO3'" sing N N 93  
G   "C2'" "O2'"  sing N N 94  
G   "C2'" "C1'"  sing N N 95  
G   "C2'" "H2'"  sing N N 96  
G   "O2'" "HO2'" sing N N 97  
G   "C1'" N9     sing N N 98  
G   "C1'" "H1'"  sing N N 99  
G   N9    C8     sing Y N 100 
G   N9    C4     sing Y N 101 
G   C8    N7     doub Y N 102 
G   C8    H8     sing N N 103 
G   N7    C5     sing Y N 104 
G   C5    C6     sing N N 105 
G   C5    C4     doub Y N 106 
G   C6    O6     doub N N 107 
G   C6    N1     sing N N 108 
G   N1    C2     sing N N 109 
G   N1    H1     sing N N 110 
G   C2    N2     sing N N 111 
G   C2    N3     doub N N 112 
G   N2    H21    sing N N 113 
G   N2    H22    sing N N 114 
G   N3    C4     sing N N 115 
GET C11   O11    sing N N 116 
GET C11   C21    sing N N 117 
GET C11   O51    sing N N 118 
GET C11   H111   sing N N 119 
GET O11   C42    sing N N 120 
GET C21   N21    sing N N 121 
GET C21   C31    sing N N 122 
GET C21   H21    sing N N 123 
GET N21   H211   sing N N 124 
GET N21   H212   sing N N 125 
GET C31   O31    sing N N 126 
GET C31   C41    sing N N 127 
GET C31   H311   sing N N 128 
GET O31   H31    sing N N 129 
GET C41   O41    sing N N 130 
GET C41   C51    sing N N 131 
GET C41   H411   sing N N 132 
GET O41   H41    sing N N 133 
GET C51   O51    sing N N 134 
GET C51   C61    sing N N 135 
GET C51   H511   sing N N 136 
GET C61   O61    sing N N 137 
GET C61   C71    sing N N 138 
GET C61   H611   sing N N 139 
GET O61   H61    sing N N 140 
GET C71   H711   sing N N 141 
GET C71   H712   sing N N 142 
GET C71   H713   sing N N 143 
GET C12   N12    sing N N 144 
GET C12   C22    sing N N 145 
GET C12   C62    sing N N 146 
GET C12   H12    sing N N 147 
GET N12   H121   sing N N 148 
GET N12   H122   sing N N 149 
GET C22   C32    sing N N 150 
GET C22   H221   sing N N 151 
GET C22   H222   sing N N 152 
GET C32   N32    sing N N 153 
GET C32   C42    sing N N 154 
GET C32   H32    sing N N 155 
GET N32   H321   sing N N 156 
GET N32   H322   sing N N 157 
GET C42   C52    sing N N 158 
GET C42   H421   sing N N 159 
GET C52   O52    sing N N 160 
GET C52   C62    sing N N 161 
GET C52   H521   sing N N 162 
GET O52   H52    sing N N 163 
GET C62   O62    sing N N 164 
GET C62   H621   sing N N 165 
GET O62   C13    sing N N 166 
GET C13   C23    sing N N 167 
GET C13   O53    sing N N 168 
GET C13   H131   sing N N 169 
GET C23   O23    sing N N 170 
GET C23   C33    sing N N 171 
GET C23   H231   sing N N 172 
GET O23   H23    sing N N 173 
GET C33   N33    sing N N 174 
GET C33   C43    sing N N 175 
GET C33   H331   sing N N 176 
GET N33   C93    sing N N 177 
GET N33   H33    sing N N 178 
GET C93   H931   sing N N 179 
GET C93   H932   sing N N 180 
GET C93   H933   sing N N 181 
GET C43   O43    sing N N 182 
GET C43   C83    sing N N 183 
GET C43   C53    sing N N 184 
GET O43   H43    sing N N 185 
GET C83   H831   sing N N 186 
GET C83   H832   sing N N 187 
GET C83   H833   sing N N 188 
GET C53   O53    sing N N 189 
GET C53   H531   sing N N 190 
GET C53   H532   sing N N 191 
HOH O     H1     sing N N 192 
HOH O     H2     sing N N 193 
U   OP3   P      sing N N 194 
U   OP3   HOP3   sing N N 195 
U   P     OP1    doub N N 196 
U   P     OP2    sing N N 197 
U   P     "O5'"  sing N N 198 
U   OP2   HOP2   sing N N 199 
U   "O5'" "C5'"  sing N N 200 
U   "C5'" "C4'"  sing N N 201 
U   "C5'" "H5'"  sing N N 202 
U   "C5'" "H5''" sing N N 203 
U   "C4'" "O4'"  sing N N 204 
U   "C4'" "C3'"  sing N N 205 
U   "C4'" "H4'"  sing N N 206 
U   "O4'" "C1'"  sing N N 207 
U   "C3'" "O3'"  sing N N 208 
U   "C3'" "C2'"  sing N N 209 
U   "C3'" "H3'"  sing N N 210 
U   "O3'" "HO3'" sing N N 211 
U   "C2'" "O2'"  sing N N 212 
U   "C2'" "C1'"  sing N N 213 
U   "C2'" "H2'"  sing N N 214 
U   "O2'" "HO2'" sing N N 215 
U   "C1'" N1     sing N N 216 
U   "C1'" "H1'"  sing N N 217 
U   N1    C2     sing N N 218 
U   N1    C6     sing N N 219 
U   C2    O2     doub N N 220 
U   C2    N3     sing N N 221 
U   N3    C4     sing N N 222 
U   N3    H3     sing N N 223 
U   C4    O4     doub N N 224 
U   C4    C5     sing N N 225 
U   C5    C6     doub N N 226 
U   C5    H5     sing N N 227 
U   C6    H6     sing N N 228 
# 
loop_
_ndb_struct_conf_na.entry_id 
_ndb_struct_conf_na.feature 
7EDL 'double helix'        
7EDL 'a-form double helix' 
# 
loop_
_ndb_struct_na_base_pair.model_number 
_ndb_struct_na_base_pair.i_label_asym_id 
_ndb_struct_na_base_pair.i_label_comp_id 
_ndb_struct_na_base_pair.i_label_seq_id 
_ndb_struct_na_base_pair.i_symmetry 
_ndb_struct_na_base_pair.j_label_asym_id 
_ndb_struct_na_base_pair.j_label_comp_id 
_ndb_struct_na_base_pair.j_label_seq_id 
_ndb_struct_na_base_pair.j_symmetry 
_ndb_struct_na_base_pair.shear 
_ndb_struct_na_base_pair.stretch 
_ndb_struct_na_base_pair.stagger 
_ndb_struct_na_base_pair.buckle 
_ndb_struct_na_base_pair.propeller 
_ndb_struct_na_base_pair.opening 
_ndb_struct_na_base_pair.pair_number 
_ndb_struct_na_base_pair.pair_name 
_ndb_struct_na_base_pair.i_auth_asym_id 
_ndb_struct_na_base_pair.i_auth_seq_id 
_ndb_struct_na_base_pair.i_PDB_ins_code 
_ndb_struct_na_base_pair.j_auth_asym_id 
_ndb_struct_na_base_pair.j_auth_seq_id 
_ndb_struct_na_base_pair.j_PDB_ins_code 
_ndb_struct_na_base_pair.hbond_type_28 
_ndb_struct_na_base_pair.hbond_type_12 
1 A G 3  1_555 B C 23 1_555 -0.017 -0.312 -0.096 -2.980 3.044   0.279  1  A_G3:C46_B  A 3  ? B 46 ? 19 1 
1 A C 4  1_555 B G 22 1_555 -0.133 -0.243 -0.270 1.505  1.196   0.129  2  A_C4:G45_B  A 4  ? B 45 ? 19 1 
1 A G 5  1_555 B C 21 1_555 -0.271 -0.081 -0.254 -5.996 -2.795  2.738  3  A_G5:C44_B  A 5  ? B 44 ? 19 1 
1 A U 6  1_555 B U 20 1_555 -1.468 -0.820 -0.111 -3.249 -5.708  -5.089 4  A_U6:U43_B  A 6  ? B 43 ? ?  ? 
1 A C 7  1_555 B G 19 1_555 -0.045 -0.085 0.115  -7.244 3.053   -1.511 5  A_C7:G42_B  A 7  ? B 42 ? 19 1 
1 A C 9  1_555 B G 16 1_555 -0.012 -0.190 -0.146 1.708  -13.580 0.656  6  A_C9:G39_B  A 9  ? B 39 ? 19 1 
1 A G 10 1_555 B C 15 1_555 -0.202 -0.209 -0.072 -0.974 -12.499 1.515  7  A_G10:C38_B A 10 ? B 38 ? 19 1 
1 A C 11 1_555 B G 14 1_555 -0.389 -0.148 -0.003 3.631  -15.780 0.077  8  A_C11:G37_B A 11 ? B 37 ? 19 1 
1 A C 12 1_555 B G 13 1_555 0.130  -0.225 0.145  -1.039 -9.023  -5.055 9  A_C12:G36_B A 12 ? B 36 ? 19 1 
1 A G 13 1_555 B C 12 1_555 0.089  -0.090 0.176  1.856  -11.737 2.935  10 A_G13:C35_B A 13 ? B 35 ? 19 1 
1 A G 14 1_555 B C 11 1_555 -0.302 -0.467 0.241  1.964  -5.949  -2.112 11 A_G14:C34_B A 14 ? B 34 ? 19 1 
1 A C 15 1_555 B G 10 1_555 0.405  -0.180 0.161  5.550  -12.972 4.014  12 A_C15:G33_B A 15 ? B 33 ? 19 1 
1 A G 16 1_555 B C 9  1_555 -0.332 -0.216 0.328  -4.622 -16.131 0.881  13 A_G16:C32_B A 16 ? B 32 ? 19 1 
1 A G 19 1_555 B C 7  1_555 -0.341 -0.259 -0.425 -8.047 2.319   2.532  14 A_G19:C30_B A 19 ? B 30 ? 19 1 
1 A C 21 1_555 B G 5  1_555 0.353  -0.225 -0.447 8.912  -9.512  0.487  15 A_C21:G28_B A 21 ? B 28 ? 19 1 
1 A G 22 1_555 B C 4  1_555 -0.064 -0.206 -0.429 -7.708 -4.662  -3.373 16 A_G22:C27_B A 22 ? B 27 ? 19 1 
1 A C 23 1_555 B G 3  1_555 0.360  0.076  -0.752 15.262 -3.345  5.265  17 A_C23:G26_B A 23 ? B 26 ? 19 1 
# 
loop_
_ndb_struct_na_base_pair_step.model_number 
_ndb_struct_na_base_pair_step.i_label_asym_id_1 
_ndb_struct_na_base_pair_step.i_label_comp_id_1 
_ndb_struct_na_base_pair_step.i_label_seq_id_1 
_ndb_struct_na_base_pair_step.i_symmetry_1 
_ndb_struct_na_base_pair_step.j_label_asym_id_1 
_ndb_struct_na_base_pair_step.j_label_comp_id_1 
_ndb_struct_na_base_pair_step.j_label_seq_id_1 
_ndb_struct_na_base_pair_step.j_symmetry_1 
_ndb_struct_na_base_pair_step.i_label_asym_id_2 
_ndb_struct_na_base_pair_step.i_label_comp_id_2 
_ndb_struct_na_base_pair_step.i_label_seq_id_2 
_ndb_struct_na_base_pair_step.i_symmetry_2 
_ndb_struct_na_base_pair_step.j_label_asym_id_2 
_ndb_struct_na_base_pair_step.j_label_comp_id_2 
_ndb_struct_na_base_pair_step.j_label_seq_id_2 
_ndb_struct_na_base_pair_step.j_symmetry_2 
_ndb_struct_na_base_pair_step.shift 
_ndb_struct_na_base_pair_step.slide 
_ndb_struct_na_base_pair_step.rise 
_ndb_struct_na_base_pair_step.tilt 
_ndb_struct_na_base_pair_step.roll 
_ndb_struct_na_base_pair_step.twist 
_ndb_struct_na_base_pair_step.x_displacement 
_ndb_struct_na_base_pair_step.y_displacement 
_ndb_struct_na_base_pair_step.helical_rise 
_ndb_struct_na_base_pair_step.inclination 
_ndb_struct_na_base_pair_step.tip 
_ndb_struct_na_base_pair_step.helical_twist 
_ndb_struct_na_base_pair_step.step_number 
_ndb_struct_na_base_pair_step.step_name 
_ndb_struct_na_base_pair_step.i_auth_asym_id_1 
_ndb_struct_na_base_pair_step.i_auth_seq_id_1 
_ndb_struct_na_base_pair_step.i_PDB_ins_code_1 
_ndb_struct_na_base_pair_step.j_auth_asym_id_1 
_ndb_struct_na_base_pair_step.j_auth_seq_id_1 
_ndb_struct_na_base_pair_step.j_PDB_ins_code_1 
_ndb_struct_na_base_pair_step.i_auth_asym_id_2 
_ndb_struct_na_base_pair_step.i_auth_seq_id_2 
_ndb_struct_na_base_pair_step.i_PDB_ins_code_2 
_ndb_struct_na_base_pair_step.j_auth_asym_id_2 
_ndb_struct_na_base_pair_step.j_auth_seq_id_2 
_ndb_struct_na_base_pair_step.j_PDB_ins_code_2 
1 A G 3  1_555 B C 23 1_555 A C 4  1_555 B G 22 1_555 -0.484 -2.086 3.178 0.618  2.052  28.985 -4.584 1.093  3.016 4.094  -1.233 
29.062 1  AA_G3C4:G45C46_BB   A 3  ? B 46 ? A 4  ? B 45 ? 
1 A C 4  1_555 B G 22 1_555 A G 5  1_555 B C 21 1_555 0.473  -1.987 3.401 -0.219 7.234  29.917 -5.118 -0.934 2.850 13.760 0.417  
30.761 2  AA_C4G5:C44G45_BB   A 4  ? B 45 ? A 5  ? B 44 ? 
1 A G 5  1_555 B C 21 1_555 A U 6  1_555 B U 20 1_555 -0.494 -1.844 3.159 -2.609 1.000  29.523 -3.806 0.435  3.128 1.957  5.105  
29.652 3  AA_G5U6:U43C44_BB   A 5  ? B 44 ? A 6  ? B 43 ? 
1 A U 6  1_555 B U 20 1_555 A C 7  1_555 B G 19 1_555 0.693  -2.358 3.357 -1.385 0.749  37.073 -3.807 -1.278 3.284 1.178  2.178  
37.105 4  AA_U6C7:G42U43_BB   A 6  ? B 43 ? A 7  ? B 42 ? 
1 A C 9  1_555 B G 16 1_555 A G 10 1_555 B C 15 1_555 -0.146 -1.484 3.220 -2.784 12.239 34.363 -3.912 -0.118 2.564 19.911 4.529  
36.518 5  AA_C9G10:C38G39_BB  A 9  ? B 39 ? A 10 ? B 38 ? 
1 A G 10 1_555 B C 15 1_555 A C 11 1_555 B G 14 1_555 -0.171 -1.457 3.080 -1.610 2.784  29.914 -3.333 0.026  2.941 5.373  3.108  
30.083 6  AA_G10C11:G37C38_BB A 10 ? B 38 ? A 11 ? B 37 ? 
1 A C 11 1_555 B G 14 1_555 A C 12 1_555 B G 13 1_555 -0.146 -1.561 3.336 -1.888 8.491  35.627 -3.611 -0.019 2.904 13.629 3.031  
36.640 7  AA_C11C12:G36G37_BB A 11 ? B 37 ? A 12 ? B 36 ? 
1 A C 12 1_555 B G 13 1_555 A G 13 1_555 B C 12 1_555 0.294  -1.744 3.062 0.832  8.184  29.919 -4.632 -0.410 2.515 15.487 -1.575 
31.005 8  AA_C12G13:C35G36_BB A 12 ? B 36 ? A 13 ? B 35 ? 
1 A G 13 1_555 B C 12 1_555 A G 14 1_555 B C 11 1_555 -0.250 -1.604 3.077 -0.708 6.148  31.476 -3.896 0.338  2.727 11.198 1.289  
32.064 9  AA_G13G14:C34C35_BB A 13 ? B 35 ? A 14 ? B 34 ? 
1 A G 14 1_555 B C 11 1_555 A C 15 1_555 B G 10 1_555 0.452  -1.430 3.160 2.818  1.992  34.097 -2.727 -0.342 3.100 3.386  -4.790 
34.266 10 AA_G14C15:G33C34_BB A 14 ? B 34 ? A 15 ? B 33 ? 
1 A C 15 1_555 B G 10 1_555 A G 16 1_555 B C 9  1_555 0.185  -1.670 3.188 0.539  11.703 31.150 -4.659 -0.244 2.423 20.890 -0.962 
33.229 11 AA_C15G16:C32G33_BB A 15 ? B 33 ? A 16 ? B 32 ? 
1 A G 19 1_555 B C 7  1_555 A C 21 1_555 B G 5  1_555 -0.341 -3.161 6.182 1.345  1.339  65.118 -3.040 0.422  6.116 1.244  -1.250 
65.142 12 AA_G19C21:G28C30_BB A 19 ? B 30 ? A 21 ? B 28 ? 
1 A C 21 1_555 B G 5  1_555 A G 22 1_555 B C 4  1_555 -1.112 -2.182 3.881 -1.890 6.567  25.580 -6.712 1.868  3.299 14.504 4.175  
26.462 13 AA_C21G22:C27G28_BB A 21 ? B 28 ? A 22 ? B 27 ? 
1 A G 22 1_555 B C 4  1_555 A C 23 1_555 B G 3  1_555 0.924  -1.514 2.814 4.192  0.067  32.448 -2.698 -1.005 2.905 0.120  -7.463 
32.711 14 AA_G22C23:G26C27_BB A 22 ? B 27 ? A 23 ? B 26 ? 
# 
_pdbx_audit_support.funding_organization   'Ministry of Education, Culture, Sports, Science and Technology (Japan)' 
_pdbx_audit_support.country                Japan 
_pdbx_audit_support.grant_number           24245037 
_pdbx_audit_support.ordinal                1 
# 
_pdbx_entity_instance_feature.ordinal        1 
_pdbx_entity_instance_feature.comp_id        HG 
_pdbx_entity_instance_feature.asym_id        ? 
_pdbx_entity_instance_feature.seq_num        ? 
_pdbx_entity_instance_feature.auth_comp_id   HG 
_pdbx_entity_instance_feature.auth_asym_id   ? 
_pdbx_entity_instance_feature.auth_seq_num   ? 
_pdbx_entity_instance_feature.feature_type   'SUBJECT OF INVESTIGATION' 
_pdbx_entity_instance_feature.details        ? 
# 
loop_
_pdbx_entity_nonpoly.entity_id 
_pdbx_entity_nonpoly.name 
_pdbx_entity_nonpoly.comp_id 
2 GENETICIN          GET 
3 'MERCURY (II) ION' HG  
4 water              HOH 
# 
_pdbx_initial_refinement_model.id               1 
_pdbx_initial_refinement_model.entity_id_list   ? 
_pdbx_initial_refinement_model.type             'experimental model' 
_pdbx_initial_refinement_model.source_name      PDB 
_pdbx_initial_refinement_model.accession_code   4K32 
_pdbx_initial_refinement_model.details          ? 
# 
_pdbx_struct_assembly_auth_evidence.id                     1 
_pdbx_struct_assembly_auth_evidence.assembly_id            1 
_pdbx_struct_assembly_auth_evidence.experimental_support   none 
_pdbx_struct_assembly_auth_evidence.details                ? 
# 
